data_3HAB
#
_entry.id   3HAB
#
_cell.length_a   117.908
_cell.length_b   125.645
_cell.length_c   136.941
_cell.angle_alpha   90.00
_cell.angle_beta   90.00
_cell.angle_gamma   90.00
#
_symmetry.space_group_name_H-M   'P 21 21 21'
#
loop_
_entity.id
_entity.type
_entity.pdbx_description
1 polymer 'Dipeptidyl peptidase 4 soluble form'
2 branched 2-acetamido-2-deoxy-beta-D-glucopyranose-(1-4)-2-acetamido-2-deoxy-beta-D-glucopyranose
3 non-polymer 2-acetamido-2-deoxy-beta-D-glucopyranose
4 non-polymer 'SODIUM ION'
5 non-polymer (2R,3R)-7-(methylsulfonyl)-3-(2,4,5-trifluorophenyl)-1,2,3,4-tetrahydropyrido[1,2-a]benzimidazol-2-amine
6 water water
#
_entity_poly.entity_id   1
_entity_poly.type   'polypeptide(L)'
_entity_poly.pdbx_seq_one_letter_code
;TRKTYTLTDYLKNTYRLKLYSLRWISDHEYLYKQENNILVFNAEYGNSSVFLENSTFDEFGHSINDYSISPDGQFILLEY
NYVKQWRHSYTASYDIYDLNKRQLITEERIPNNTQWVTWSPVGHKLAYVWNNDIYVKIEPNLPSYRITWTGKEDIIYNGI
TDWVYEEEVFSAYSALWWSPNGTFLAYAQFNDTEVPLIEYSFYSDESLQYPKTVRVPYPKAGAVNPTVKFFVVNTDSLSS
VTNATSIQITAPASMLIGDHYLCDVTWATQERISLQWLRRIQNYSVMDICDYDESSGRWNCLVARQHIEMSTTGWVGRFR
PSEPHFTLDGNSFYKIISNEEGYRHICYFQIDKKDCTFITKGTWEVIGIEALTSDYLYYISNEYKGMPGGRNLYKIQLSD
YTKVTCLSCELNPERCQYYSVSFSKEAKYYQLRCSGPGLPLYTLHSSVNDKGLRVLEDNSALDKMLQNVQMPSKKLDFII
LNETKFWYQMILPPHFDKSKKYPLLLDVYAGPCSQKADTVFRLNWATYLASTENIIVASFDGRGSGYQGDKIMHAINRRL
GTFEVEDQIEAARQFSKMGFVDNKRIAIWGWSYGGYVTSMVLGSGSGVFKCGIAVAPVSRWEYYDSVYTERYMGLPTPED
NLDHYRNSTVMSRAENFKQVEYLLIHGTADDNVHFQQSAQISKALVDVGVDFQAMWYTDEDHGIASSTAHQHIYTHMSHF
IKQCFSLP
;
_entity_poly.pdbx_strand_id   A,B
#
loop_
_chem_comp.id
_chem_comp.type
_chem_comp.name
_chem_comp.formula
677 non-polymer (2R,3R)-7-(methylsulfonyl)-3-(2,4,5-trifluorophenyl)-1,2,3,4-tetrahydropyrido[1,2-a]benzimidazol-2-amine 'C18 H16 F3 N3 O2 S'
NA non-polymer 'SODIUM ION' 'Na 1'
NAG D-saccharide, beta linking 2-acetamido-2-deoxy-beta-D-glucopyranose 'C8 H15 N O6'
#
# COMPACT_ATOMS: atom_id res chain seq x y z
N THR A 1 43.15 11.40 18.38
CA THR A 1 41.95 12.09 17.84
C THR A 1 40.65 11.44 18.32
N ARG A 2 39.71 12.27 18.78
CA ARG A 2 38.49 11.76 19.39
C ARG A 2 37.41 11.38 18.38
N LYS A 3 36.42 10.63 18.88
CA LYS A 3 35.35 10.12 18.04
C LYS A 3 34.48 11.27 17.50
N THR A 4 33.71 10.97 16.45
CA THR A 4 32.67 11.88 16.00
C THR A 4 31.36 11.34 16.53
N TYR A 5 30.29 12.12 16.36
CA TYR A 5 28.95 11.69 16.71
C TYR A 5 28.42 10.91 15.50
N THR A 6 28.25 9.60 15.70
CA THR A 6 28.04 8.69 14.58
C THR A 6 26.56 8.41 14.40
N LEU A 7 26.22 7.71 13.32
CA LEU A 7 24.84 7.31 13.07
C LEU A 7 24.34 6.34 14.14
N THR A 8 25.20 5.44 14.60
CA THR A 8 24.86 4.51 15.69
C THR A 8 24.64 5.27 17.02
N ASP A 9 25.44 6.30 17.28
CA ASP A 9 25.22 7.14 18.47
C ASP A 9 23.83 7.70 18.47
N TYR A 10 23.41 8.24 17.33
CA TYR A 10 22.06 8.77 17.22
C TYR A 10 21.01 7.64 17.40
N LEU A 11 21.19 6.54 16.67
CA LEU A 11 20.22 5.45 16.66
C LEU A 11 20.15 4.66 17.97
N LYS A 12 21.27 4.51 18.68
CA LYS A 12 21.31 3.78 19.95
C LYS A 12 21.26 4.65 21.21
N ASN A 13 21.07 5.96 21.02
CA ASN A 13 20.95 6.90 22.14
C ASN A 13 22.11 6.81 23.12
N THR A 14 23.34 6.78 22.58
CA THR A 14 24.56 6.70 23.36
C THR A 14 24.75 7.89 24.28
N TYR A 15 24.37 9.07 23.79
CA TYR A 15 24.50 10.33 24.55
C TYR A 15 23.10 10.85 24.90
N ARG A 16 22.70 10.64 26.16
CA ARG A 16 21.34 10.89 26.60
C ARG A 16 21.22 12.19 27.36
N LEU A 17 20.25 13.01 26.97
CA LEU A 17 19.88 14.18 27.74
C LEU A 17 19.18 13.73 29.02
N LYS A 18 19.61 14.26 30.17
CA LYS A 18 18.87 14.04 31.40
C LYS A 18 17.78 15.11 31.51
N LEU A 19 16.68 14.71 32.13
CA LEU A 19 15.52 15.58 32.35
C LEU A 19 15.30 15.72 33.85
N TYR A 20 14.30 16.52 34.22
CA TYR A 20 13.83 16.60 35.58
C TYR A 20 12.34 16.86 35.47
N SER A 21 11.57 15.79 35.29
CA SER A 21 10.13 15.87 35.10
C SER A 21 9.47 15.76 36.46
N LEU A 22 8.97 16.87 36.96
CA LEU A 22 8.33 16.91 38.27
C LEU A 22 6.82 17.12 38.12
N ARG A 23 6.06 16.78 39.17
CA ARG A 23 4.62 17.01 39.17
C ARG A 23 4.26 17.79 40.42
N TRP A 24 3.86 19.04 40.26
CA TRP A 24 3.45 19.86 41.40
C TRP A 24 2.16 19.30 41.99
N ILE A 25 2.14 19.10 43.30
CA ILE A 25 0.94 18.59 43.97
C ILE A 25 0.29 19.62 44.87
N SER A 26 0.92 20.77 44.99
CA SER A 26 0.43 21.84 45.86
C SER A 26 1.21 23.09 45.52
N ASP A 27 1.09 24.11 46.37
CA ASP A 27 1.87 25.32 46.23
C ASP A 27 3.31 25.17 46.73
N HIS A 28 3.62 24.06 47.40
CA HIS A 28 4.89 23.94 48.13
C HIS A 28 5.67 22.65 47.87
N GLU A 29 5.08 21.71 47.16
CA GLU A 29 5.66 20.37 47.03
C GLU A 29 5.41 19.80 45.67
N TYR A 30 6.34 18.96 45.20
CA TYR A 30 6.18 18.25 43.96
C TYR A 30 6.58 16.78 44.08
N LEU A 31 6.12 15.98 43.14
CA LEU A 31 6.50 14.57 43.03
C LEU A 31 7.56 14.40 41.95
N TYR A 32 8.45 13.44 42.17
CA TYR A 32 9.54 13.15 41.24
C TYR A 32 9.88 11.67 41.32
N LYS A 33 9.82 10.98 40.20
CA LYS A 33 10.21 9.56 40.14
C LYS A 33 11.75 9.40 40.05
N GLN A 34 12.32 8.77 41.07
CA GLN A 34 13.76 8.55 41.16
C GLN A 34 14.03 7.08 41.53
N GLU A 35 14.67 6.34 40.61
CA GLU A 35 14.97 4.91 40.78
C GLU A 35 13.70 4.07 41.02
N ASN A 36 12.65 4.42 40.27
CA ASN A 36 11.30 3.82 40.37
C ASN A 36 10.54 4.12 41.68
N ASN A 37 11.21 4.77 42.63
CA ASN A 37 10.55 5.30 43.83
C ASN A 37 10.02 6.71 43.58
N ILE A 38 8.75 6.92 43.90
CA ILE A 38 8.16 8.26 43.82
C ILE A 38 8.50 9.01 45.10
N LEU A 39 9.23 10.12 44.95
CA LEU A 39 9.60 10.96 46.08
C LEU A 39 8.77 12.23 46.08
N VAL A 40 8.56 12.81 47.26
CA VAL A 40 7.95 14.13 47.38
C VAL A 40 8.98 15.14 47.86
N PHE A 41 9.10 16.25 47.14
CA PHE A 41 10.05 17.28 47.50
C PHE A 41 9.37 18.52 48.07
N ASN A 42 9.99 19.07 49.10
CA ASN A 42 9.71 20.40 49.57
C ASN A 42 10.46 21.38 48.68
N ALA A 43 9.74 22.32 48.07
CA ALA A 43 10.35 23.28 47.14
C ALA A 43 11.29 24.28 47.84
N GLU A 44 10.87 24.76 49.01
CA GLU A 44 11.65 25.78 49.70
C GLU A 44 13.06 25.28 50.07
N TYR A 45 13.14 24.08 50.62
CA TYR A 45 14.41 23.56 51.13
C TYR A 45 15.06 22.44 50.31
N GLY A 46 14.28 21.78 49.48
CA GLY A 46 14.80 20.72 48.63
C GLY A 46 14.94 19.38 49.33
N ASN A 47 14.51 19.29 50.59
CA ASN A 47 14.42 18.01 51.28
C ASN A 47 13.29 17.16 50.72
N SER A 48 13.39 15.84 50.90
CA SER A 48 12.41 14.93 50.34
C SER A 48 12.07 13.77 51.28
N SER A 49 11.05 13.01 50.90
CA SER A 49 10.65 11.77 51.57
C SER A 49 10.22 10.82 50.48
N VAL A 50 10.22 9.52 50.78
CA VAL A 50 9.67 8.54 49.86
C VAL A 50 8.15 8.63 49.97
N PHE A 51 7.49 8.89 48.84
CA PHE A 51 6.04 8.96 48.79
C PHE A 51 5.48 7.57 48.55
N LEU A 52 6.08 6.86 47.60
CA LEU A 52 5.72 5.48 47.30
C LEU A 52 6.93 4.67 46.84
N GLU A 53 7.20 3.58 47.56
CA GLU A 53 8.33 2.69 47.28
C GLU A 53 8.12 1.90 46.00
N ASN A 54 9.21 1.70 45.26
CA ASN A 54 9.20 0.93 44.00
C ASN A 54 8.75 -0.52 44.16
N SER A 55 8.97 -1.05 45.37
CA SER A 55 8.66 -2.44 45.70
C SER A 55 7.18 -2.69 45.98
N THR A 56 6.42 -1.63 46.25
CA THR A 56 4.98 -1.74 46.58
C THR A 56 4.21 -2.65 45.62
N PHE A 57 4.51 -2.54 44.33
CA PHE A 57 3.82 -3.35 43.30
C PHE A 57 4.67 -4.49 42.70
N ASP A 58 5.56 -5.06 43.52
CA ASP A 58 6.43 -6.17 43.09
C ASP A 58 5.66 -7.38 42.54
N GLU A 59 4.55 -7.75 43.19
CA GLU A 59 3.72 -8.87 42.74
C GLU A 59 2.46 -8.44 41.98
N PHE A 60 2.48 -7.23 41.42
CA PHE A 60 1.30 -6.65 40.75
C PHE A 60 0.79 -7.49 39.59
N GLY A 61 1.72 -8.08 38.82
CA GLY A 61 1.35 -9.02 37.78
C GLY A 61 1.37 -8.42 36.39
N HIS A 62 1.30 -7.10 36.31
CA HIS A 62 1.35 -6.40 35.04
C HIS A 62 2.44 -5.34 35.06
N SER A 63 3.07 -5.14 33.91
CA SER A 63 3.98 -4.01 33.73
C SER A 63 3.16 -2.71 33.73
N ILE A 64 3.46 -1.83 34.68
CA ILE A 64 2.73 -0.58 34.82
C ILE A 64 3.32 0.47 33.87
N ASN A 65 2.47 1.03 33.02
CA ASN A 65 2.86 2.04 32.02
C ASN A 65 3.05 3.43 32.64
N ASP A 66 2.10 3.85 33.47
CA ASP A 66 2.12 5.17 34.09
C ASP A 66 1.31 5.14 35.38
N TYR A 67 1.34 6.25 36.10
CA TYR A 67 0.65 6.37 37.37
C TYR A 67 0.05 7.76 37.45
N SER A 68 -0.97 7.90 38.28
CA SER A 68 -1.58 9.19 38.50
C SER A 68 -2.08 9.25 39.93
N ILE A 69 -1.48 10.12 40.74
CA ILE A 69 -1.87 10.23 42.15
C ILE A 69 -3.05 11.19 42.26
N SER A 70 -4.06 10.82 43.03
CA SER A 70 -5.23 11.69 43.21
C SER A 70 -4.79 13.01 43.85
N PRO A 71 -5.47 14.12 43.54
CA PRO A 71 -5.02 15.44 44.06
C PRO A 71 -4.85 15.49 45.59
N ASP A 72 -5.69 14.76 46.31
CA ASP A 72 -5.61 14.70 47.78
C ASP A 72 -4.54 13.74 48.33
N GLY A 73 -3.90 12.99 47.45
CA GLY A 73 -2.80 12.09 47.82
C GLY A 73 -3.21 10.73 48.36
N GLN A 74 -4.51 10.48 48.43
CA GLN A 74 -5.04 9.26 49.06
C GLN A 74 -4.99 8.02 48.16
N PHE A 75 -4.97 8.25 46.85
CA PHE A 75 -5.05 7.16 45.89
C PHE A 75 -4.05 7.29 44.76
N ILE A 76 -3.63 6.15 44.24
CA ILE A 76 -2.84 6.15 43.03
C ILE A 76 -3.53 5.31 41.95
N LEU A 77 -3.65 5.90 40.78
CA LEU A 77 -4.22 5.27 39.62
C LEU A 77 -3.09 4.61 38.84
N LEU A 78 -3.19 3.29 38.63
CA LEU A 78 -2.15 2.49 37.96
C LEU A 78 -2.57 2.13 36.54
N GLU A 79 -1.78 2.58 35.56
CA GLU A 79 -2.08 2.36 34.14
C GLU A 79 -1.25 1.22 33.57
N TYR A 80 -1.91 0.30 32.86
CA TYR A 80 -1.26 -0.86 32.26
C TYR A 80 -2.06 -1.37 31.07
N ASN A 81 -1.54 -2.38 30.37
CA ASN A 81 -2.10 -2.85 29.09
C ASN A 81 -2.31 -1.71 28.10
N TYR A 82 -1.33 -0.81 28.08
CA TYR A 82 -1.37 0.34 27.19
C TYR A 82 -1.37 -0.15 25.75
N VAL A 83 -2.30 0.40 24.95
CA VAL A 83 -2.37 0.13 23.52
C VAL A 83 -2.60 1.47 22.83
N LYS A 84 -1.57 1.94 22.10
CA LYS A 84 -1.63 3.19 21.38
C LYS A 84 -2.72 3.20 20.31
N GLN A 85 -3.38 4.35 20.15
CA GLN A 85 -4.19 4.60 18.97
C GLN A 85 -3.55 5.68 18.11
N TRP A 86 -4.04 6.93 18.15
CA TRP A 86 -3.51 7.95 17.24
C TRP A 86 -2.38 8.75 17.91
N ARG A 87 -2.24 10.05 17.64
CA ARG A 87 -1.12 10.80 18.25
C ARG A 87 -1.24 10.91 19.77
N HIS A 88 -2.46 11.13 20.25
CA HIS A 88 -2.71 11.25 21.70
C HIS A 88 -3.55 10.12 22.29
N SER A 89 -4.46 9.55 21.50
CA SER A 89 -5.36 8.48 21.99
C SER A 89 -4.67 7.14 22.21
N TYR A 90 -5.21 6.40 23.17
CA TYR A 90 -4.81 5.06 23.51
C TYR A 90 -5.88 4.49 24.43
N THR A 91 -5.88 3.19 24.60
CA THR A 91 -6.69 2.56 25.65
C THR A 91 -5.76 1.86 26.63
N ALA A 92 -6.27 1.60 27.82
CA ALA A 92 -5.49 0.95 28.86
C ALA A 92 -6.41 0.29 29.88
N SER A 93 -5.82 -0.54 30.73
CA SER A 93 -6.50 -1.03 31.92
C SER A 93 -6.02 -0.19 33.10
N TYR A 94 -6.82 -0.15 34.16
CA TYR A 94 -6.49 0.66 35.34
C TYR A 94 -6.79 -0.07 36.63
N ASP A 95 -5.92 0.09 37.62
CA ASP A 95 -6.24 -0.28 38.99
C ASP A 95 -6.03 0.93 39.89
N ILE A 96 -6.73 0.95 41.01
CA ILE A 96 -6.59 2.02 41.99
C ILE A 96 -6.07 1.42 43.30
N TYR A 97 -5.00 2.01 43.81
CA TYR A 97 -4.41 1.58 45.05
C TYR A 97 -4.68 2.65 46.12
N ASP A 98 -5.20 2.19 47.26
CA ASP A 98 -5.42 3.04 48.43
C ASP A 98 -4.11 3.24 49.18
N LEU A 99 -3.60 4.46 49.19
CA LEU A 99 -2.29 4.75 49.80
C LEU A 99 -2.30 4.74 51.33
N ASN A 100 -3.47 4.90 51.94
CA ASN A 100 -3.58 4.94 53.40
C ASN A 100 -3.77 3.57 54.00
N LYS A 101 -4.68 2.77 53.42
CA LYS A 101 -4.86 1.40 53.88
C LYS A 101 -3.97 0.41 53.10
N ARG A 102 -3.08 0.95 52.26
CA ARG A 102 -2.04 0.17 51.58
C ARG A 102 -2.58 -1.06 50.84
N GLN A 103 -3.68 -0.89 50.11
CA GLN A 103 -4.30 -2.01 49.38
C GLN A 103 -4.89 -1.60 48.04
N LEU A 104 -4.83 -2.52 47.08
CA LEU A 104 -5.53 -2.38 45.80
C LEU A 104 -7.04 -2.46 46.02
N ILE A 105 -7.79 -1.58 45.38
CA ILE A 105 -9.25 -1.70 45.36
C ILE A 105 -9.63 -2.81 44.38
N THR A 106 -10.42 -3.77 44.84
CA THR A 106 -10.87 -4.89 44.00
C THR A 106 -12.35 -4.81 43.65
N GLU A 107 -13.07 -3.94 44.33
CA GLU A 107 -14.48 -3.74 44.03
C GLU A 107 -14.69 -2.65 42.98
N GLU A 108 -15.61 -2.90 42.07
CA GLU A 108 -16.10 -1.91 41.10
C GLU A 108 -14.96 -1.29 40.31
N ARG A 109 -14.11 -2.15 39.76
CA ARG A 109 -12.93 -1.68 39.05
C ARG A 109 -13.26 -0.95 37.76
N ILE A 110 -12.38 -0.02 37.39
CA ILE A 110 -12.42 0.59 36.08
C ILE A 110 -12.26 -0.54 35.03
N PRO A 111 -13.13 -0.58 34.00
CA PRO A 111 -13.08 -1.64 32.99
C PRO A 111 -11.81 -1.65 32.13
N ASN A 112 -11.53 -2.79 31.49
CA ASN A 112 -10.44 -2.87 30.53
C ASN A 112 -10.82 -2.11 29.27
N ASN A 113 -9.82 -1.73 28.48
CA ASN A 113 -10.07 -0.93 27.26
C ASN A 113 -10.75 0.41 27.56
N THR A 114 -10.43 1.00 28.72
CA THR A 114 -10.86 2.36 29.04
C THR A 114 -10.12 3.36 28.12
N GLN A 115 -10.87 4.31 27.58
CA GLN A 115 -10.36 5.24 26.58
C GLN A 115 -9.76 6.52 27.16
N TRP A 116 -10.30 6.94 28.29
CA TRP A 116 -9.78 8.10 29.01
C TRP A 116 -10.16 8.01 30.48
N VAL A 117 -9.25 8.42 31.36
CA VAL A 117 -9.55 8.52 32.77
C VAL A 117 -8.90 9.77 33.35
N THR A 118 -9.62 10.44 34.26
CA THR A 118 -9.10 11.62 34.95
C THR A 118 -9.69 11.77 36.36
N TRP A 119 -8.82 12.03 37.33
CA TRP A 119 -9.23 12.48 38.66
C TRP A 119 -9.93 13.84 38.55
N SER A 120 -10.85 14.15 39.45
CA SER A 120 -11.31 15.53 39.62
C SER A 120 -10.09 16.37 40.05
N PRO A 121 -10.14 17.70 39.86
CA PRO A 121 -8.97 18.53 40.21
C PRO A 121 -8.72 18.66 41.72
N VAL A 122 -9.74 18.36 42.50
CA VAL A 122 -9.69 18.41 43.96
C VAL A 122 -10.29 17.08 44.45
N GLY A 123 -9.72 16.51 45.51
CA GLY A 123 -10.25 15.28 46.10
C GLY A 123 -9.85 14.03 45.31
N HIS A 124 -10.82 13.17 45.02
CA HIS A 124 -10.51 11.87 44.39
C HIS A 124 -11.71 11.24 43.67
N LYS A 125 -12.54 12.07 43.04
CA LYS A 125 -13.56 11.56 42.12
C LYS A 125 -12.84 11.17 40.84
N LEU A 126 -13.47 10.29 40.07
CA LEU A 126 -12.96 9.88 38.75
C LEU A 126 -14.06 10.03 37.71
N ALA A 127 -13.66 10.50 36.54
CA ALA A 127 -14.46 10.40 35.32
C ALA A 127 -13.67 9.55 34.33
N TYR A 128 -14.33 8.58 33.70
CA TYR A 128 -13.69 7.80 32.66
C TYR A 128 -14.63 7.57 31.50
N VAL A 129 -14.05 7.26 30.35
CA VAL A 129 -14.78 6.98 29.14
C VAL A 129 -14.45 5.56 28.74
N TRP A 130 -15.48 4.77 28.48
CA TRP A 130 -15.33 3.37 28.12
C TRP A 130 -16.47 3.08 27.15
N ASN A 131 -16.13 2.44 26.02
CA ASN A 131 -17.06 2.24 24.90
C ASN A 131 -17.78 3.52 24.44
N ASN A 132 -17.04 4.63 24.39
CA ASN A 132 -17.54 5.94 23.94
C ASN A 132 -18.57 6.62 24.87
N ASP A 133 -18.77 6.07 26.07
CA ASP A 133 -19.65 6.67 27.07
C ASP A 133 -18.90 7.11 28.31
N ILE A 134 -19.46 8.11 29.00
CA ILE A 134 -18.85 8.69 30.21
C ILE A 134 -19.41 8.08 31.50
N TYR A 135 -18.51 7.79 32.44
CA TYR A 135 -18.86 7.27 33.76
C TYR A 135 -18.17 8.11 34.83
N VAL A 136 -18.79 8.21 35.99
CA VAL A 136 -18.24 8.92 37.14
C VAL A 136 -18.26 8.03 38.39
N LYS A 137 -17.12 7.98 39.09
CA LYS A 137 -17.00 7.36 40.41
C LYS A 137 -16.70 8.42 41.47
N ILE A 138 -17.59 8.53 42.44
CA ILE A 138 -17.42 9.46 43.56
C ILE A 138 -16.35 8.95 44.54
N GLU A 139 -16.29 7.63 44.71
CA GLU A 139 -15.25 6.99 45.51
C GLU A 139 -14.69 5.79 44.74
N PRO A 140 -13.37 5.55 44.83
CA PRO A 140 -12.70 4.52 44.03
C PRO A 140 -13.27 3.10 44.19
N ASN A 141 -13.81 2.77 45.37
CA ASN A 141 -14.39 1.44 45.61
C ASN A 141 -15.92 1.35 45.37
N LEU A 142 -16.52 2.44 44.91
CA LEU A 142 -17.98 2.50 44.76
C LEU A 142 -18.42 2.37 43.30
N PRO A 143 -19.68 1.93 43.05
CA PRO A 143 -20.15 1.77 41.66
C PRO A 143 -20.11 3.08 40.89
N SER A 144 -19.86 2.99 39.58
CA SER A 144 -19.88 4.13 38.68
C SER A 144 -21.31 4.53 38.35
N TYR A 145 -21.52 5.83 38.16
CA TYR A 145 -22.75 6.36 37.57
C TYR A 145 -22.52 6.53 36.08
N ARG A 146 -23.35 5.88 35.27
CA ARG A 146 -23.27 6.06 33.82
C ARG A 146 -23.88 7.40 33.46
N ILE A 147 -23.08 8.27 32.84
CA ILE A 147 -23.51 9.64 32.48
C ILE A 147 -24.18 9.70 31.11
N THR A 148 -23.61 8.98 30.14
CA THR A 148 -24.14 8.99 28.77
C THR A 148 -24.42 7.57 28.28
N TRP A 149 -25.41 7.43 27.40
CA TRP A 149 -25.85 6.12 26.90
C TRP A 149 -25.83 6.01 25.36
N THR A 150 -25.39 7.07 24.69
CA THR A 150 -25.44 7.14 23.23
C THR A 150 -24.12 6.73 22.54
N GLY A 151 -23.09 6.43 23.33
CA GLY A 151 -21.78 6.05 22.81
C GLY A 151 -21.85 4.94 21.79
N LYS A 152 -21.15 5.10 20.67
CA LYS A 152 -21.18 4.11 19.57
C LYS A 152 -19.91 4.25 18.77
N GLU A 153 -19.15 3.16 18.68
CA GLU A 153 -17.86 3.13 17.99
C GLU A 153 -17.94 3.78 16.61
N ASP A 154 -17.01 4.70 16.33
CA ASP A 154 -16.87 5.39 15.03
C ASP A 154 -18.02 6.32 14.68
N ILE A 155 -18.94 6.52 15.61
CA ILE A 155 -20.15 7.31 15.34
C ILE A 155 -20.42 8.40 16.40
N ILE A 156 -20.71 7.97 17.63
CA ILE A 156 -20.95 8.91 18.74
C ILE A 156 -19.84 8.80 19.78
N TYR A 157 -19.16 9.93 19.98
CA TYR A 157 -18.05 10.05 20.93
C TYR A 157 -18.47 10.94 22.09
N ASN A 158 -18.66 10.38 23.28
CA ASN A 158 -18.91 11.18 24.49
C ASN A 158 -17.65 11.32 25.36
N GLY A 159 -17.18 12.54 25.55
CA GLY A 159 -16.07 12.81 26.46
C GLY A 159 -14.70 12.45 25.91
N ILE A 160 -14.67 11.94 24.67
CA ILE A 160 -13.42 11.73 23.91
C ILE A 160 -13.59 12.37 22.52
N THR A 161 -12.47 12.68 21.86
CA THR A 161 -12.52 13.34 20.55
C THR A 161 -12.47 12.29 19.43
N ASP A 162 -12.97 12.63 18.25
CA ASP A 162 -12.80 11.76 17.08
C ASP A 162 -11.42 12.05 16.49
N TRP A 163 -11.08 11.38 15.38
CA TRP A 163 -9.75 11.54 14.78
C TRP A 163 -9.33 13.01 14.62
N VAL A 164 -10.19 13.82 13.98
CA VAL A 164 -9.81 15.19 13.55
C VAL A 164 -9.78 16.21 14.72
N TYR A 165 -10.70 16.04 15.66
CA TYR A 165 -10.69 16.88 16.86
C TYR A 165 -9.47 16.54 17.74
N GLU A 166 -9.09 15.26 17.77
CA GLU A 166 -7.90 14.84 18.51
C GLU A 166 -6.64 15.49 17.92
N GLU A 167 -6.44 15.26 16.61
CA GLU A 167 -5.27 15.76 15.89
C GLU A 167 -5.18 17.30 15.79
N GLU A 168 -6.30 17.93 15.48
CA GLU A 168 -6.30 19.29 14.96
C GLU A 168 -6.83 20.36 15.90
N VAL A 169 -7.68 19.98 16.86
CA VAL A 169 -8.35 21.00 17.67
C VAL A 169 -7.82 20.96 19.11
N PHE A 170 -8.03 19.84 19.78
CA PHE A 170 -7.71 19.73 21.19
C PHE A 170 -6.34 19.17 21.49
N SER A 171 -5.69 18.55 20.49
CA SER A 171 -4.41 17.88 20.71
C SER A 171 -4.49 16.98 21.95
N ALA A 172 -5.60 16.23 22.03
CA ALA A 172 -5.87 15.32 23.13
C ALA A 172 -7.04 14.44 22.73
N TYR A 173 -7.13 13.27 23.36
CA TYR A 173 -8.26 12.36 23.18
C TYR A 173 -9.39 12.73 24.14
N SER A 174 -9.03 13.36 25.25
CA SER A 174 -10.02 13.82 26.22
C SER A 174 -10.88 14.95 25.67
N ALA A 175 -12.18 14.84 25.95
CA ALA A 175 -13.11 15.92 25.76
C ALA A 175 -13.99 16.01 27.01
N LEU A 176 -13.32 15.96 28.17
CA LEU A 176 -13.91 16.14 29.52
C LEU A 176 -13.27 17.32 30.22
N TRP A 177 -14.06 18.14 30.91
CA TRP A 177 -13.53 19.26 31.69
C TRP A 177 -14.25 19.40 33.05
N TRP A 178 -13.58 18.94 34.10
CA TRP A 178 -14.02 19.16 35.48
C TRP A 178 -13.99 20.67 35.84
N SER A 179 -15.00 21.12 36.57
CA SER A 179 -14.96 22.43 37.21
C SER A 179 -13.87 22.44 38.31
N PRO A 180 -13.39 23.64 38.69
CA PRO A 180 -12.24 23.74 39.60
C PRO A 180 -12.29 22.93 40.90
N ASN A 181 -13.45 22.79 41.53
CA ASN A 181 -13.55 21.95 42.73
C ASN A 181 -14.21 20.57 42.52
N GLY A 182 -14.40 20.22 41.24
CA GLY A 182 -14.97 18.93 40.87
C GLY A 182 -16.49 18.77 40.97
N THR A 183 -17.21 19.84 41.24
CA THR A 183 -18.68 19.73 41.31
C THR A 183 -19.27 19.37 39.95
N PHE A 184 -18.91 20.13 38.93
CA PHE A 184 -19.41 19.93 37.59
C PHE A 184 -18.39 19.19 36.71
N LEU A 185 -18.92 18.40 35.79
CA LEU A 185 -18.14 17.81 34.74
C LEU A 185 -18.77 18.25 33.42
N ALA A 186 -18.02 19.04 32.66
CA ALA A 186 -18.40 19.43 31.33
C ALA A 186 -17.82 18.42 30.31
N TYR A 187 -18.55 18.19 29.22
CA TYR A 187 -18.05 17.32 28.15
C TYR A 187 -18.63 17.66 26.77
N ALA A 188 -17.86 17.30 25.75
CA ALA A 188 -18.32 17.39 24.38
C ALA A 188 -18.76 16.04 23.87
N GLN A 189 -19.68 16.10 22.92
CA GLN A 189 -20.12 14.92 22.22
C GLN A 189 -19.93 15.15 20.72
N PHE A 190 -19.22 14.23 20.08
CA PHE A 190 -18.98 14.33 18.64
C PHE A 190 -19.82 13.30 17.90
N ASN A 191 -20.44 13.75 16.81
CA ASN A 191 -21.25 12.89 15.92
C ASN A 191 -20.58 12.80 14.53
N ASP A 192 -20.08 11.62 14.19
CA ASP A 192 -19.38 11.38 12.91
C ASP A 192 -20.21 10.57 11.91
N THR A 193 -21.52 10.50 12.15
CA THR A 193 -22.42 9.67 11.31
C THR A 193 -22.13 9.74 9.80
N GLU A 194 -22.03 10.95 9.27
CA GLU A 194 -21.91 11.15 7.82
C GLU A 194 -20.49 11.53 7.41
N VAL A 195 -19.54 11.36 8.32
CA VAL A 195 -18.14 11.60 8.00
C VAL A 195 -17.62 10.39 7.25
N PRO A 196 -16.97 10.62 6.06
CA PRO A 196 -16.47 9.47 5.31
C PRO A 196 -15.30 8.83 6.02
N LEU A 197 -15.06 7.56 5.71
CA LEU A 197 -13.98 6.80 6.33
C LEU A 197 -12.80 6.68 5.36
N ILE A 198 -11.59 6.96 5.84
CA ILE A 198 -10.40 6.53 5.12
C ILE A 198 -10.26 5.03 5.41
N GLU A 199 -9.85 4.25 4.41
CA GLU A 199 -9.64 2.82 4.57
C GLU A 199 -8.24 2.49 4.07
N TYR A 200 -7.52 1.65 4.81
CA TYR A 200 -6.20 1.20 4.38
C TYR A 200 -5.88 -0.17 5.00
N SER A 201 -4.94 -0.89 4.38
CA SER A 201 -4.60 -2.23 4.82
C SER A 201 -3.66 -2.18 6.02
N PHE A 202 -3.86 -3.15 6.91
CA PHE A 202 -2.91 -3.40 7.99
C PHE A 202 -2.54 -4.87 7.91
N TYR A 203 -1.24 -5.15 7.82
CA TYR A 203 -0.79 -6.51 7.49
C TYR A 203 -0.60 -7.39 8.71
N SER A 204 -0.18 -6.76 9.81
CA SER A 204 -0.02 -7.39 11.12
C SER A 204 1.15 -8.37 11.09
N ASP A 205 1.20 -9.26 12.07
CA ASP A 205 2.25 -10.27 12.11
C ASP A 205 2.05 -11.20 10.92
N GLU A 206 3.14 -11.87 10.56
CA GLU A 206 3.22 -12.79 9.45
C GLU A 206 2.12 -13.86 9.50
N SER A 207 1.73 -14.24 10.72
CA SER A 207 0.70 -15.23 10.97
C SER A 207 -0.67 -14.83 10.45
N LEU A 208 -0.92 -13.55 10.20
CA LEU A 208 -2.26 -13.14 9.75
C LEU A 208 -2.41 -13.44 8.25
N GLN A 209 -3.31 -14.37 7.92
CA GLN A 209 -3.45 -14.86 6.54
C GLN A 209 -4.02 -13.78 5.60
N TYR A 210 -5.04 -13.05 6.06
CA TYR A 210 -5.64 -11.98 5.28
C TYR A 210 -5.40 -10.65 5.96
N PRO A 211 -4.91 -9.63 5.20
CA PRO A 211 -4.76 -8.31 5.80
C PRO A 211 -6.08 -7.74 6.29
N LYS A 212 -5.97 -6.90 7.31
CA LYS A 212 -7.11 -6.23 7.90
C LYS A 212 -7.26 -4.89 7.19
N THR A 213 -8.50 -4.45 6.99
CA THR A 213 -8.79 -3.12 6.49
C THR A 213 -9.16 -2.22 7.67
N VAL A 214 -8.34 -1.21 7.94
CA VAL A 214 -8.61 -0.23 9.01
C VAL A 214 -9.52 0.83 8.42
N ARG A 215 -10.57 1.20 9.14
CA ARG A 215 -11.54 2.19 8.68
C ARG A 215 -11.68 3.26 9.76
N VAL A 216 -11.35 4.50 9.42
CA VAL A 216 -11.34 5.62 10.39
C VAL A 216 -12.18 6.76 9.83
N PRO A 217 -13.18 7.24 10.60
CA PRO A 217 -13.88 8.46 10.14
C PRO A 217 -12.92 9.65 10.10
N TYR A 218 -12.77 10.22 8.90
CA TYR A 218 -11.73 11.19 8.66
C TYR A 218 -12.26 12.09 7.53
N PRO A 219 -12.55 13.37 7.85
CA PRO A 219 -13.01 14.29 6.82
C PRO A 219 -11.83 14.92 6.08
N LYS A 220 -11.71 14.64 4.80
CA LYS A 220 -10.72 15.29 3.96
C LYS A 220 -11.26 16.67 3.57
N ALA A 221 -10.43 17.51 2.99
CA ALA A 221 -10.82 18.90 2.72
C ALA A 221 -12.15 18.96 1.93
N GLY A 222 -13.11 19.72 2.46
CA GLY A 222 -14.39 19.94 1.80
C GLY A 222 -15.47 18.90 2.12
N ALA A 223 -15.08 17.81 2.81
CA ALA A 223 -15.98 16.69 3.08
C ALA A 223 -16.92 16.98 4.26
N VAL A 224 -17.90 16.11 4.48
CA VAL A 224 -18.79 16.25 5.65
C VAL A 224 -17.97 16.10 6.95
N ASN A 225 -18.12 17.08 7.85
CA ASN A 225 -17.38 17.16 9.11
C ASN A 225 -18.18 16.54 10.25
N PRO A 226 -17.52 16.17 11.35
CA PRO A 226 -18.30 15.81 12.53
C PRO A 226 -19.09 17.01 13.06
N THR A 227 -20.22 16.73 13.71
CA THR A 227 -20.95 17.75 14.43
C THR A 227 -20.64 17.63 15.94
N VAL A 228 -20.93 18.69 16.70
CA VAL A 228 -20.52 18.78 18.09
C VAL A 228 -21.64 19.36 18.96
N LYS A 229 -21.81 18.79 20.16
CA LYS A 229 -22.70 19.35 21.17
C LYS A 229 -21.90 19.42 22.47
N PHE A 230 -22.35 20.23 23.41
CA PHE A 230 -21.62 20.47 24.66
C PHE A 230 -22.57 20.40 25.84
N PHE A 231 -22.17 19.67 26.89
CA PHE A 231 -23.01 19.44 28.05
C PHE A 231 -22.27 19.67 29.35
N VAL A 232 -23.01 20.00 30.40
CA VAL A 232 -22.46 20.06 31.75
C VAL A 232 -23.38 19.24 32.67
N VAL A 233 -22.77 18.38 33.48
CA VAL A 233 -23.52 17.57 34.45
C VAL A 233 -23.03 17.85 35.88
N ASN A 234 -23.97 17.85 36.84
CA ASN A 234 -23.66 17.99 38.27
C ASN A 234 -23.35 16.63 38.90
N THR A 235 -22.08 16.42 39.26
CA THR A 235 -21.65 15.13 39.79
C THR A 235 -21.95 15.00 41.29
N ASP A 236 -22.41 16.08 41.90
CA ASP A 236 -22.83 16.07 43.31
C ASP A 236 -24.28 15.62 43.49
N SER A 237 -25.07 15.65 42.42
CA SER A 237 -26.48 15.25 42.54
C SER A 237 -26.81 14.00 41.71
N LEU A 238 -25.82 13.12 41.58
CA LEU A 238 -26.01 11.83 40.91
C LEU A 238 -26.83 10.88 41.77
N SER A 239 -27.61 10.03 41.10
CA SER A 239 -28.48 9.07 41.76
C SER A 239 -28.26 7.66 41.21
N SER A 240 -28.33 6.67 42.10
CA SER A 240 -28.30 5.25 41.72
C SER A 240 -29.58 4.81 41.03
N VAL A 241 -30.68 5.49 41.33
CA VAL A 241 -32.01 5.11 40.86
C VAL A 241 -32.41 5.78 39.55
N THR A 242 -31.91 6.99 39.31
CA THR A 242 -32.30 7.78 38.13
C THR A 242 -31.07 8.11 37.28
N ASN A 243 -31.24 8.05 35.96
CA ASN A 243 -30.17 8.46 35.02
C ASN A 243 -29.79 9.93 35.23
N ALA A 244 -28.51 10.25 34.99
CA ALA A 244 -28.00 11.61 35.19
C ALA A 244 -28.58 12.58 34.18
N THR A 245 -28.83 13.82 34.62
CA THR A 245 -29.27 14.87 33.71
C THR A 245 -28.09 15.75 33.30
N SER A 246 -27.82 15.78 31.99
CA SER A 246 -26.81 16.66 31.43
C SER A 246 -27.50 17.88 30.83
N ILE A 247 -26.98 19.06 31.16
CA ILE A 247 -27.55 20.30 30.64
C ILE A 247 -26.77 20.73 29.40
N GLN A 248 -27.47 20.89 28.27
CA GLN A 248 -26.80 21.35 27.07
C GLN A 248 -26.57 22.86 27.06
N ILE A 249 -25.36 23.25 26.65
CA ILE A 249 -25.07 24.63 26.32
C ILE A 249 -24.94 24.69 24.79
N THR A 250 -25.90 25.35 24.14
CA THR A 250 -25.91 25.43 22.68
C THR A 250 -24.98 26.55 22.18
N ALA A 251 -24.44 26.37 20.96
CA ALA A 251 -23.56 27.34 20.33
C ALA A 251 -24.33 28.61 19.96
N PRO A 252 -23.64 29.77 19.88
CA PRO A 252 -24.30 31.03 19.51
C PRO A 252 -24.90 30.95 18.09
N ALA A 253 -25.92 31.77 17.83
CA ALA A 253 -26.62 31.77 16.53
C ALA A 253 -25.68 32.03 15.35
N SER A 254 -24.67 32.87 15.58
CA SER A 254 -23.62 33.14 14.59
C SER A 254 -22.80 31.90 14.19
N MET A 255 -22.84 30.85 15.03
CA MET A 255 -22.19 29.58 14.73
C MET A 255 -23.16 28.60 14.10
N LEU A 256 -24.36 28.53 14.66
CA LEU A 256 -25.41 27.61 14.20
C LEU A 256 -25.85 27.79 12.75
N ILE A 257 -25.59 28.96 12.15
CA ILE A 257 -25.96 29.20 10.73
C ILE A 257 -25.25 28.27 9.73
N GLY A 258 -24.15 27.65 10.14
CA GLY A 258 -23.45 26.71 9.28
C GLY A 258 -22.49 25.82 10.05
N ASP A 259 -21.58 25.18 9.32
CA ASP A 259 -20.59 24.30 9.92
C ASP A 259 -19.70 25.09 10.90
N HIS A 260 -19.36 24.45 12.01
CA HIS A 260 -18.56 25.09 13.05
C HIS A 260 -17.90 24.05 13.92
N TYR A 261 -17.00 24.53 14.78
CA TYR A 261 -16.23 23.70 15.71
C TYR A 261 -16.35 24.28 17.11
N LEU A 262 -16.25 23.41 18.12
CA LEU A 262 -15.96 23.84 19.48
C LEU A 262 -14.44 23.83 19.55
N CYS A 263 -13.81 24.95 19.91
CA CYS A 263 -12.34 24.95 19.88
C CYS A 263 -11.62 25.17 21.21
N ASP A 264 -12.36 25.62 22.22
CA ASP A 264 -11.79 25.81 23.55
C ASP A 264 -12.86 25.67 24.61
N VAL A 265 -12.46 25.04 25.73
CA VAL A 265 -13.26 24.99 26.94
C VAL A 265 -12.36 25.35 28.12
N THR A 266 -12.75 26.39 28.86
CA THR A 266 -11.99 26.88 30.02
C THR A 266 -12.92 27.33 31.14
N TRP A 267 -12.89 26.61 32.25
CA TRP A 267 -13.63 27.01 33.43
C TRP A 267 -13.04 28.31 33.97
N ALA A 268 -13.93 29.23 34.35
CA ALA A 268 -13.55 30.50 35.00
C ALA A 268 -13.66 30.42 36.53
N THR A 269 -14.79 29.91 37.04
CA THR A 269 -15.03 29.79 38.49
C THR A 269 -15.76 28.49 38.77
N GLN A 270 -16.22 28.29 40.01
CA GLN A 270 -17.01 27.11 40.35
C GLN A 270 -18.32 27.04 39.55
N GLU A 271 -18.79 28.19 39.07
CA GLU A 271 -20.12 28.26 38.43
C GLU A 271 -20.11 29.04 37.11
N ARG A 272 -18.92 29.26 36.54
CA ARG A 272 -18.76 30.00 35.29
C ARG A 272 -17.79 29.28 34.35
N ILE A 273 -18.29 28.94 33.18
CA ILE A 273 -17.47 28.28 32.15
C ILE A 273 -17.39 29.15 30.88
N SER A 274 -16.24 29.15 30.22
CA SER A 274 -16.14 29.78 28.91
C SER A 274 -15.91 28.75 27.82
N LEU A 275 -16.48 29.03 26.66
CA LEU A 275 -16.36 28.19 25.46
C LEU A 275 -16.06 29.07 24.31
N GLN A 276 -15.14 28.64 23.46
CA GLN A 276 -14.95 29.33 22.19
C GLN A 276 -15.40 28.38 21.09
N TRP A 277 -16.10 28.96 20.11
CA TRP A 277 -16.59 28.28 18.93
C TRP A 277 -15.91 28.91 17.72
N LEU A 278 -15.73 28.13 16.65
CA LEU A 278 -15.02 28.58 15.46
C LEU A 278 -15.84 28.19 14.24
N ARG A 279 -16.03 29.13 13.31
CA ARG A 279 -16.72 28.80 12.07
C ARG A 279 -15.85 27.90 11.20
N ARG A 280 -16.48 27.11 10.34
CA ARG A 280 -15.71 26.24 9.43
C ARG A 280 -14.77 27.07 8.55
N ILE A 281 -15.23 28.26 8.17
CA ILE A 281 -14.33 29.29 7.63
C ILE A 281 -13.70 29.95 8.85
N GLN A 282 -12.45 29.56 9.14
CA GLN A 282 -11.82 29.75 10.45
C GLN A 282 -11.20 31.13 10.67
N ASN A 283 -11.86 32.16 10.15
CA ASN A 283 -11.46 33.53 10.46
C ASN A 283 -12.46 34.30 11.36
N TYR A 284 -13.35 33.56 12.00
CA TYR A 284 -14.35 34.14 12.88
C TYR A 284 -14.62 33.17 14.03
N SER A 285 -14.34 33.62 15.25
CA SER A 285 -14.64 32.81 16.43
C SER A 285 -15.39 33.64 17.45
N VAL A 286 -16.10 32.95 18.33
CA VAL A 286 -16.91 33.57 19.37
C VAL A 286 -16.69 32.86 20.70
N MET A 287 -16.40 33.63 21.73
CA MET A 287 -16.41 33.14 23.10
C MET A 287 -17.75 33.44 23.79
N ASP A 288 -18.33 32.39 24.36
CA ASP A 288 -19.48 32.54 25.28
C ASP A 288 -18.97 32.39 26.71
N ILE A 289 -19.56 33.14 27.63
CA ILE A 289 -19.23 33.02 29.04
C ILE A 289 -20.52 32.68 29.74
N CYS A 290 -20.59 31.48 30.31
CA CYS A 290 -21.85 30.92 30.81
C CYS A 290 -21.85 30.71 32.30
N ASP A 291 -22.97 31.10 32.93
CA ASP A 291 -23.11 31.08 34.38
C ASP A 291 -24.18 30.08 34.80
N TYR A 292 -23.88 29.31 35.85
CA TYR A 292 -24.88 28.43 36.47
C TYR A 292 -25.96 29.21 37.23
N ASP A 293 -27.23 28.92 36.92
CA ASP A 293 -28.39 29.50 37.60
C ASP A 293 -28.95 28.46 38.59
N GLU A 294 -28.68 28.68 39.88
CA GLU A 294 -29.00 27.70 40.92
C GLU A 294 -30.49 27.43 41.08
N SER A 295 -31.33 28.41 40.73
CA SER A 295 -32.78 28.23 40.85
C SER A 295 -33.39 27.44 39.70
N SER A 296 -32.79 27.56 38.52
CA SER A 296 -33.29 26.86 37.34
C SER A 296 -32.46 25.61 37.01
N GLY A 297 -31.28 25.50 37.61
CA GLY A 297 -30.33 24.45 37.26
C GLY A 297 -29.84 24.52 35.82
N ARG A 298 -30.00 25.68 35.19
CA ARG A 298 -29.57 25.90 33.81
C ARG A 298 -28.30 26.73 33.76
N TRP A 299 -27.62 26.64 32.62
CA TRP A 299 -26.45 27.44 32.33
C TRP A 299 -26.83 28.51 31.30
N ASN A 300 -26.65 29.77 31.65
CA ASN A 300 -26.99 30.88 30.76
C ASN A 300 -25.78 31.67 30.33
N CYS A 301 -25.73 31.97 29.04
CA CYS A 301 -24.59 32.66 28.44
C CYS A 301 -25.11 33.99 27.90
N LEU A 302 -24.98 35.03 28.72
CA LEU A 302 -25.44 36.37 28.34
C LEU A 302 -24.72 36.88 27.09
N VAL A 303 -25.50 37.40 26.15
CA VAL A 303 -24.97 38.03 24.94
C VAL A 303 -24.01 39.21 25.25
N ALA A 304 -24.29 39.96 26.31
CA ALA A 304 -23.38 41.02 26.77
C ALA A 304 -21.98 40.52 27.13
N ARG A 305 -21.87 39.21 27.38
CA ARG A 305 -20.59 38.59 27.72
C ARG A 305 -19.94 37.82 26.56
N GLN A 306 -20.44 37.99 25.34
CA GLN A 306 -19.84 37.40 24.14
C GLN A 306 -18.64 38.19 23.65
N HIS A 307 -17.59 37.48 23.25
CA HIS A 307 -16.40 38.10 22.71
C HIS A 307 -16.08 37.53 21.33
N ILE A 308 -16.10 38.40 20.33
CA ILE A 308 -15.81 38.02 18.96
C ILE A 308 -14.33 38.18 18.70
N GLU A 309 -13.74 37.18 18.06
CA GLU A 309 -12.35 37.26 17.62
C GLU A 309 -12.30 36.90 16.14
N MET A 310 -11.90 37.85 15.30
CA MET A 310 -11.86 37.59 13.86
C MET A 310 -10.53 38.03 13.24
N SER A 311 -10.27 37.57 12.01
CA SER A 311 -9.08 37.97 11.28
C SER A 311 -9.43 38.43 9.87
N THR A 312 -8.83 39.55 9.45
CA THR A 312 -9.00 40.02 8.09
C THR A 312 -7.89 39.52 7.17
N THR A 313 -6.81 39.00 7.75
CA THR A 313 -5.64 38.62 6.96
C THR A 313 -5.42 37.12 6.86
N GLY A 314 -6.03 36.38 7.79
CA GLY A 314 -5.86 34.94 7.80
C GLY A 314 -6.90 34.28 8.65
N TRP A 315 -6.45 33.27 9.39
CA TRP A 315 -7.28 32.47 10.26
C TRP A 315 -7.15 33.03 11.67
N VAL A 316 -7.90 32.48 12.64
CA VAL A 316 -7.84 32.96 14.03
C VAL A 316 -6.92 32.06 14.88
N GLY A 317 -5.95 32.69 15.56
CA GLY A 317 -5.06 31.96 16.46
C GLY A 317 -3.87 31.37 15.71
N ARG A 318 -2.89 30.84 16.44
CA ARG A 318 -1.74 30.24 15.76
C ARG A 318 -2.15 28.98 15.01
N PHE A 319 -2.71 28.01 15.74
CA PHE A 319 -3.37 26.83 15.16
C PHE A 319 -4.84 26.76 15.57
N ARG A 320 -5.25 27.58 16.53
CA ARG A 320 -6.65 27.74 16.97
C ARG A 320 -6.70 28.97 17.89
N PRO A 321 -7.90 29.53 18.11
CA PRO A 321 -7.99 30.66 19.06
C PRO A 321 -7.40 30.29 20.44
N SER A 322 -6.73 31.24 21.07
CA SER A 322 -5.98 31.00 22.30
C SER A 322 -6.90 30.78 23.51
N GLU A 323 -6.36 30.19 24.57
CA GLU A 323 -7.09 29.96 25.82
C GLU A 323 -7.16 31.27 26.62
N PRO A 324 -8.31 31.56 27.26
CA PRO A 324 -8.35 32.72 28.18
C PRO A 324 -7.76 32.34 29.54
N HIS A 325 -7.25 33.33 30.27
CA HIS A 325 -6.76 33.09 31.63
C HIS A 325 -7.52 33.99 32.58
N PHE A 326 -8.43 33.37 33.33
CA PHE A 326 -9.32 34.10 34.21
C PHE A 326 -8.66 34.44 35.53
N THR A 327 -9.04 35.60 36.05
CA THR A 327 -8.71 36.02 37.42
C THR A 327 -9.48 35.18 38.45
N LEU A 328 -9.12 35.32 39.73
CA LEU A 328 -9.73 34.57 40.83
C LEU A 328 -11.26 34.69 40.88
N ASP A 329 -11.78 35.90 40.71
CA ASP A 329 -13.24 36.10 40.67
C ASP A 329 -13.88 35.75 39.32
N GLY A 330 -13.06 35.49 38.31
CA GLY A 330 -13.55 35.20 36.96
C GLY A 330 -14.30 36.35 36.30
N ASN A 331 -14.10 37.58 36.77
CA ASN A 331 -14.80 38.75 36.23
C ASN A 331 -14.02 39.39 35.07
N SER A 332 -12.79 38.96 34.90
CA SER A 332 -11.94 39.46 33.81
C SER A 332 -10.96 38.38 33.41
N PHE A 333 -10.32 38.54 32.27
CA PHE A 333 -9.39 37.53 31.78
C PHE A 333 -8.36 38.07 30.83
N TYR A 334 -7.27 37.31 30.69
CA TYR A 334 -6.16 37.71 29.85
C TYR A 334 -6.07 36.69 28.72
N LYS A 335 -5.78 37.17 27.51
CA LYS A 335 -5.82 36.31 26.34
C LYS A 335 -4.85 36.86 25.31
N ILE A 336 -4.06 35.98 24.71
CA ILE A 336 -3.16 36.37 23.62
C ILE A 336 -3.96 36.44 22.34
N ILE A 337 -3.89 37.59 21.68
CA ILE A 337 -4.55 37.80 20.41
C ILE A 337 -3.64 38.68 19.54
N SER A 338 -3.83 38.61 18.22
CA SER A 338 -3.06 39.45 17.31
C SER A 338 -3.49 40.90 17.44
N ASN A 339 -2.51 41.79 17.67
CA ASN A 339 -2.80 43.21 17.76
C ASN A 339 -2.99 43.88 16.38
N GLU A 340 -3.23 45.18 16.35
CA GLU A 340 -3.42 45.90 15.08
C GLU A 340 -2.19 45.87 14.15
N GLU A 341 -1.00 45.59 14.70
CA GLU A 341 0.21 45.44 13.88
C GLU A 341 0.43 43.99 13.45
N GLY A 342 -0.45 43.10 13.91
CA GLY A 342 -0.35 41.69 13.60
C GLY A 342 0.63 40.92 14.48
N TYR A 343 1.02 41.48 15.62
CA TYR A 343 1.86 40.76 16.56
C TYR A 343 1.00 40.24 17.72
N ARG A 344 1.24 39.00 18.13
CA ARG A 344 0.45 38.38 19.19
C ARG A 344 0.90 38.85 20.57
N HIS A 345 -0.04 39.49 21.28
CA HIS A 345 0.21 40.11 22.58
C HIS A 345 -0.93 39.84 23.55
N ILE A 346 -0.70 40.11 24.83
CA ILE A 346 -1.70 39.80 25.84
C ILE A 346 -2.68 40.95 25.94
N CYS A 347 -3.96 40.62 25.78
CA CYS A 347 -5.03 41.58 25.92
C CYS A 347 -5.79 41.27 27.22
N TYR A 348 -6.24 42.31 27.91
CA TYR A 348 -7.02 42.18 29.14
C TYR A 348 -8.49 42.52 28.84
N PHE A 349 -9.38 41.55 29.08
CA PHE A 349 -10.82 41.71 28.86
C PHE A 349 -11.59 41.74 30.17
N GLN A 350 -12.63 42.57 30.22
CA GLN A 350 -13.68 42.49 31.24
C GLN A 350 -14.76 41.60 30.64
N ILE A 351 -15.40 40.75 31.44
CA ILE A 351 -16.30 39.74 30.86
C ILE A 351 -17.48 40.33 30.12
N ASP A 352 -17.91 41.53 30.53
CA ASP A 352 -19.02 42.19 29.89
C ASP A 352 -18.65 43.52 29.21
N LYS A 353 -17.42 43.64 28.73
CA LYS A 353 -17.02 44.79 27.91
C LYS A 353 -16.39 44.32 26.63
N LYS A 354 -16.74 45.00 25.53
CA LYS A 354 -16.30 44.60 24.18
C LYS A 354 -14.83 44.87 23.92
N ASP A 355 -14.34 46.03 24.36
CA ASP A 355 -12.96 46.37 24.08
C ASP A 355 -12.03 45.77 25.15
N CYS A 356 -10.94 45.17 24.68
CA CYS A 356 -9.88 44.74 25.57
C CYS A 356 -8.72 45.74 25.53
N THR A 357 -7.86 45.68 26.54
CA THR A 357 -6.68 46.52 26.60
C THR A 357 -5.43 45.65 26.46
N PHE A 358 -4.57 46.00 25.49
CA PHE A 358 -3.31 45.28 25.31
C PHE A 358 -2.37 45.67 26.43
N ILE A 359 -1.86 44.68 27.15
CA ILE A 359 -0.94 44.96 28.26
C ILE A 359 0.51 44.80 27.85
N THR A 360 0.74 44.12 26.73
CA THR A 360 2.07 44.04 26.10
C THR A 360 2.00 44.53 24.66
N LYS A 361 3.16 44.90 24.12
CA LYS A 361 3.26 45.42 22.76
C LYS A 361 4.70 45.40 22.28
N GLY A 362 4.86 45.39 20.95
CA GLY A 362 6.17 45.49 20.30
C GLY A 362 6.29 44.48 19.17
N THR A 363 7.39 44.56 18.42
CA THR A 363 7.62 43.70 17.27
C THR A 363 8.28 42.42 17.73
N TRP A 364 7.50 41.62 18.45
CA TRP A 364 7.90 40.35 19.00
C TRP A 364 6.58 39.77 19.49
N GLU A 365 6.58 38.52 19.91
CA GLU A 365 5.32 37.89 20.33
C GLU A 365 5.38 37.20 21.68
N VAL A 366 4.23 37.23 22.36
CA VAL A 366 4.03 36.42 23.54
C VAL A 366 3.72 35.00 23.05
N ILE A 367 4.44 34.02 23.59
CA ILE A 367 4.26 32.62 23.19
C ILE A 367 3.14 31.99 24.02
N GLY A 368 3.11 32.26 25.31
CA GLY A 368 2.06 31.71 26.17
C GLY A 368 2.00 32.43 27.49
N ILE A 369 0.80 32.45 28.06
CA ILE A 369 0.59 32.88 29.44
C ILE A 369 0.76 31.67 30.36
N GLU A 370 1.60 31.81 31.38
CA GLU A 370 2.04 30.66 32.16
C GLU A 370 1.49 30.62 33.58
N ALA A 371 1.35 31.79 34.21
CA ALA A 371 0.73 31.89 35.53
C ALA A 371 0.17 33.31 35.73
N LEU A 372 -0.84 33.40 36.59
CA LEU A 372 -1.52 34.63 36.91
C LEU A 372 -1.74 34.72 38.43
N THR A 373 -1.31 35.82 39.03
CA THR A 373 -1.64 36.15 40.43
C THR A 373 -2.33 37.51 40.44
N SER A 374 -2.79 37.97 41.61
CA SER A 374 -3.43 39.28 41.64
C SER A 374 -2.44 40.41 41.31
N ASP A 375 -1.13 40.14 41.47
CA ASP A 375 -0.11 41.16 41.23
C ASP A 375 0.63 41.06 39.89
N TYR A 376 0.84 39.83 39.40
CA TYR A 376 1.67 39.58 38.22
C TYR A 376 1.04 38.58 37.29
N LEU A 377 1.31 38.75 36.00
CA LEU A 377 1.05 37.72 35.05
C LEU A 377 2.42 37.30 34.51
N TYR A 378 2.63 35.99 34.44
CA TYR A 378 3.87 35.37 34.00
C TYR A 378 3.64 34.82 32.60
N TYR A 379 4.53 35.16 31.67
CA TYR A 379 4.42 34.73 30.29
C TYR A 379 5.80 34.43 29.68
N ILE A 380 5.79 33.62 28.63
CA ILE A 380 6.96 33.35 27.81
C ILE A 380 6.89 34.22 26.56
N SER A 381 8.03 34.80 26.17
CA SER A 381 8.06 35.58 24.91
C SER A 381 9.40 35.49 24.21
N ASN A 382 9.44 35.95 22.96
CA ASN A 382 10.68 35.99 22.22
C ASN A 382 11.20 37.43 22.10
N GLU A 383 10.86 38.27 23.07
CA GLU A 383 11.36 39.64 23.08
C GLU A 383 12.90 39.76 23.16
N TYR A 384 13.54 38.95 23.98
CA TYR A 384 14.94 39.21 24.34
C TYR A 384 15.83 39.26 23.10
N LYS A 385 16.59 40.33 22.99
CA LYS A 385 17.52 40.55 21.87
C LYS A 385 16.86 40.46 20.49
N GLY A 386 15.54 40.63 20.43
CA GLY A 386 14.81 40.56 19.16
C GLY A 386 15.05 39.24 18.42
N MET A 387 15.22 38.15 19.17
CA MET A 387 15.47 36.84 18.54
C MET A 387 14.19 36.01 18.57
N PRO A 388 13.53 35.82 17.39
CA PRO A 388 12.24 35.10 17.35
C PRO A 388 12.33 33.64 17.77
N GLY A 389 13.53 33.06 17.67
CA GLY A 389 13.75 31.67 18.03
C GLY A 389 14.35 31.45 19.42
N GLY A 390 14.32 32.49 20.26
CA GLY A 390 14.67 32.40 21.69
C GLY A 390 13.40 32.53 22.51
N ARG A 391 13.43 32.06 23.74
CA ARG A 391 12.23 32.06 24.62
C ARG A 391 12.67 32.39 26.03
N ASN A 392 12.03 33.37 26.65
CA ASN A 392 12.31 33.72 28.04
C ASN A 392 11.05 33.95 28.86
N LEU A 393 11.18 33.75 30.18
CA LEU A 393 10.10 34.01 31.13
C LEU A 393 10.15 35.45 31.61
N TYR A 394 8.99 36.12 31.55
CA TYR A 394 8.79 37.49 32.02
C TYR A 394 7.62 37.55 33.01
N LYS A 395 7.62 38.58 33.84
CA LYS A 395 6.41 38.89 34.60
C LYS A 395 6.07 40.35 34.38
N ILE A 396 4.77 40.63 34.34
CA ILE A 396 4.30 42.00 34.15
C ILE A 396 3.44 42.44 35.35
N GLN A 397 3.76 43.61 35.88
CA GLN A 397 3.02 44.13 37.02
C GLN A 397 1.65 44.60 36.56
N LEU A 398 0.61 43.97 37.07
CA LEU A 398 -0.76 44.24 36.61
C LEU A 398 -1.26 45.66 36.94
N SER A 399 -0.69 46.30 37.96
CA SER A 399 -1.02 47.69 38.31
C SER A 399 -0.21 48.74 37.51
N ASP A 400 0.84 48.30 36.81
CA ASP A 400 1.69 49.21 36.04
C ASP A 400 2.37 48.43 34.95
N TYR A 401 1.73 48.42 33.77
CA TYR A 401 2.19 47.64 32.62
C TYR A 401 3.56 48.05 32.08
N THR A 402 4.06 49.22 32.49
CA THR A 402 5.40 49.62 32.08
C THR A 402 6.49 48.85 32.86
N LYS A 403 6.08 48.18 33.93
CA LYS A 403 6.98 47.38 34.77
C LYS A 403 6.99 45.89 34.38
N VAL A 404 7.87 45.56 33.45
CA VAL A 404 8.03 44.20 32.95
C VAL A 404 9.43 43.70 33.32
N THR A 405 9.52 42.56 33.99
CA THR A 405 10.83 42.01 34.42
C THR A 405 11.10 40.70 33.72
N CYS A 406 12.27 40.59 33.07
CA CYS A 406 12.69 39.29 32.53
C CYS A 406 13.28 38.46 33.64
N LEU A 407 12.73 37.26 33.83
CA LEU A 407 13.12 36.41 34.94
C LEU A 407 14.16 35.35 34.57
N SER A 408 14.40 35.14 33.27
CA SER A 408 15.35 34.12 32.83
C SER A 408 16.48 34.63 31.92
N CYS A 409 16.29 35.82 31.34
CA CYS A 409 17.21 36.39 30.33
C CYS A 409 18.68 36.31 30.74
N GLU A 410 18.95 36.74 31.97
CA GLU A 410 20.32 36.92 32.43
C GLU A 410 20.84 35.80 33.31
N LEU A 411 20.07 34.73 33.51
CA LEU A 411 20.55 33.65 34.39
C LEU A 411 21.85 33.02 33.89
N ASN A 412 21.88 32.70 32.60
CA ASN A 412 23.07 32.20 31.90
C ASN A 412 22.92 32.49 30.41
N PRO A 413 23.23 33.74 29.98
CA PRO A 413 22.99 34.21 28.62
C PRO A 413 23.67 33.36 27.52
N GLU A 414 24.87 32.85 27.80
CA GLU A 414 25.61 31.99 26.86
C GLU A 414 25.01 30.59 26.74
N ARG A 415 24.60 29.98 27.86
CA ARG A 415 24.08 28.62 27.81
C ARG A 415 22.58 28.57 27.49
N CYS A 416 21.85 29.59 27.92
CA CYS A 416 20.41 29.47 28.03
C CYS A 416 19.65 30.65 27.41
N GLN A 417 19.02 30.36 26.26
CA GLN A 417 18.26 31.36 25.51
C GLN A 417 16.86 30.86 25.14
N TYR A 418 16.51 29.66 25.59
CA TYR A 418 15.22 29.05 25.25
C TYR A 418 14.69 28.33 26.48
N TYR A 419 13.65 28.91 27.08
CA TYR A 419 13.12 28.42 28.33
C TYR A 419 11.65 28.02 28.19
N SER A 420 11.26 27.02 28.96
CA SER A 420 9.88 26.83 29.34
C SER A 420 9.81 26.82 30.89
N VAL A 421 8.60 26.83 31.44
CA VAL A 421 8.43 26.97 32.88
C VAL A 421 7.31 26.07 33.42
N SER A 422 7.46 25.64 34.67
CA SER A 422 6.37 24.96 35.38
C SER A 422 6.14 25.62 36.75
N PHE A 423 5.00 26.29 36.90
CA PHE A 423 4.66 26.92 38.19
C PHE A 423 3.96 25.96 39.16
N SER A 424 4.18 26.14 40.46
CA SER A 424 3.41 25.41 41.50
C SER A 424 1.95 25.91 41.57
N LYS A 425 1.10 25.26 42.38
CA LYS A 425 -0.36 25.53 42.35
C LYS A 425 -0.80 27.00 42.40
N GLU A 426 -0.20 27.79 43.30
CA GLU A 426 -0.54 29.24 43.39
C GLU A 426 0.64 30.14 43.01
N ALA A 427 1.53 29.60 42.18
CA ALA A 427 2.65 30.34 41.61
C ALA A 427 3.68 30.83 42.61
N LYS A 428 3.75 30.17 43.76
CA LYS A 428 4.75 30.47 44.80
C LYS A 428 6.17 30.09 44.35
N TYR A 429 6.26 29.01 43.57
CA TYR A 429 7.54 28.53 43.01
C TYR A 429 7.42 28.30 41.52
N TYR A 430 8.56 28.30 40.83
CA TYR A 430 8.58 27.85 39.45
C TYR A 430 9.85 27.09 39.11
N GLN A 431 9.68 26.07 38.27
CA GLN A 431 10.81 25.38 37.66
C GLN A 431 11.05 25.95 36.27
N LEU A 432 12.30 26.37 36.00
CA LEU A 432 12.69 26.75 34.64
C LEU A 432 13.40 25.60 33.94
N ARG A 433 13.07 25.38 32.67
CA ARG A 433 13.71 24.38 31.80
C ARG A 433 14.35 25.13 30.66
N CYS A 434 15.66 25.20 30.70
CA CYS A 434 16.47 25.76 29.63
C CYS A 434 16.74 24.61 28.68
N SER A 435 16.48 24.78 27.38
CA SER A 435 16.77 23.70 26.44
C SER A 435 17.81 24.06 25.37
N GLY A 436 18.46 25.21 25.51
CA GLY A 436 19.55 25.56 24.62
C GLY A 436 19.91 27.04 24.64
N PRO A 437 20.99 27.42 23.93
CA PRO A 437 21.81 26.59 23.02
C PRO A 437 22.78 25.59 23.70
N GLY A 438 23.05 25.76 24.99
CA GLY A 438 23.86 24.78 25.73
C GLY A 438 23.04 23.57 26.14
N LEU A 439 23.62 22.72 26.98
CA LEU A 439 22.92 21.53 27.47
C LEU A 439 21.76 21.94 28.38
N PRO A 440 20.64 21.19 28.32
CA PRO A 440 19.48 21.53 29.17
C PRO A 440 19.85 21.70 30.65
N LEU A 441 19.22 22.71 31.25
CA LEU A 441 19.50 23.13 32.61
C LEU A 441 18.16 23.36 33.30
N TYR A 442 17.95 22.63 34.40
CA TYR A 442 16.70 22.67 35.14
C TYR A 442 16.98 23.29 36.50
N THR A 443 16.20 24.32 36.82
CA THR A 443 16.40 25.10 38.05
C THR A 443 15.07 25.37 38.74
N LEU A 444 15.11 25.54 40.06
CA LEU A 444 13.92 25.89 40.84
C LEU A 444 14.06 27.29 41.47
N HIS A 445 12.96 28.03 41.47
CA HIS A 445 12.92 29.42 41.87
C HIS A 445 11.69 29.69 42.73
N SER A 446 11.77 30.70 43.59
CA SER A 446 10.59 31.15 44.33
C SER A 446 10.16 32.51 43.82
N SER A 447 8.86 32.66 43.63
CA SER A 447 8.29 33.87 43.05
C SER A 447 8.43 35.16 43.84
N VAL A 448 8.37 35.10 45.17
CA VAL A 448 8.29 36.33 45.97
C VAL A 448 9.44 37.34 45.69
N ASN A 449 10.68 36.87 45.71
CA ASN A 449 11.79 37.72 45.26
C ASN A 449 12.58 37.16 44.05
N ASP A 450 11.98 36.21 43.34
CA ASP A 450 12.67 35.49 42.24
C ASP A 450 14.06 34.96 42.61
N LYS A 451 14.17 34.35 43.80
CA LYS A 451 15.41 33.74 44.22
C LYS A 451 15.60 32.51 43.35
N GLY A 452 16.85 32.23 43.00
CA GLY A 452 17.23 31.00 42.32
C GLY A 452 17.61 30.02 43.41
N LEU A 453 16.65 29.18 43.80
CA LEU A 453 16.83 28.30 44.96
C LEU A 453 17.93 27.27 44.70
N ARG A 454 17.80 26.47 43.64
CA ARG A 454 18.78 25.39 43.39
C ARG A 454 18.79 24.86 41.96
N VAL A 455 19.90 24.22 41.62
CA VAL A 455 20.00 23.53 40.33
C VAL A 455 19.47 22.12 40.54
N LEU A 456 18.50 21.72 39.72
CA LEU A 456 17.86 20.40 39.82
C LEU A 456 18.56 19.35 38.94
N GLU A 457 18.99 19.78 37.76
CA GLU A 457 19.71 18.91 36.83
C GLU A 457 20.48 19.80 35.83
N ASP A 458 21.80 19.65 35.80
CA ASP A 458 22.65 20.47 34.92
C ASP A 458 23.28 19.71 33.73
N ASN A 459 22.93 18.44 33.59
CA ASN A 459 23.50 17.56 32.56
C ASN A 459 25.04 17.54 32.54
N SER A 460 25.67 17.67 33.70
CA SER A 460 27.12 17.64 33.76
C SER A 460 27.72 16.28 33.33
N ALA A 461 26.97 15.19 33.52
CA ALA A 461 27.42 13.86 33.06
C ALA A 461 27.55 13.84 31.54
N LEU A 462 26.51 14.30 30.84
CA LEU A 462 26.54 14.42 29.39
C LEU A 462 27.66 15.34 28.90
N ASP A 463 27.83 16.48 29.59
CA ASP A 463 28.90 17.41 29.28
C ASP A 463 30.25 16.70 29.26
N LYS A 464 30.54 15.92 30.31
CA LYS A 464 31.79 15.19 30.40
C LYS A 464 31.94 14.20 29.23
N MET A 465 30.85 13.50 28.88
CA MET A 465 30.92 12.55 27.76
C MET A 465 31.22 13.26 26.43
N LEU A 466 30.50 14.35 26.18
CA LEU A 466 30.61 15.11 24.94
C LEU A 466 31.96 15.82 24.73
N GLN A 467 32.70 16.04 25.82
CA GLN A 467 34.06 16.59 25.77
C GLN A 467 34.99 15.73 24.91
N ASN A 468 34.72 14.43 24.86
CA ASN A 468 35.52 13.51 24.06
C ASN A 468 34.95 13.15 22.68
N VAL A 469 34.01 13.97 22.19
CA VAL A 469 33.39 13.83 20.86
C VAL A 469 33.59 15.12 20.06
N GLN A 470 33.86 14.98 18.75
CA GLN A 470 33.95 16.14 17.87
C GLN A 470 32.56 16.60 17.47
N MET A 471 31.98 17.46 18.29
CA MET A 471 30.61 17.91 18.11
C MET A 471 30.52 19.07 17.13
N PRO A 472 29.41 19.16 16.40
CA PRO A 472 29.16 20.28 15.49
C PRO A 472 28.76 21.52 16.28
N SER A 473 28.81 22.67 15.63
CA SER A 473 28.28 23.90 16.23
C SER A 473 27.01 24.28 15.50
N LYS A 474 26.34 25.29 16.04
CA LYS A 474 25.17 25.86 15.42
C LYS A 474 25.34 27.37 15.26
N LYS A 475 25.18 27.83 14.02
CA LYS A 475 25.10 29.24 13.73
C LYS A 475 23.61 29.58 13.60
N LEU A 476 23.16 30.59 14.35
CA LEU A 476 21.83 31.17 14.16
C LEU A 476 21.99 32.61 13.69
N ASP A 477 21.41 32.94 12.55
CA ASP A 477 21.58 34.26 11.93
C ASP A 477 20.38 34.56 11.03
N PHE A 478 20.48 35.64 10.26
CA PHE A 478 19.38 36.04 9.39
C PHE A 478 19.85 36.54 8.03
N ILE A 479 18.95 36.45 7.06
CA ILE A 479 19.14 37.07 5.78
C ILE A 479 17.97 38.02 5.53
N ILE A 480 18.16 38.96 4.61
CA ILE A 480 17.12 39.93 4.32
C ILE A 480 16.53 39.65 2.93
N LEU A 481 15.23 39.37 2.90
CA LEU A 481 14.47 39.30 1.65
C LEU A 481 13.47 40.45 1.68
N ASN A 482 13.58 41.36 0.71
CA ASN A 482 12.59 42.41 0.50
C ASN A 482 12.39 43.25 1.78
N GLU A 483 13.50 43.68 2.38
CA GLU A 483 13.49 44.52 3.59
C GLU A 483 13.06 43.81 4.87
N THR A 484 12.80 42.50 4.79
CA THR A 484 12.42 41.74 5.98
C THR A 484 13.54 40.77 6.37
N LYS A 485 13.88 40.73 7.66
CA LYS A 485 14.75 39.66 8.13
C LYS A 485 14.01 38.33 8.27
N PHE A 486 14.64 37.30 7.74
CA PHE A 486 14.19 35.93 7.90
C PHE A 486 15.38 35.15 8.45
N TRP A 487 15.12 34.34 9.48
CA TRP A 487 16.17 33.66 10.22
C TRP A 487 16.46 32.26 9.69
N TYR A 488 17.73 31.87 9.80
CA TYR A 488 18.17 30.54 9.49
C TYR A 488 19.13 30.00 10.55
N GLN A 489 19.30 28.70 10.57
CA GLN A 489 20.34 28.08 11.39
C GLN A 489 21.14 27.15 10.53
N MET A 490 22.42 26.99 10.88
CA MET A 490 23.29 26.02 10.24
C MET A 490 23.96 25.13 11.29
N ILE A 491 23.81 23.83 11.13
CA ILE A 491 24.58 22.88 11.93
C ILE A 491 25.88 22.70 11.17
N LEU A 492 26.96 23.16 11.79
CA LEU A 492 28.25 23.23 11.12
C LEU A 492 29.15 22.11 11.60
N PRO A 493 29.85 21.44 10.67
CA PRO A 493 30.85 20.43 11.06
C PRO A 493 31.89 20.90 12.09
N PRO A 494 32.40 19.97 12.92
CA PRO A 494 33.54 20.26 13.81
C PRO A 494 34.71 20.83 13.01
N HIS A 495 35.43 21.79 13.59
CA HIS A 495 36.60 22.43 12.96
C HIS A 495 36.22 23.11 11.64
N PHE A 496 35.05 23.76 11.64
CA PHE A 496 34.53 24.41 10.46
C PHE A 496 35.55 25.39 9.85
N ASP A 497 35.78 25.23 8.55
CA ASP A 497 36.78 26.00 7.83
C ASP A 497 36.09 26.74 6.69
N LYS A 498 35.86 28.04 6.88
CA LYS A 498 35.10 28.88 5.94
C LYS A 498 35.79 29.03 4.57
N SER A 499 37.03 28.55 4.47
CA SER A 499 37.76 28.50 3.21
C SER A 499 37.60 27.16 2.48
N LYS A 500 36.85 26.23 3.08
CA LYS A 500 36.54 24.95 2.43
C LYS A 500 35.11 25.00 1.91
N LYS A 501 34.81 24.18 0.89
CA LYS A 501 33.44 24.02 0.40
C LYS A 501 32.86 22.74 0.99
N TYR A 502 31.72 22.87 1.68
CA TYR A 502 31.02 21.74 2.27
C TYR A 502 29.72 21.46 1.49
N PRO A 503 29.31 20.18 1.40
CA PRO A 503 27.98 19.96 0.88
C PRO A 503 26.95 20.53 1.88
N LEU A 504 25.76 20.86 1.40
CA LEU A 504 24.71 21.42 2.26
C LEU A 504 23.38 20.66 2.11
N LEU A 505 22.83 20.26 3.25
CA LEU A 505 21.49 19.67 3.28
C LEU A 505 20.51 20.65 3.93
N LEU A 506 19.47 21.03 3.18
CA LEU A 506 18.46 21.93 3.70
C LEU A 506 17.40 21.07 4.36
N ASP A 507 17.28 21.21 5.67
CA ASP A 507 16.29 20.48 6.48
C ASP A 507 15.05 21.36 6.60
N VAL A 508 13.94 20.92 6.01
CA VAL A 508 12.76 21.79 5.89
C VAL A 508 11.51 21.25 6.63
N TYR A 509 10.78 22.15 7.27
CA TYR A 509 9.40 21.88 7.62
C TYR A 509 8.53 22.91 6.90
N ALA A 510 8.54 24.15 7.39
CA ALA A 510 7.99 25.33 6.68
C ALA A 510 6.46 25.40 6.63
N GLY A 511 5.78 24.63 7.47
CA GLY A 511 4.33 24.73 7.58
C GLY A 511 3.95 26.07 8.19
N PRO A 512 2.65 26.42 8.11
CA PRO A 512 2.19 27.67 8.71
C PRO A 512 2.45 27.71 10.21
N CYS A 513 3.06 28.80 10.66
CA CYS A 513 3.45 29.00 12.05
C CYS A 513 4.62 28.10 12.50
N SER A 514 5.41 27.61 11.56
CA SER A 514 6.52 26.73 11.93
C SER A 514 7.72 27.58 12.32
N GLN A 515 8.68 26.95 12.98
CA GLN A 515 9.94 27.61 13.28
C GLN A 515 11.00 26.54 13.34
N LYS A 516 11.95 26.64 12.42
CA LYS A 516 13.02 25.66 12.30
C LYS A 516 14.38 26.25 12.63
N ALA A 517 14.42 27.58 12.80
CA ALA A 517 15.62 28.29 13.19
C ALA A 517 15.39 28.74 14.64
N ASP A 518 16.13 28.15 15.59
CA ASP A 518 15.97 28.45 17.03
C ASP A 518 17.26 28.18 17.83
N THR A 519 17.17 28.35 19.14
CA THR A 519 18.33 28.20 20.01
C THR A 519 18.31 26.88 20.79
N VAL A 520 17.46 25.94 20.37
CA VAL A 520 17.37 24.64 21.05
C VAL A 520 18.57 23.71 20.72
N PHE A 521 19.14 23.11 21.76
CA PHE A 521 20.16 22.06 21.64
C PHE A 521 19.49 20.72 21.27
N ARG A 522 19.94 20.10 20.19
CA ARG A 522 19.38 18.82 19.71
C ARG A 522 20.49 17.83 19.35
N LEU A 523 20.26 16.57 19.68
CA LEU A 523 21.12 15.48 19.26
C LEU A 523 20.26 14.68 18.31
N ASN A 524 20.52 14.83 17.02
CA ASN A 524 19.67 14.17 16.03
C ASN A 524 20.44 13.70 14.80
N TRP A 525 19.71 13.39 13.74
CA TRP A 525 20.32 12.97 12.48
C TRP A 525 21.28 14.01 11.91
N ALA A 526 20.85 15.28 11.92
CA ALA A 526 21.71 16.39 11.52
C ALA A 526 23.00 16.48 12.32
N THR A 527 22.97 16.10 13.60
CA THR A 527 24.20 16.11 14.41
C THR A 527 25.24 15.14 13.81
N TYR A 528 24.75 13.95 13.44
CA TYR A 528 25.59 12.91 12.83
C TYR A 528 26.11 13.37 11.47
N LEU A 529 25.21 13.93 10.66
CA LEU A 529 25.58 14.37 9.30
C LEU A 529 26.69 15.43 9.33
N ALA A 530 26.59 16.37 10.27
CA ALA A 530 27.60 17.39 10.44
C ALA A 530 28.89 16.83 11.06
N SER A 531 28.76 16.08 12.15
CA SER A 531 29.92 15.64 12.94
C SER A 531 30.73 14.55 12.22
N THR A 532 30.04 13.58 11.66
CA THR A 532 30.71 12.45 11.02
C THR A 532 30.90 12.66 9.52
N GLU A 533 29.89 13.21 8.85
CA GLU A 533 29.93 13.27 7.38
C GLU A 533 30.37 14.62 6.82
N ASN A 534 30.62 15.58 7.72
CA ASN A 534 31.02 16.95 7.34
C ASN A 534 30.07 17.67 6.38
N ILE A 535 28.78 17.51 6.64
CA ILE A 535 27.71 18.17 5.90
C ILE A 535 27.13 19.33 6.72
N ILE A 536 26.97 20.51 6.10
CA ILE A 536 26.20 21.57 6.76
C ILE A 536 24.72 21.26 6.65
N VAL A 537 24.03 21.25 7.78
CA VAL A 537 22.58 21.07 7.78
C VAL A 537 21.92 22.41 8.13
N ALA A 538 21.20 22.96 7.15
CA ALA A 538 20.63 24.31 7.30
C ALA A 538 19.12 24.21 7.36
N SER A 539 18.51 25.14 8.10
CA SER A 539 17.08 25.33 8.09
C SER A 539 16.80 26.83 8.02
N PHE A 540 15.67 27.18 7.39
CA PHE A 540 15.31 28.56 7.12
C PHE A 540 13.84 28.77 7.46
N ASP A 541 13.53 29.90 8.08
CA ASP A 541 12.14 30.25 8.36
C ASP A 541 11.72 31.42 7.47
N GLY A 542 10.96 31.13 6.41
CA GLY A 542 10.51 32.14 5.45
C GLY A 542 9.05 32.53 5.65
N ARG A 543 8.40 32.97 4.58
CA ARG A 543 7.00 33.37 4.68
C ARG A 543 6.11 32.21 5.12
N GLY A 544 5.11 32.52 5.93
CA GLY A 544 4.34 31.50 6.64
C GLY A 544 4.87 31.03 8.00
N SER A 545 6.13 31.34 8.35
CA SER A 545 6.67 30.87 9.62
C SER A 545 6.08 31.66 10.80
N GLY A 546 6.20 31.12 12.01
CA GLY A 546 5.51 31.69 13.17
C GLY A 546 6.35 32.62 14.03
N TYR A 547 5.67 33.21 15.02
CA TYR A 547 6.28 33.94 16.15
C TYR A 547 6.92 35.26 15.73
N GLN A 548 6.56 35.73 14.54
CA GLN A 548 7.13 36.97 13.99
C GLN A 548 6.04 37.91 13.47
N GLY A 549 4.81 37.71 13.89
CA GLY A 549 3.71 38.53 13.44
C GLY A 549 3.01 37.97 12.20
N ASP A 550 1.81 38.48 11.99
CA ASP A 550 0.93 37.99 10.91
C ASP A 550 1.36 38.40 9.51
N LYS A 551 2.08 39.52 9.36
CA LYS A 551 2.56 39.90 8.02
C LYS A 551 3.35 38.72 7.40
N ILE A 552 4.24 38.12 8.19
CA ILE A 552 4.98 36.93 7.79
C ILE A 552 4.12 35.67 7.82
N MET A 553 3.43 35.42 8.94
CA MET A 553 2.67 34.19 9.06
C MET A 553 1.53 34.04 8.05
N HIS A 554 0.74 35.10 7.88
CA HIS A 554 -0.41 35.06 6.97
C HIS A 554 -0.05 35.28 5.48
N ALA A 555 1.24 35.39 5.18
CA ALA A 555 1.67 35.62 3.79
C ALA A 555 1.20 34.46 2.90
N ILE A 556 1.08 33.26 3.48
CA ILE A 556 0.64 32.06 2.73
C ILE A 556 -0.86 31.72 2.84
N ASN A 557 -1.65 32.64 3.42
CA ASN A 557 -3.08 32.44 3.52
C ASN A 557 -3.73 32.18 2.15
N ARG A 558 -4.48 31.08 2.07
CA ARG A 558 -5.19 30.64 0.84
C ARG A 558 -4.25 30.20 -0.27
N ARG A 559 -2.96 30.11 0.06
CA ARG A 559 -1.90 29.89 -0.92
C ARG A 559 -0.76 29.01 -0.42
N LEU A 560 -1.09 27.84 0.14
CA LEU A 560 -0.05 26.89 0.54
C LEU A 560 0.67 26.40 -0.72
N GLY A 561 1.94 26.00 -0.56
CA GLY A 561 2.75 25.58 -1.70
C GLY A 561 3.16 26.71 -2.62
N THR A 562 3.18 27.94 -2.09
CA THR A 562 3.68 29.09 -2.86
C THR A 562 4.90 29.73 -2.20
N PHE A 563 4.71 30.80 -1.43
CA PHE A 563 5.83 31.58 -0.90
C PHE A 563 6.73 30.80 0.03
N GLU A 564 6.19 29.84 0.79
CA GLU A 564 7.02 29.09 1.72
C GLU A 564 8.00 28.16 0.94
N VAL A 565 7.55 27.70 -0.23
CA VAL A 565 8.39 26.89 -1.11
C VAL A 565 9.42 27.78 -1.83
N GLU A 566 8.96 28.90 -2.40
CA GLU A 566 9.83 29.89 -3.04
C GLU A 566 10.94 30.37 -2.12
N ASP A 567 10.60 30.62 -0.84
CA ASP A 567 11.58 31.14 0.11
C ASP A 567 12.67 30.13 0.51
N GLN A 568 12.33 28.85 0.59
CA GLN A 568 13.32 27.77 0.76
C GLN A 568 14.29 27.74 -0.43
N ILE A 569 13.76 27.89 -1.64
CA ILE A 569 14.63 27.94 -2.83
C ILE A 569 15.55 29.16 -2.75
N GLU A 570 14.98 30.31 -2.40
CA GLU A 570 15.78 31.54 -2.25
C GLU A 570 16.89 31.44 -1.16
N ALA A 571 16.56 30.90 0.00
CA ALA A 571 17.56 30.69 1.06
C ALA A 571 18.72 29.82 0.55
N ALA A 572 18.38 28.73 -0.13
CA ALA A 572 19.38 27.81 -0.66
C ALA A 572 20.25 28.49 -1.71
N ARG A 573 19.59 29.24 -2.59
CA ARG A 573 20.27 30.08 -3.57
C ARG A 573 21.29 31.01 -2.89
N GLN A 574 20.87 31.66 -1.81
CA GLN A 574 21.78 32.52 -1.06
C GLN A 574 22.92 31.72 -0.38
N PHE A 575 22.56 30.64 0.33
CA PHE A 575 23.57 29.76 0.94
C PHE A 575 24.60 29.28 -0.09
N SER A 576 24.13 28.96 -1.30
CA SER A 576 24.98 28.45 -2.37
C SER A 576 26.00 29.47 -2.87
N LYS A 577 25.79 30.74 -2.53
CA LYS A 577 26.66 31.81 -2.96
C LYS A 577 27.68 32.16 -1.88
N MET A 578 27.51 31.55 -0.71
CA MET A 578 28.47 31.70 0.38
C MET A 578 29.72 30.87 0.04
N GLY A 579 30.87 31.36 0.49
CA GLY A 579 32.15 30.79 0.10
C GLY A 579 32.38 29.38 0.58
N PHE A 580 31.67 28.96 1.62
CA PHE A 580 31.92 27.67 2.26
C PHE A 580 30.93 26.57 1.83
N VAL A 581 30.05 26.88 0.88
CA VAL A 581 29.06 25.91 0.39
C VAL A 581 29.38 25.41 -1.02
N ASP A 582 29.36 24.09 -1.20
CA ASP A 582 29.56 23.50 -2.52
C ASP A 582 28.25 23.54 -3.30
N ASN A 583 28.13 24.45 -4.27
CA ASN A 583 26.86 24.62 -5.01
C ASN A 583 26.48 23.42 -5.89
N LYS A 584 27.44 22.52 -6.12
CA LYS A 584 27.20 21.26 -6.85
C LYS A 584 26.63 20.19 -5.92
N ARG A 585 26.68 20.41 -4.61
CA ARG A 585 26.17 19.45 -3.63
C ARG A 585 25.24 20.09 -2.62
N ILE A 586 24.03 20.43 -3.07
CA ILE A 586 22.99 20.94 -2.20
C ILE A 586 21.79 20.02 -2.29
N ALA A 587 21.34 19.58 -1.14
CA ALA A 587 20.25 18.66 -1.04
C ALA A 587 19.15 19.25 -0.18
N ILE A 588 17.98 18.61 -0.19
CA ILE A 588 16.85 19.06 0.61
C ILE A 588 16.11 17.86 1.17
N TRP A 589 15.63 17.94 2.40
CA TRP A 589 14.75 16.88 2.94
C TRP A 589 13.76 17.41 3.94
N GLY A 590 12.67 16.68 4.11
CA GLY A 590 11.68 17.04 5.09
C GLY A 590 10.70 15.91 5.28
N TRP A 591 9.94 16.02 6.36
CA TRP A 591 8.97 15.00 6.74
C TRP A 591 7.64 15.69 6.87
N SER A 592 6.56 15.04 6.45
CA SER A 592 5.23 15.55 6.75
C SER A 592 5.01 16.83 5.94
N TYR A 593 4.67 17.96 6.56
CA TYR A 593 4.60 19.22 5.82
C TYR A 593 5.93 19.48 5.09
N GLY A 594 7.04 19.17 5.76
CA GLY A 594 8.35 19.34 5.13
C GLY A 594 8.59 18.45 3.91
N GLY A 595 7.96 17.27 3.88
CA GLY A 595 7.99 16.39 2.72
C GLY A 595 7.27 17.00 1.52
N TYR A 596 6.12 17.61 1.77
CA TYR A 596 5.40 18.38 0.73
C TYR A 596 6.30 19.48 0.18
N VAL A 597 6.87 20.31 1.06
CA VAL A 597 7.70 21.42 0.61
C VAL A 597 8.94 20.93 -0.15
N THR A 598 9.58 19.88 0.36
CA THR A 598 10.73 19.27 -0.30
C THR A 598 10.35 18.84 -1.74
N SER A 599 9.20 18.18 -1.88
CA SER A 599 8.69 17.71 -3.17
C SER A 599 8.34 18.86 -4.13
N MET A 600 7.68 19.90 -3.62
CA MET A 600 7.39 21.12 -4.41
C MET A 600 8.67 21.83 -4.86
N VAL A 601 9.68 21.86 -3.97
CA VAL A 601 10.96 22.46 -4.29
C VAL A 601 11.64 21.66 -5.43
N LEU A 602 11.64 20.35 -5.28
CA LEU A 602 12.32 19.48 -6.23
C LEU A 602 11.62 19.44 -7.57
N GLY A 603 10.31 19.73 -7.57
CA GLY A 603 9.50 19.88 -8.80
C GLY A 603 9.42 21.30 -9.34
N SER A 604 10.18 22.22 -8.77
CA SER A 604 10.08 23.64 -9.14
C SER A 604 10.87 24.00 -10.38
N GLY A 605 11.83 23.17 -10.76
CA GLY A 605 12.70 23.47 -11.90
C GLY A 605 13.81 24.46 -11.59
N SER A 606 14.05 24.72 -10.30
CA SER A 606 15.02 25.73 -9.85
C SER A 606 16.47 25.42 -10.24
N GLY A 607 16.81 24.13 -10.30
CA GLY A 607 18.18 23.69 -10.63
C GLY A 607 19.16 23.78 -9.47
N VAL A 608 18.70 24.26 -8.32
CA VAL A 608 19.55 24.50 -7.14
C VAL A 608 19.95 23.20 -6.39
N PHE A 609 19.03 22.23 -6.38
CA PHE A 609 19.20 21.01 -5.60
C PHE A 609 19.55 19.81 -6.45
N LYS A 610 20.56 19.06 -6.03
CA LYS A 610 20.96 17.82 -6.71
C LYS A 610 19.99 16.65 -6.40
N CYS A 611 19.52 16.62 -5.16
CA CYS A 611 18.75 15.49 -4.65
C CYS A 611 17.87 15.91 -3.51
N GLY A 612 16.87 15.10 -3.20
CA GLY A 612 16.09 15.30 -1.98
C GLY A 612 15.31 14.10 -1.49
N ILE A 613 14.89 14.16 -0.23
CA ILE A 613 14.11 13.08 0.38
C ILE A 613 12.83 13.63 0.95
N ALA A 614 11.70 13.03 0.57
CA ALA A 614 10.41 13.40 1.14
C ALA A 614 9.93 12.20 1.94
N VAL A 615 9.62 12.44 3.21
CA VAL A 615 9.07 11.39 4.09
C VAL A 615 7.66 11.74 4.45
N ALA A 616 6.76 10.78 4.25
CA ALA A 616 5.31 10.94 4.47
C ALA A 616 4.74 12.31 4.03
N PRO A 617 4.99 12.71 2.77
CA PRO A 617 4.57 14.03 2.32
C PRO A 617 3.08 14.14 1.99
N VAL A 618 2.52 15.32 2.26
CA VAL A 618 1.30 15.73 1.60
C VAL A 618 1.63 15.95 0.14
N SER A 619 0.72 15.56 -0.76
CA SER A 619 0.92 15.79 -2.19
C SER A 619 -0.17 16.64 -2.84
N ARG A 620 -1.36 16.66 -2.24
CA ARG A 620 -2.52 17.33 -2.82
C ARG A 620 -3.40 17.69 -1.63
N TRP A 621 -3.76 18.97 -1.48
CA TRP A 621 -4.45 19.42 -0.25
C TRP A 621 -5.84 18.79 -0.06
N GLU A 622 -6.48 18.41 -1.15
CA GLU A 622 -7.74 17.70 -1.08
C GLU A 622 -7.63 16.34 -0.38
N TYR A 623 -6.43 15.80 -0.22
CA TYR A 623 -6.24 14.54 0.48
C TYR A 623 -6.05 14.68 2.01
N TYR A 624 -5.76 15.89 2.47
CA TYR A 624 -5.49 16.10 3.89
C TYR A 624 -6.79 16.51 4.61
N ASP A 625 -6.75 16.57 5.94
CA ASP A 625 -7.99 16.70 6.73
C ASP A 625 -8.57 18.09 6.66
N SER A 626 -9.88 18.21 6.83
CA SER A 626 -10.57 19.48 6.69
C SER A 626 -10.09 20.59 7.63
N VAL A 627 -10.01 20.28 8.93
CA VAL A 627 -9.72 21.29 9.97
C VAL A 627 -8.39 21.99 9.74
N TYR A 628 -7.31 21.21 9.55
CA TYR A 628 -6.02 21.81 9.23
C TYR A 628 -6.03 22.50 7.86
N THR A 629 -6.42 21.76 6.83
CA THR A 629 -6.29 22.24 5.45
C THR A 629 -7.10 23.51 5.16
N GLU A 630 -8.39 23.48 5.51
CA GLU A 630 -9.29 24.60 5.25
C GLU A 630 -8.92 25.86 6.04
N ARG A 631 -8.25 25.69 7.17
CA ARG A 631 -7.77 26.82 7.99
C ARG A 631 -6.93 27.75 7.13
N TYR A 632 -6.07 27.14 6.30
CA TYR A 632 -5.13 27.88 5.45
C TYR A 632 -5.65 28.06 4.02
N MET A 633 -6.50 27.13 3.59
CA MET A 633 -6.85 27.02 2.18
C MET A 633 -8.30 27.38 1.82
N GLY A 634 -9.15 27.59 2.82
CA GLY A 634 -10.60 27.66 2.55
C GLY A 634 -11.12 26.34 1.99
N LEU A 635 -12.24 26.41 1.28
CA LEU A 635 -12.89 25.22 0.71
C LEU A 635 -12.50 25.00 -0.76
N PRO A 636 -12.35 23.72 -1.15
CA PRO A 636 -12.02 23.36 -2.52
C PRO A 636 -13.26 23.33 -3.41
N THR A 637 -13.91 24.49 -3.52
CA THR A 637 -15.08 24.67 -4.37
C THR A 637 -14.77 25.74 -5.40
N PRO A 638 -15.41 25.69 -6.60
CA PRO A 638 -15.18 26.75 -7.58
C PRO A 638 -15.40 28.16 -7.01
N GLU A 639 -16.37 28.29 -6.12
CA GLU A 639 -16.72 29.57 -5.49
C GLU A 639 -15.71 30.04 -4.44
N ASP A 640 -14.90 29.12 -3.91
CA ASP A 640 -13.95 29.51 -2.88
C ASP A 640 -12.51 29.41 -3.42
N ASN A 641 -11.83 28.30 -3.19
CA ASN A 641 -10.40 28.25 -3.50
C ASN A 641 -9.97 27.02 -4.30
N LEU A 642 -10.91 26.42 -5.02
CA LEU A 642 -10.60 25.20 -5.79
C LEU A 642 -9.39 25.34 -6.74
N ASP A 643 -9.30 26.44 -7.49
CA ASP A 643 -8.16 26.64 -8.42
C ASP A 643 -6.81 26.50 -7.72
N HIS A 644 -6.66 27.09 -6.53
CA HIS A 644 -5.39 26.93 -5.86
C HIS A 644 -5.16 25.57 -5.22
N TYR A 645 -6.21 24.89 -4.78
CA TYR A 645 -6.08 23.48 -4.39
C TYR A 645 -5.50 22.67 -5.58
N ARG A 646 -5.98 22.96 -6.78
CA ARG A 646 -5.60 22.17 -7.96
C ARG A 646 -4.20 22.45 -8.52
N ASN A 647 -3.72 23.68 -8.39
CA ASN A 647 -2.36 23.91 -8.88
C ASN A 647 -1.23 23.95 -7.84
N SER A 648 -1.54 23.51 -6.61
CA SER A 648 -0.53 23.40 -5.57
C SER A 648 -0.21 21.94 -5.22
N THR A 649 -0.38 21.04 -6.19
CA THR A 649 -0.11 19.63 -5.95
C THR A 649 1.31 19.30 -6.39
N VAL A 650 1.89 18.28 -5.78
CA VAL A 650 3.17 17.73 -6.19
C VAL A 650 3.06 17.10 -7.59
N MET A 651 1.98 16.36 -7.82
CA MET A 651 1.79 15.61 -9.09
C MET A 651 1.94 16.45 -10.35
N SER A 652 1.44 17.69 -10.33
CA SER A 652 1.51 18.57 -11.53
C SER A 652 2.95 18.97 -11.90
N ARG A 653 3.88 18.77 -10.96
CA ARG A 653 5.29 19.13 -11.16
C ARG A 653 6.18 17.95 -11.56
N ALA A 654 5.57 16.79 -11.81
CA ALA A 654 6.27 15.52 -12.04
C ALA A 654 7.43 15.63 -13.04
N GLU A 655 7.14 16.27 -14.17
CA GLU A 655 8.09 16.44 -15.27
C GLU A 655 9.41 17.09 -14.81
N ASN A 656 9.32 18.03 -13.86
CA ASN A 656 10.48 18.77 -13.33
C ASN A 656 11.44 17.95 -12.47
N PHE A 657 11.00 16.76 -12.09
CA PHE A 657 11.83 15.85 -11.30
C PHE A 657 12.92 15.18 -12.16
N LYS A 658 12.87 15.38 -13.48
CA LYS A 658 13.79 14.72 -14.40
C LYS A 658 15.27 15.03 -14.11
N GLN A 659 15.55 16.20 -13.54
CA GLN A 659 16.95 16.57 -13.31
C GLN A 659 17.41 16.47 -11.86
N VAL A 660 16.65 15.78 -11.02
CA VAL A 660 17.00 15.60 -9.61
C VAL A 660 16.92 14.11 -9.21
N GLU A 661 17.64 13.75 -8.15
CA GLU A 661 17.50 12.44 -7.50
C GLU A 661 16.53 12.55 -6.32
N TYR A 662 15.50 11.73 -6.33
CA TYR A 662 14.42 11.86 -5.37
C TYR A 662 14.25 10.55 -4.65
N LEU A 663 14.12 10.61 -3.33
CA LEU A 663 13.80 9.44 -2.52
C LEU A 663 12.47 9.71 -1.82
N LEU A 664 11.48 8.85 -2.08
CA LEU A 664 10.12 9.03 -1.58
C LEU A 664 9.83 7.89 -0.60
N ILE A 665 9.40 8.23 0.64
CA ILE A 665 9.24 7.27 1.75
C ILE A 665 7.89 7.49 2.47
N HIS A 666 7.23 6.40 2.88
CA HIS A 666 5.91 6.52 3.51
C HIS A 666 5.54 5.23 4.23
N GLY A 667 4.98 5.34 5.44
CA GLY A 667 4.46 4.17 6.14
C GLY A 667 3.10 3.81 5.58
N THR A 668 2.84 2.52 5.42
CA THR A 668 1.57 2.07 4.83
C THR A 668 0.35 2.22 5.73
N ALA A 669 0.58 2.30 7.05
CA ALA A 669 -0.50 2.51 8.00
C ALA A 669 -0.56 3.96 8.54
N ASP A 670 -0.13 4.91 7.71
CA ASP A 670 -0.23 6.33 8.05
C ASP A 670 -1.71 6.75 8.00
N ASP A 671 -2.26 6.94 9.20
CA ASP A 671 -3.63 7.39 9.40
C ASP A 671 -3.76 8.89 9.23
N ASN A 672 -2.63 9.59 9.17
CA ASN A 672 -2.62 11.06 9.21
C ASN A 672 -2.48 11.62 7.78
N VAL A 673 -1.28 11.44 7.20
CA VAL A 673 -1.03 11.67 5.78
C VAL A 673 -1.13 10.29 5.12
N HIS A 674 -2.24 10.04 4.46
CA HIS A 674 -2.51 8.69 3.96
C HIS A 674 -1.46 8.29 2.92
N PHE A 675 -1.13 7.01 2.93
CA PHE A 675 -0.18 6.44 1.96
C PHE A 675 -0.55 6.88 0.53
N GLN A 676 -1.85 6.88 0.25
CA GLN A 676 -2.45 7.55 -0.92
C GLN A 676 -1.66 8.75 -1.47
N GLN A 677 -1.22 9.65 -0.60
CA GLN A 677 -0.56 10.87 -1.04
C GLN A 677 0.76 10.55 -1.78
N SER A 678 1.58 9.67 -1.23
CA SER A 678 2.81 9.19 -1.91
C SER A 678 2.50 8.26 -3.09
N ALA A 679 1.44 7.44 -2.97
CA ALA A 679 0.98 6.60 -4.10
C ALA A 679 0.64 7.42 -5.34
N GLN A 680 0.03 8.59 -5.14
CA GLN A 680 -0.26 9.48 -6.26
C GLN A 680 1.00 10.17 -6.82
N ILE A 681 1.96 10.50 -5.94
CA ILE A 681 3.25 11.04 -6.41
C ILE A 681 3.99 10.03 -7.31
N SER A 682 4.18 8.80 -6.82
CA SER A 682 4.93 7.78 -7.57
C SER A 682 4.27 7.52 -8.91
N LYS A 683 2.94 7.44 -8.94
CA LYS A 683 2.20 7.23 -10.19
C LYS A 683 2.42 8.34 -11.22
N ALA A 684 2.42 9.61 -10.75
CA ALA A 684 2.73 10.77 -11.62
C ALA A 684 4.14 10.75 -12.21
N LEU A 685 5.13 10.37 -11.40
CA LEU A 685 6.50 10.24 -11.87
C LEU A 685 6.66 9.10 -12.89
N VAL A 686 6.02 7.96 -12.60
CA VAL A 686 5.95 6.85 -13.57
C VAL A 686 5.34 7.32 -14.91
N ASP A 687 4.23 8.06 -14.83
CA ASP A 687 3.53 8.54 -16.01
C ASP A 687 4.33 9.48 -16.91
N VAL A 688 5.27 10.23 -16.35
CA VAL A 688 6.17 11.08 -17.18
C VAL A 688 7.55 10.44 -17.38
N GLY A 689 7.73 9.21 -16.91
CA GLY A 689 9.00 8.51 -17.11
C GLY A 689 10.18 9.06 -16.34
N VAL A 690 9.96 9.45 -15.09
CA VAL A 690 11.04 9.91 -14.23
C VAL A 690 11.43 8.79 -13.27
N ASP A 691 12.71 8.47 -13.22
CA ASP A 691 13.21 7.46 -12.29
C ASP A 691 13.39 8.11 -10.91
N PHE A 692 13.14 7.34 -9.85
CA PHE A 692 13.32 7.83 -8.48
C PHE A 692 13.47 6.61 -7.56
N GLN A 693 13.78 6.87 -6.31
CA GLN A 693 13.99 5.87 -5.29
C GLN A 693 12.79 5.86 -4.35
N ALA A 694 12.43 4.69 -3.85
CA ALA A 694 11.24 4.57 -3.00
C ALA A 694 11.48 3.64 -1.84
N MET A 695 10.75 3.87 -0.76
CA MET A 695 10.69 2.92 0.33
C MET A 695 9.35 3.04 1.04
N TRP A 696 8.63 1.91 1.17
CA TRP A 696 7.45 1.87 2.02
C TRP A 696 7.86 1.20 3.32
N TYR A 697 7.13 1.52 4.40
CA TYR A 697 7.33 0.89 5.70
C TYR A 697 6.01 0.25 6.11
N THR A 698 6.01 -1.08 6.05
CA THR A 698 4.82 -1.86 6.35
C THR A 698 4.35 -1.59 7.79
N ASP A 699 3.09 -1.16 7.90
CA ASP A 699 2.38 -1.00 9.18
C ASP A 699 2.92 0.13 10.04
N GLU A 700 3.79 0.97 9.47
CA GLU A 700 4.26 2.14 10.18
C GLU A 700 3.31 3.30 9.92
N ASP A 701 3.18 4.20 10.91
CA ASP A 701 2.33 5.35 10.72
C ASP A 701 3.13 6.61 10.38
N HIS A 702 2.55 7.77 10.68
CA HIS A 702 3.18 9.05 10.36
C HIS A 702 4.49 9.26 11.08
N GLY A 703 4.66 8.62 12.23
CA GLY A 703 5.90 8.76 12.99
C GLY A 703 7.03 7.89 12.51
N ILE A 704 6.71 6.80 11.79
CA ILE A 704 7.70 5.77 11.42
C ILE A 704 8.68 5.57 12.59
N ALA A 705 8.10 5.23 13.75
CA ALA A 705 8.77 5.40 15.04
C ALA A 705 9.04 4.11 15.77
N SER A 706 8.58 2.96 15.25
CA SER A 706 8.98 1.71 15.87
C SER A 706 10.52 1.71 15.87
N SER A 707 11.11 1.03 16.85
CA SER A 707 12.56 0.97 17.00
C SER A 707 13.27 0.48 15.72
N THR A 708 12.80 -0.62 15.15
CA THR A 708 13.44 -1.19 13.95
C THR A 708 13.24 -0.30 12.70
N ALA A 709 12.03 0.21 12.48
CA ALA A 709 11.76 1.08 11.32
C ALA A 709 12.50 2.41 11.39
N HIS A 710 12.59 2.97 12.60
CA HIS A 710 13.32 4.21 12.84
C HIS A 710 14.81 4.06 12.46
N GLN A 711 15.43 2.98 12.92
CA GLN A 711 16.80 2.70 12.54
C GLN A 711 16.94 2.47 11.03
N HIS A 712 15.99 1.73 10.46
CA HIS A 712 16.01 1.40 9.02
C HIS A 712 15.88 2.63 8.12
N ILE A 713 14.94 3.51 8.42
CA ILE A 713 14.76 4.73 7.61
C ILE A 713 15.96 5.68 7.64
N TYR A 714 16.53 5.91 8.83
CA TYR A 714 17.69 6.79 8.92
C TYR A 714 18.93 6.16 8.31
N THR A 715 19.02 4.84 8.38
CA THR A 715 20.09 4.13 7.70
C THR A 715 19.98 4.31 6.17
N HIS A 716 18.78 4.13 5.64
CA HIS A 716 18.52 4.17 4.20
C HIS A 716 18.73 5.59 3.66
N MET A 717 18.24 6.59 4.40
CA MET A 717 18.43 8.00 4.06
C MET A 717 19.88 8.43 4.08
N SER A 718 20.66 7.93 5.06
CA SER A 718 22.07 8.23 5.17
C SER A 718 22.84 7.71 3.95
N HIS A 719 22.53 6.50 3.49
CA HIS A 719 23.17 5.95 2.28
C HIS A 719 22.85 6.85 1.07
N PHE A 720 21.59 7.28 0.98
CA PHE A 720 21.10 8.10 -0.14
C PHE A 720 21.82 9.46 -0.22
N ILE A 721 21.89 10.16 0.91
CA ILE A 721 22.58 11.45 1.00
C ILE A 721 24.07 11.30 0.70
N LYS A 722 24.72 10.33 1.34
CA LYS A 722 26.15 10.07 1.10
C LYS A 722 26.45 9.77 -0.37
N GLN A 723 25.64 8.90 -0.97
CA GLN A 723 25.72 8.59 -2.40
C GLN A 723 25.59 9.91 -3.22
N CYS A 724 24.58 10.71 -2.91
CA CYS A 724 24.33 11.99 -3.57
C CYS A 724 25.52 12.93 -3.50
N PHE A 725 26.18 12.97 -2.35
CA PHE A 725 27.33 13.85 -2.11
C PHE A 725 28.70 13.23 -2.40
N SER A 726 28.70 12.02 -2.98
CA SER A 726 29.93 11.25 -3.31
C SER A 726 30.81 10.97 -2.08
N LEU A 727 30.14 10.69 -0.96
CA LEU A 727 30.79 10.48 0.34
C LEU A 727 30.99 8.99 0.64
N PRO A 728 32.23 8.59 1.00
CA PRO A 728 32.53 7.17 1.20
C PRO A 728 31.78 6.58 2.41
N THR B 1 30.59 0.76 -37.14
CA THR B 1 30.17 -0.20 -36.06
C THR B 1 28.65 -0.24 -35.86
N ARG B 2 28.07 -1.42 -36.08
CA ARG B 2 26.64 -1.62 -35.90
C ARG B 2 26.22 -1.26 -34.47
N LYS B 3 25.06 -0.62 -34.35
CA LYS B 3 24.47 -0.33 -33.06
C LYS B 3 24.15 -1.63 -32.31
N THR B 4 23.91 -1.51 -31.02
CA THR B 4 23.48 -2.65 -30.23
C THR B 4 21.96 -2.58 -30.08
N TYR B 5 21.40 -3.62 -29.49
CA TYR B 5 19.99 -3.63 -29.13
C TYR B 5 19.89 -3.03 -27.72
N THR B 6 19.38 -1.80 -27.66
CA THR B 6 19.41 -0.96 -26.46
C THR B 6 18.15 -1.13 -25.62
N LEU B 7 18.16 -0.53 -24.43
CA LEU B 7 16.97 -0.54 -23.58
C LEU B 7 15.81 0.19 -24.26
N THR B 8 16.08 1.34 -24.87
CA THR B 8 15.04 2.08 -25.61
C THR B 8 14.44 1.26 -26.76
N ASP B 9 15.29 0.52 -27.49
CA ASP B 9 14.81 -0.44 -28.49
C ASP B 9 13.77 -1.38 -27.92
N TYR B 10 14.09 -1.99 -26.81
CA TYR B 10 13.16 -2.88 -26.13
C TYR B 10 11.89 -2.14 -25.67
N LEU B 11 12.08 -1.03 -24.95
CA LEU B 11 10.95 -0.32 -24.36
C LEU B 11 10.07 0.40 -25.39
N LYS B 12 10.66 0.76 -26.53
CA LYS B 12 9.87 1.42 -27.60
C LYS B 12 9.42 0.50 -28.74
N ASN B 13 9.81 -0.77 -28.68
CA ASN B 13 9.43 -1.77 -29.71
C ASN B 13 9.83 -1.32 -31.10
N THR B 14 11.07 -0.87 -31.24
CA THR B 14 11.52 -0.39 -32.54
C THR B 14 11.74 -1.55 -33.54
N TYR B 15 12.08 -2.73 -33.02
CA TYR B 15 12.22 -3.95 -33.83
C TYR B 15 11.05 -4.89 -33.55
N ARG B 16 10.06 -4.86 -34.44
CA ARG B 16 8.78 -5.49 -34.17
C ARG B 16 8.61 -6.82 -34.90
N LEU B 17 8.31 -7.86 -34.12
CA LEU B 17 7.90 -9.17 -34.68
C LEU B 17 6.57 -9.04 -35.39
N LYS B 18 6.53 -9.43 -36.66
CA LYS B 18 5.26 -9.52 -37.37
C LYS B 18 4.61 -10.88 -37.10
N LEU B 19 3.29 -10.87 -36.97
CA LEU B 19 2.48 -12.03 -36.66
C LEU B 19 1.61 -12.33 -37.88
N TYR B 20 0.89 -13.45 -37.85
CA TYR B 20 -0.18 -13.72 -38.80
C TYR B 20 -1.35 -14.38 -38.07
N SER B 21 -2.19 -13.54 -37.47
CA SER B 21 -3.34 -14.01 -36.71
C SER B 21 -4.55 -14.11 -37.63
N LEU B 22 -4.97 -15.35 -37.88
CA LEU B 22 -6.12 -15.56 -38.75
C LEU B 22 -7.22 -16.20 -37.91
N ARG B 23 -8.45 -16.15 -38.41
CA ARG B 23 -9.58 -16.80 -37.77
C ARG B 23 -10.31 -17.63 -38.79
N TRP B 24 -10.27 -18.94 -38.62
CA TRP B 24 -11.00 -19.86 -39.49
C TRP B 24 -12.49 -19.64 -39.28
N ILE B 25 -13.21 -19.44 -40.37
CA ILE B 25 -14.67 -19.29 -40.31
C ILE B 25 -15.37 -20.50 -40.93
N SER B 26 -14.56 -21.40 -41.51
CA SER B 26 -15.05 -22.59 -42.18
C SER B 26 -13.88 -23.53 -42.38
N ASP B 27 -14.10 -24.56 -43.19
CA ASP B 27 -13.05 -25.51 -43.50
C ASP B 27 -12.05 -25.03 -44.56
N HIS B 28 -12.31 -23.87 -45.16
CA HIS B 28 -11.41 -23.38 -46.23
C HIS B 28 -11.32 -21.87 -46.37
N GLU B 29 -11.86 -21.16 -45.39
CA GLU B 29 -11.75 -19.70 -45.39
C GLU B 29 -11.36 -19.19 -44.03
N TYR B 30 -10.54 -18.15 -44.03
CA TYR B 30 -10.17 -17.50 -42.79
C TYR B 30 -10.27 -15.98 -42.91
N LEU B 31 -10.50 -15.33 -41.77
CA LEU B 31 -10.51 -13.88 -41.69
C LEU B 31 -9.17 -13.36 -41.25
N TYR B 32 -8.75 -12.25 -41.85
CA TYR B 32 -7.48 -11.63 -41.53
C TYR B 32 -7.62 -10.12 -41.54
N LYS B 33 -7.18 -9.47 -40.46
CA LYS B 33 -7.18 -8.00 -40.45
C LYS B 33 -5.97 -7.42 -41.18
N GLN B 34 -6.24 -6.66 -42.24
CA GLN B 34 -5.19 -5.96 -42.96
C GLN B 34 -5.59 -4.51 -43.21
N GLU B 35 -4.82 -3.58 -42.62
CA GLU B 35 -5.04 -2.13 -42.71
C GLU B 35 -6.42 -1.71 -42.17
N ASN B 36 -6.80 -2.32 -41.05
CA ASN B 36 -8.11 -2.10 -40.37
C ASN B 36 -9.34 -2.62 -41.13
N ASN B 37 -9.11 -3.15 -42.34
CA ASN B 37 -10.11 -3.93 -43.05
C ASN B 37 -10.09 -5.34 -42.52
N ILE B 38 -11.21 -6.03 -42.61
CA ILE B 38 -11.22 -7.47 -42.39
C ILE B 38 -11.32 -8.13 -43.75
N LEU B 39 -10.27 -8.86 -44.12
CA LEU B 39 -10.26 -9.61 -45.37
C LEU B 39 -10.66 -11.06 -45.12
N VAL B 40 -11.32 -11.67 -46.10
CA VAL B 40 -11.58 -13.11 -46.06
C VAL B 40 -10.68 -13.80 -47.10
N PHE B 41 -9.94 -14.82 -46.65
CA PHE B 41 -9.01 -15.53 -47.52
C PHE B 41 -9.48 -16.93 -47.89
N ASN B 42 -9.26 -17.30 -49.15
CA ASN B 42 -9.42 -18.68 -49.57
C ASN B 42 -8.12 -19.46 -49.31
N ALA B 43 -8.18 -20.43 -48.40
CA ALA B 43 -7.00 -21.22 -48.02
C ALA B 43 -6.32 -21.95 -49.19
N GLU B 44 -7.11 -22.59 -50.04
CA GLU B 44 -6.57 -23.38 -51.16
C GLU B 44 -5.76 -22.54 -52.16
N TYR B 45 -6.30 -21.37 -52.52
CA TYR B 45 -5.69 -20.53 -53.56
C TYR B 45 -5.03 -19.24 -53.09
N GLY B 46 -5.33 -18.82 -51.87
CA GLY B 46 -4.70 -17.63 -51.28
C GLY B 46 -5.28 -16.30 -51.71
N ASN B 47 -6.29 -16.34 -52.58
CA ASN B 47 -6.99 -15.12 -52.99
C ASN B 47 -7.96 -14.62 -51.91
N SER B 48 -8.21 -13.31 -51.92
CA SER B 48 -9.01 -12.67 -50.88
C SER B 48 -9.98 -11.62 -51.41
N SER B 49 -10.94 -11.25 -50.57
CA SER B 49 -11.86 -10.15 -50.81
C SER B 49 -12.02 -9.39 -49.49
N VAL B 50 -12.70 -8.24 -49.54
CA VAL B 50 -12.95 -7.50 -48.31
C VAL B 50 -14.21 -8.08 -47.68
N PHE B 51 -14.07 -8.54 -46.44
CA PHE B 51 -15.21 -9.03 -45.70
C PHE B 51 -15.96 -7.83 -45.11
N LEU B 52 -15.21 -6.94 -44.47
CA LEU B 52 -15.77 -5.76 -43.82
C LEU B 52 -14.82 -4.57 -43.97
N GLU B 53 -15.23 -3.60 -44.79
CA GLU B 53 -14.42 -2.40 -45.03
C GLU B 53 -14.09 -1.64 -43.73
N ASN B 54 -12.86 -1.11 -43.66
CA ASN B 54 -12.38 -0.39 -42.47
C ASN B 54 -13.28 0.79 -42.05
N SER B 55 -13.98 1.36 -43.03
CA SER B 55 -14.80 2.55 -42.82
C SER B 55 -16.27 2.24 -42.44
N THR B 56 -16.60 0.94 -42.34
CA THR B 56 -17.97 0.52 -42.03
C THR B 56 -18.49 1.13 -40.73
N PHE B 57 -17.61 1.19 -39.72
CA PHE B 57 -17.99 1.70 -38.40
C PHE B 57 -17.33 3.02 -37.98
N ASP B 58 -17.18 3.93 -38.95
CA ASP B 58 -16.70 5.30 -38.72
C ASP B 58 -17.66 6.11 -37.85
N GLU B 59 -18.95 6.05 -38.21
CA GLU B 59 -19.99 6.77 -37.48
C GLU B 59 -20.61 5.96 -36.33
N PHE B 60 -19.92 4.90 -35.92
CA PHE B 60 -20.32 4.08 -34.78
C PHE B 60 -20.24 4.86 -33.46
N GLY B 61 -19.29 5.79 -33.37
CA GLY B 61 -19.17 6.68 -32.21
C GLY B 61 -18.46 6.04 -31.04
N HIS B 62 -17.99 4.82 -31.23
CA HIS B 62 -17.17 4.12 -30.24
C HIS B 62 -16.00 3.44 -30.93
N SER B 63 -14.90 3.30 -30.21
CA SER B 63 -13.79 2.50 -30.69
C SER B 63 -14.12 1.02 -30.42
N ILE B 64 -14.14 0.23 -31.48
CA ILE B 64 -14.41 -1.21 -31.39
C ILE B 64 -13.15 -1.97 -30.98
N ASN B 65 -13.25 -2.70 -29.87
CA ASN B 65 -12.12 -3.44 -29.28
C ASN B 65 -11.86 -4.77 -29.99
N ASP B 66 -12.93 -5.44 -30.41
CA ASP B 66 -12.85 -6.77 -30.99
C ASP B 66 -14.17 -7.07 -31.71
N TYR B 67 -14.18 -8.15 -32.48
CA TYR B 67 -15.34 -8.52 -33.26
C TYR B 67 -15.49 -10.03 -33.20
N SER B 68 -16.69 -10.52 -33.51
CA SER B 68 -16.95 -11.95 -33.51
C SER B 68 -18.07 -12.29 -34.51
N ILE B 69 -17.74 -13.02 -35.56
CA ILE B 69 -18.74 -13.43 -36.54
C ILE B 69 -19.49 -14.65 -36.03
N SER B 70 -20.79 -14.70 -36.28
CA SER B 70 -21.59 -15.87 -35.94
C SER B 70 -21.20 -17.01 -36.89
N PRO B 71 -21.25 -18.26 -36.40
CA PRO B 71 -20.89 -19.42 -37.23
C PRO B 71 -21.51 -19.46 -38.63
N ASP B 72 -22.75 -19.00 -38.79
CA ASP B 72 -23.39 -19.02 -40.11
C ASP B 72 -23.06 -17.77 -40.95
N GLY B 73 -22.17 -16.93 -40.44
CA GLY B 73 -21.73 -15.72 -41.14
C GLY B 73 -22.81 -14.68 -41.35
N GLN B 74 -23.93 -14.78 -40.63
CA GLN B 74 -25.07 -13.87 -40.83
C GLN B 74 -24.98 -12.57 -40.03
N PHE B 75 -24.22 -12.62 -38.93
CA PHE B 75 -24.13 -11.52 -37.97
C PHE B 75 -22.70 -11.34 -37.47
N ILE B 76 -22.37 -10.12 -37.08
CA ILE B 76 -21.12 -9.88 -36.38
C ILE B 76 -21.39 -9.19 -35.03
N LEU B 77 -20.73 -9.72 -34.00
CA LEU B 77 -20.79 -9.17 -32.65
C LEU B 77 -19.66 -8.17 -32.49
N LEU B 78 -20.00 -6.93 -32.16
CA LEU B 78 -19.02 -5.85 -31.99
C LEU B 78 -18.79 -5.53 -30.53
N GLU B 79 -17.56 -5.73 -30.08
CA GLU B 79 -17.21 -5.49 -28.69
C GLU B 79 -16.58 -4.11 -28.51
N TYR B 80 -17.14 -3.31 -27.61
CA TYR B 80 -16.57 -2.02 -27.27
C TYR B 80 -16.78 -1.73 -25.78
N ASN B 81 -16.28 -0.57 -25.31
CA ASN B 81 -16.29 -0.23 -23.87
C ASN B 81 -15.65 -1.35 -23.04
N TYR B 82 -14.53 -1.86 -23.55
CA TYR B 82 -13.77 -2.92 -22.92
C TYR B 82 -13.18 -2.45 -21.60
N VAL B 83 -13.55 -3.14 -20.52
CA VAL B 83 -12.94 -2.84 -19.23
C VAL B 83 -12.40 -4.15 -18.66
N LYS B 84 -11.07 -4.25 -18.63
CA LYS B 84 -10.39 -5.40 -18.08
C LYS B 84 -10.70 -5.66 -16.60
N GLN B 85 -10.84 -6.93 -16.25
CA GLN B 85 -10.88 -7.33 -14.84
C GLN B 85 -9.61 -8.09 -14.49
N TRP B 86 -9.68 -9.43 -14.37
CA TRP B 86 -8.50 -10.20 -13.99
C TRP B 86 -7.70 -10.67 -15.23
N ARG B 87 -7.11 -11.86 -15.20
CA ARG B 87 -6.25 -12.28 -16.31
C ARG B 87 -7.03 -12.54 -17.60
N HIS B 88 -8.21 -13.14 -17.46
CA HIS B 88 -9.08 -13.47 -18.59
C HIS B 88 -10.36 -12.65 -18.61
N SER B 89 -10.90 -12.33 -17.42
CA SER B 89 -12.19 -11.62 -17.32
C SER B 89 -12.11 -10.16 -17.70
N TYR B 90 -13.24 -9.65 -18.18
CA TYR B 90 -13.46 -8.24 -18.50
C TYR B 90 -14.96 -7.99 -18.72
N THR B 91 -15.39 -6.74 -18.73
CA THR B 91 -16.77 -6.40 -19.16
C THR B 91 -16.69 -5.54 -20.41
N ALA B 92 -17.81 -5.48 -21.14
CA ALA B 92 -17.87 -4.74 -22.38
C ALA B 92 -19.31 -4.45 -22.77
N SER B 93 -19.46 -3.51 -23.69
CA SER B 93 -20.71 -3.32 -24.41
C SER B 93 -20.64 -4.05 -25.74
N TYR B 94 -21.81 -4.41 -26.27
CA TYR B 94 -21.88 -5.20 -27.47
C TYR B 94 -23.00 -4.71 -28.36
N ASP B 95 -22.68 -4.58 -29.64
CA ASP B 95 -23.70 -4.37 -30.65
C ASP B 95 -23.65 -5.53 -31.62
N ILE B 96 -24.76 -5.78 -32.29
CA ILE B 96 -24.80 -6.82 -33.30
C ILE B 96 -25.12 -6.14 -34.61
N TYR B 97 -24.32 -6.47 -35.62
CA TYR B 97 -24.48 -5.93 -36.95
C TYR B 97 -24.97 -7.07 -37.87
N ASP B 98 -26.08 -6.81 -38.56
CA ASP B 98 -26.66 -7.76 -39.52
C ASP B 98 -25.92 -7.62 -40.85
N LEU B 99 -25.15 -8.65 -41.22
CA LEU B 99 -24.27 -8.60 -42.40
C LEU B 99 -25.02 -8.57 -43.72
N ASN B 100 -26.09 -9.34 -43.83
CA ASN B 100 -26.89 -9.40 -45.06
C ASN B 100 -27.80 -8.19 -45.27
N LYS B 101 -28.16 -7.51 -44.19
CA LYS B 101 -28.95 -6.29 -44.28
C LYS B 101 -28.07 -5.04 -44.22
N ARG B 102 -26.81 -5.25 -43.84
CA ARG B 102 -25.82 -4.19 -43.64
C ARG B 102 -26.36 -3.12 -42.69
N GLN B 103 -26.92 -3.59 -41.59
CA GLN B 103 -27.54 -2.75 -40.57
C GLN B 103 -27.18 -3.17 -39.16
N LEU B 104 -26.95 -2.17 -38.32
CA LEU B 104 -26.75 -2.39 -36.89
C LEU B 104 -28.11 -2.73 -36.27
N ILE B 105 -28.12 -3.65 -35.31
CA ILE B 105 -29.38 -4.00 -34.63
C ILE B 105 -29.62 -3.06 -33.44
N THR B 106 -30.81 -2.48 -33.38
CA THR B 106 -31.09 -1.44 -32.41
C THR B 106 -32.08 -1.85 -31.31
N GLU B 107 -32.77 -2.97 -31.51
CA GLU B 107 -33.70 -3.46 -30.50
C GLU B 107 -33.16 -4.66 -29.72
N GLU B 108 -33.58 -4.75 -28.46
CA GLU B 108 -33.30 -5.87 -27.58
C GLU B 108 -31.81 -6.10 -27.53
N ARG B 109 -31.09 -5.01 -27.28
CA ARG B 109 -29.64 -5.03 -27.31
C ARG B 109 -29.06 -5.76 -26.11
N ILE B 110 -27.91 -6.39 -26.33
CA ILE B 110 -27.12 -6.92 -25.24
C ILE B 110 -26.85 -5.74 -24.30
N PRO B 111 -27.11 -5.93 -23.00
CA PRO B 111 -26.98 -4.81 -22.05
C PRO B 111 -25.52 -4.38 -21.87
N ASN B 112 -25.36 -3.15 -21.37
CA ASN B 112 -24.03 -2.67 -21.00
C ASN B 112 -23.56 -3.45 -19.78
N ASN B 113 -22.24 -3.53 -19.59
CA ASN B 113 -21.65 -4.22 -18.44
C ASN B 113 -21.85 -5.74 -18.51
N THR B 114 -21.95 -6.26 -19.73
CA THR B 114 -22.07 -7.69 -19.96
C THR B 114 -20.72 -8.34 -19.65
N GLN B 115 -20.77 -9.48 -18.97
CA GLN B 115 -19.60 -10.13 -18.42
C GLN B 115 -18.98 -11.16 -19.37
N TRP B 116 -19.83 -11.78 -20.17
CA TRP B 116 -19.40 -12.78 -21.16
C TRP B 116 -20.49 -12.94 -22.20
N VAL B 117 -20.09 -13.12 -23.46
CA VAL B 117 -21.04 -13.44 -24.53
C VAL B 117 -20.41 -14.47 -25.48
N THR B 118 -21.21 -15.41 -25.95
CA THR B 118 -20.77 -16.39 -26.93
C THR B 118 -21.90 -16.81 -27.88
N TRP B 119 -21.59 -16.83 -29.17
CA TRP B 119 -22.42 -17.45 -30.17
C TRP B 119 -22.59 -18.94 -29.86
N SER B 120 -23.72 -19.53 -30.26
CA SER B 120 -23.82 -21.00 -30.37
C SER B 120 -22.79 -21.50 -31.43
N PRO B 121 -22.38 -22.79 -31.38
CA PRO B 121 -21.35 -23.29 -32.32
C PRO B 121 -21.84 -23.37 -33.76
N VAL B 122 -23.16 -23.36 -33.92
CA VAL B 122 -23.82 -23.47 -35.20
C VAL B 122 -24.89 -22.40 -35.16
N GLY B 123 -25.16 -21.80 -36.32
CA GLY B 123 -26.21 -20.79 -36.48
C GLY B 123 -25.81 -19.46 -35.89
N HIS B 124 -26.73 -18.85 -35.12
CA HIS B 124 -26.52 -17.52 -34.52
C HIS B 124 -27.27 -17.27 -33.17
N LYS B 125 -27.45 -18.32 -32.35
CA LYS B 125 -27.91 -18.14 -30.97
C LYS B 125 -26.81 -17.45 -30.18
N LEU B 126 -27.22 -16.74 -29.12
CA LEU B 126 -26.27 -16.11 -28.21
C LEU B 126 -26.60 -16.50 -26.79
N ALA B 127 -25.56 -16.76 -26.00
CA ALA B 127 -25.69 -16.83 -24.55
C ALA B 127 -24.85 -15.73 -23.98
N TYR B 128 -25.39 -15.00 -23.00
CA TYR B 128 -24.58 -14.02 -22.29
C TYR B 128 -24.84 -14.02 -20.80
N VAL B 129 -23.89 -13.45 -20.07
CA VAL B 129 -23.95 -13.34 -18.63
C VAL B 129 -23.94 -11.85 -18.29
N TRP B 130 -24.93 -11.43 -17.50
CA TRP B 130 -25.07 -10.05 -17.10
C TRP B 130 -25.59 -10.00 -15.67
N ASN B 131 -24.91 -9.23 -14.82
CA ASN B 131 -25.16 -9.26 -13.39
C ASN B 131 -25.19 -10.70 -12.81
N ASN B 132 -24.26 -11.52 -13.28
CA ASN B 132 -24.04 -12.88 -12.76
C ASN B 132 -25.15 -13.89 -13.08
N ASP B 133 -26.06 -13.54 -14.00
CA ASP B 133 -27.09 -14.48 -14.48
C ASP B 133 -26.96 -14.74 -15.96
N ILE B 134 -27.47 -15.89 -16.39
CA ILE B 134 -27.38 -16.31 -17.81
C ILE B 134 -28.65 -15.92 -18.56
N TYR B 135 -28.45 -15.44 -19.78
CA TYR B 135 -29.50 -15.10 -20.72
C TYR B 135 -29.18 -15.75 -22.08
N VAL B 136 -30.22 -16.15 -22.80
CA VAL B 136 -30.07 -16.70 -24.15
C VAL B 136 -30.95 -15.88 -25.09
N LYS B 137 -30.38 -15.47 -26.23
CA LYS B 137 -31.17 -14.92 -27.34
C LYS B 137 -31.14 -15.91 -28.48
N ILE B 138 -32.30 -16.28 -28.98
CA ILE B 138 -32.43 -17.22 -30.09
C ILE B 138 -32.15 -16.48 -31.41
N GLU B 139 -32.68 -15.26 -31.49
CA GLU B 139 -32.43 -14.34 -32.60
C GLU B 139 -31.88 -13.03 -32.06
N PRO B 140 -30.91 -12.43 -32.80
CA PRO B 140 -30.22 -11.21 -32.39
C PRO B 140 -31.12 -10.03 -32.05
N ASN B 141 -32.28 -9.92 -32.70
CA ASN B 141 -33.18 -8.78 -32.49
C ASN B 141 -34.35 -9.06 -31.52
N LEU B 142 -34.43 -10.29 -31.04
CA LEU B 142 -35.58 -10.70 -30.21
C LEU B 142 -35.24 -10.69 -28.72
N PRO B 143 -36.28 -10.67 -27.84
CA PRO B 143 -36.00 -10.66 -26.40
C PRO B 143 -35.19 -11.86 -25.90
N SER B 144 -34.41 -11.62 -24.86
CA SER B 144 -33.67 -12.66 -24.18
C SER B 144 -34.57 -13.49 -23.30
N TYR B 145 -34.15 -14.74 -23.09
CA TYR B 145 -34.73 -15.62 -22.09
C TYR B 145 -33.76 -15.68 -20.92
N ARG B 146 -34.26 -15.34 -19.74
CA ARG B 146 -33.46 -15.46 -18.54
C ARG B 146 -33.38 -16.92 -18.12
N ILE B 147 -32.19 -17.40 -17.78
CA ILE B 147 -31.96 -18.80 -17.45
C ILE B 147 -31.76 -18.99 -15.93
N THR B 148 -31.12 -18.01 -15.28
CA THR B 148 -30.85 -18.06 -13.83
C THR B 148 -31.34 -16.79 -13.15
N TRP B 149 -31.73 -16.91 -11.87
CA TRP B 149 -32.27 -15.80 -11.10
C TRP B 149 -31.48 -15.60 -9.80
N THR B 150 -30.48 -16.46 -9.57
CA THR B 150 -29.72 -16.47 -8.32
C THR B 150 -28.45 -15.61 -8.30
N GLY B 151 -28.05 -15.08 -9.47
CA GLY B 151 -26.82 -14.32 -9.60
C GLY B 151 -26.72 -13.20 -8.58
N LYS B 152 -25.55 -13.06 -7.95
CA LYS B 152 -25.41 -12.06 -6.90
C LYS B 152 -23.94 -11.68 -6.87
N GLU B 153 -23.65 -10.39 -7.07
CA GLU B 153 -22.27 -9.90 -7.15
C GLU B 153 -21.42 -10.47 -6.00
N ASP B 154 -20.24 -11.00 -6.33
CA ASP B 154 -19.30 -11.56 -5.32
C ASP B 154 -19.81 -12.79 -4.58
N ILE B 155 -21.00 -13.26 -4.93
CA ILE B 155 -21.61 -14.34 -4.15
C ILE B 155 -21.99 -15.56 -5.00
N ILE B 156 -22.92 -15.37 -5.93
CA ILE B 156 -23.34 -16.44 -6.85
C ILE B 156 -22.96 -16.04 -8.29
N TYR B 157 -22.23 -16.93 -8.95
CA TYR B 157 -21.76 -16.73 -10.32
C TYR B 157 -22.35 -17.82 -11.19
N ASN B 158 -23.22 -17.45 -12.13
CA ASN B 158 -23.83 -18.40 -13.04
C ASN B 158 -23.18 -18.18 -14.39
N GLY B 159 -22.53 -19.21 -14.92
CA GLY B 159 -22.02 -19.11 -16.29
C GLY B 159 -20.73 -18.34 -16.43
N ILE B 160 -20.24 -17.82 -15.31
CA ILE B 160 -18.92 -17.21 -15.24
C ILE B 160 -18.17 -17.76 -14.03
N THR B 161 -16.84 -17.72 -14.07
CA THR B 161 -16.02 -18.23 -12.97
C THR B 161 -15.84 -17.15 -11.89
N ASP B 162 -15.57 -17.55 -10.65
CA ASP B 162 -15.07 -16.63 -9.65
C ASP B 162 -13.55 -16.44 -9.83
N TRP B 163 -12.91 -15.68 -8.96
CA TRP B 163 -11.49 -15.39 -9.12
C TRP B 163 -10.61 -16.65 -9.29
N VAL B 164 -10.78 -17.62 -8.39
CA VAL B 164 -9.86 -18.76 -8.34
C VAL B 164 -10.13 -19.80 -9.45
N TYR B 165 -11.39 -19.98 -9.81
CA TYR B 165 -11.70 -20.81 -10.98
C TYR B 165 -11.21 -20.18 -12.28
N GLU B 166 -11.30 -18.86 -12.40
CA GLU B 166 -10.79 -18.18 -13.58
C GLU B 166 -9.26 -18.39 -13.69
N GLU B 167 -8.54 -18.06 -12.63
CA GLU B 167 -7.06 -18.15 -12.63
C GLU B 167 -6.50 -19.58 -12.66
N GLU B 168 -7.07 -20.47 -11.85
CA GLU B 168 -6.44 -21.77 -11.58
C GLU B 168 -7.09 -23.01 -12.21
N VAL B 169 -8.36 -22.91 -12.59
CA VAL B 169 -9.07 -24.10 -13.04
C VAL B 169 -9.34 -24.01 -14.52
N PHE B 170 -10.12 -23.01 -14.92
CA PHE B 170 -10.56 -22.92 -16.31
C PHE B 170 -9.71 -22.05 -17.23
N SER B 171 -8.86 -21.19 -16.66
CA SER B 171 -8.10 -20.21 -17.47
C SER B 171 -9.02 -19.40 -18.40
N ALA B 172 -10.22 -19.11 -17.89
CA ALA B 172 -11.22 -18.38 -18.65
C ALA B 172 -12.22 -17.86 -17.66
N TYR B 173 -12.91 -16.80 -18.06
CA TYR B 173 -13.99 -16.21 -17.29
C TYR B 173 -15.27 -16.97 -17.55
N SER B 174 -15.41 -17.45 -18.78
CA SER B 174 -16.61 -18.18 -19.18
C SER B 174 -16.76 -19.51 -18.43
N ALA B 175 -17.97 -19.79 -17.95
CA ALA B 175 -18.29 -21.12 -17.41
C ALA B 175 -19.61 -21.62 -18.01
N LEU B 176 -19.68 -21.52 -19.34
CA LEU B 176 -20.79 -22.09 -20.09
C LEU B 176 -20.29 -22.81 -21.32
N TRP B 177 -21.05 -23.82 -21.75
CA TRP B 177 -20.63 -24.70 -22.83
C TRP B 177 -21.82 -25.12 -23.67
N TRP B 178 -21.91 -24.60 -24.89
CA TRP B 178 -22.93 -25.04 -25.83
C TRP B 178 -22.66 -26.46 -26.28
N SER B 179 -23.73 -27.24 -26.46
CA SER B 179 -23.63 -28.55 -27.08
C SER B 179 -23.27 -28.32 -28.55
N PRO B 180 -22.74 -29.36 -29.25
CA PRO B 180 -22.16 -29.12 -30.61
C PRO B 180 -23.07 -28.48 -31.66
N ASN B 181 -24.36 -28.83 -31.69
CA ASN B 181 -25.30 -28.16 -32.59
C ASN B 181 -26.11 -27.03 -31.94
N GLY B 182 -25.78 -26.70 -30.69
CA GLY B 182 -26.41 -25.59 -29.98
C GLY B 182 -27.74 -25.87 -29.29
N THR B 183 -28.23 -27.10 -29.30
CA THR B 183 -29.49 -27.43 -28.61
C THR B 183 -29.40 -27.16 -27.09
N PHE B 184 -28.35 -27.70 -26.45
CA PHE B 184 -28.22 -27.58 -25.00
C PHE B 184 -27.21 -26.52 -24.62
N LEU B 185 -27.45 -25.88 -23.49
CA LEU B 185 -26.44 -25.02 -22.87
C LEU B 185 -26.12 -25.55 -21.48
N ALA B 186 -24.88 -25.98 -21.30
CA ALA B 186 -24.39 -26.45 -20.03
C ALA B 186 -23.73 -25.26 -19.32
N TYR B 187 -23.80 -25.21 -17.99
CA TYR B 187 -23.11 -24.15 -17.23
C TYR B 187 -22.82 -24.56 -15.81
N ALA B 188 -21.79 -23.96 -15.25
CA ALA B 188 -21.47 -24.12 -13.84
C ALA B 188 -21.99 -22.92 -13.05
N GLN B 189 -22.26 -23.15 -11.77
CA GLN B 189 -22.65 -22.11 -10.83
C GLN B 189 -21.71 -22.19 -9.63
N PHE B 190 -21.06 -21.07 -9.30
CA PHE B 190 -20.14 -21.01 -8.17
C PHE B 190 -20.76 -20.22 -7.04
N ASN B 191 -20.65 -20.80 -5.83
CA ASN B 191 -21.14 -20.15 -4.61
C ASN B 191 -19.96 -19.76 -3.72
N ASP B 192 -19.71 -18.46 -3.62
CA ASP B 192 -18.61 -17.93 -2.84
C ASP B 192 -19.01 -17.35 -1.47
N THR B 193 -20.19 -17.73 -0.97
CA THR B 193 -20.79 -17.14 0.25
C THR B 193 -19.83 -17.05 1.44
N GLU B 194 -19.09 -18.12 1.70
CA GLU B 194 -18.24 -18.17 2.89
C GLU B 194 -16.74 -18.09 2.55
N VAL B 195 -16.45 -17.78 1.29
CA VAL B 195 -15.08 -17.50 0.86
C VAL B 195 -14.61 -16.14 1.38
N PRO B 196 -13.46 -16.11 2.09
CA PRO B 196 -13.00 -14.80 2.59
C PRO B 196 -12.59 -13.85 1.46
N LEU B 197 -12.58 -12.56 1.79
CA LEU B 197 -12.23 -11.51 0.84
C LEU B 197 -10.80 -10.99 1.06
N ILE B 198 -10.05 -10.86 -0.02
CA ILE B 198 -8.86 -10.02 0.00
C ILE B 198 -9.32 -8.58 -0.24
N GLU B 199 -8.76 -7.65 0.53
CA GLU B 199 -9.13 -6.26 0.46
C GLU B 199 -7.84 -5.50 0.29
N TYR B 200 -7.83 -4.57 -0.65
CA TYR B 200 -6.66 -3.71 -0.85
C TYR B 200 -7.15 -2.38 -1.42
N SER B 201 -6.34 -1.33 -1.25
CA SER B 201 -6.68 -0.01 -1.76
C SER B 201 -6.38 0.12 -3.24
N PHE B 202 -7.24 0.87 -3.91
CA PHE B 202 -7.04 1.29 -5.29
C PHE B 202 -7.19 2.80 -5.30
N TYR B 203 -6.14 3.49 -5.78
CA TYR B 203 -6.05 4.94 -5.64
C TYR B 203 -6.70 5.71 -6.78
N SER B 204 -6.66 5.13 -7.97
CA SER B 204 -7.30 5.68 -9.16
C SER B 204 -6.68 7.00 -9.58
N ASP B 205 -7.36 7.75 -10.43
CA ASP B 205 -6.88 9.05 -10.87
C ASP B 205 -6.76 9.96 -9.65
N GLU B 206 -5.90 10.97 -9.74
CA GLU B 206 -5.63 11.80 -8.58
C GLU B 206 -6.86 12.60 -8.13
N SER B 207 -7.87 12.69 -9.02
CA SER B 207 -9.14 13.35 -8.70
C SER B 207 -9.91 12.61 -7.59
N LEU B 208 -9.69 11.29 -7.45
CA LEU B 208 -10.42 10.53 -6.43
C LEU B 208 -9.95 10.91 -5.02
N GLN B 209 -10.85 11.50 -4.23
CA GLN B 209 -10.49 12.05 -2.91
C GLN B 209 -10.18 10.96 -1.88
N TYR B 210 -11.05 9.95 -1.78
CA TYR B 210 -10.84 8.77 -0.91
C TYR B 210 -10.51 7.55 -1.74
N PRO B 211 -9.43 6.81 -1.38
CA PRO B 211 -9.14 5.58 -2.11
C PRO B 211 -10.26 4.57 -1.98
N LYS B 212 -10.39 3.73 -3.00
CA LYS B 212 -11.40 2.69 -3.02
C LYS B 212 -10.80 1.43 -2.39
N THR B 213 -11.61 0.68 -1.67
CA THR B 213 -11.17 -0.63 -1.18
C THR B 213 -11.73 -1.69 -2.13
N VAL B 214 -10.82 -2.35 -2.83
CA VAL B 214 -11.19 -3.45 -3.70
C VAL B 214 -11.35 -4.70 -2.82
N ARG B 215 -12.47 -5.40 -2.98
CA ARG B 215 -12.78 -6.59 -2.16
C ARG B 215 -13.12 -7.75 -3.09
N VAL B 216 -12.32 -8.82 -3.03
CA VAL B 216 -12.45 -9.97 -3.96
C VAL B 216 -12.55 -11.27 -3.18
N PRO B 217 -13.62 -12.07 -3.42
CA PRO B 217 -13.61 -13.43 -2.83
C PRO B 217 -12.42 -14.27 -3.35
N TYR B 218 -11.52 -14.62 -2.46
CA TYR B 218 -10.23 -15.22 -2.80
C TYR B 218 -9.90 -16.18 -1.67
N PRO B 219 -9.91 -17.48 -1.94
CA PRO B 219 -9.51 -18.43 -0.88
C PRO B 219 -7.99 -18.61 -0.84
N LYS B 220 -7.37 -18.22 0.26
CA LYS B 220 -5.96 -18.48 0.47
C LYS B 220 -5.85 -19.93 0.95
N ALA B 221 -4.62 -20.45 0.98
CA ALA B 221 -4.43 -21.87 1.22
C ALA B 221 -5.06 -22.30 2.53
N GLY B 222 -5.83 -23.39 2.49
CA GLY B 222 -6.53 -23.93 3.65
C GLY B 222 -7.87 -23.26 3.98
N ALA B 223 -8.17 -22.14 3.33
CA ALA B 223 -9.41 -21.39 3.61
C ALA B 223 -10.67 -22.03 2.99
N VAL B 224 -11.85 -21.46 3.32
CA VAL B 224 -13.11 -21.92 2.72
C VAL B 224 -13.13 -21.62 1.22
N ASN B 225 -13.31 -22.69 0.43
CA ASN B 225 -13.34 -22.64 -1.03
C ASN B 225 -14.75 -22.40 -1.56
N PRO B 226 -14.85 -21.89 -2.82
CA PRO B 226 -16.17 -21.85 -3.45
C PRO B 226 -16.70 -23.28 -3.64
N THR B 227 -18.02 -23.42 -3.63
CA THR B 227 -18.67 -24.69 -3.95
C THR B 227 -19.20 -24.54 -5.34
N VAL B 228 -19.53 -25.65 -6.01
CA VAL B 228 -19.88 -25.61 -7.42
C VAL B 228 -21.02 -26.57 -7.71
N LYS B 229 -21.90 -26.16 -8.62
CA LYS B 229 -22.95 -27.02 -9.16
C LYS B 229 -22.94 -26.92 -10.68
N PHE B 230 -23.49 -27.93 -11.33
CA PHE B 230 -23.45 -28.03 -12.79
C PHE B 230 -24.85 -28.31 -13.32
N PHE B 231 -25.24 -27.59 -14.38
CA PHE B 231 -26.60 -27.66 -14.93
C PHE B 231 -26.59 -27.69 -16.46
N VAL B 232 -27.62 -28.30 -17.06
CA VAL B 232 -27.80 -28.25 -18.50
C VAL B 232 -29.25 -27.82 -18.77
N VAL B 233 -29.42 -26.80 -19.62
CA VAL B 233 -30.75 -26.38 -20.08
C VAL B 233 -30.92 -26.62 -21.59
N ASN B 234 -32.12 -27.00 -21.99
CA ASN B 234 -32.49 -27.19 -23.39
C ASN B 234 -32.98 -25.87 -24.00
N THR B 235 -32.10 -25.22 -24.75
CA THR B 235 -32.44 -23.89 -25.34
C THR B 235 -33.50 -23.97 -26.43
N ASP B 236 -33.68 -25.15 -27.04
CA ASP B 236 -34.73 -25.33 -28.04
C ASP B 236 -36.13 -25.31 -27.44
N SER B 237 -36.22 -25.48 -26.12
CA SER B 237 -37.53 -25.45 -25.44
C SER B 237 -37.91 -24.04 -24.95
N LEU B 238 -36.99 -23.10 -25.06
CA LEU B 238 -37.18 -21.76 -24.48
C LEU B 238 -38.41 -21.03 -24.98
N SER B 239 -38.69 -21.12 -26.28
CA SER B 239 -39.81 -20.39 -26.87
C SER B 239 -41.14 -21.11 -26.66
N SER B 240 -41.10 -22.25 -25.97
CA SER B 240 -42.25 -23.14 -25.77
C SER B 240 -42.77 -23.21 -24.34
N VAL B 241 -41.88 -22.92 -23.37
CA VAL B 241 -42.24 -22.95 -21.96
C VAL B 241 -41.87 -21.62 -21.29
N THR B 242 -42.61 -21.23 -20.26
CA THR B 242 -42.38 -19.93 -19.61
C THR B 242 -41.00 -19.85 -18.95
N ASN B 243 -40.53 -20.99 -18.44
CA ASN B 243 -39.33 -21.04 -17.61
C ASN B 243 -38.70 -22.42 -17.76
N ALA B 244 -37.83 -22.58 -18.75
CA ALA B 244 -37.17 -23.88 -19.01
C ALA B 244 -36.30 -24.34 -17.83
N THR B 245 -36.41 -25.63 -17.50
CA THR B 245 -35.71 -26.19 -16.33
C THR B 245 -34.23 -26.44 -16.62
N SER B 246 -33.37 -25.98 -15.72
CA SER B 246 -31.96 -26.32 -15.73
C SER B 246 -31.84 -27.63 -14.96
N ILE B 247 -31.39 -28.68 -15.64
CA ILE B 247 -31.29 -30.02 -15.05
C ILE B 247 -29.92 -30.08 -14.43
N GLN B 248 -29.86 -30.37 -13.14
CA GLN B 248 -28.57 -30.48 -12.46
C GLN B 248 -27.92 -31.84 -12.71
N ILE B 249 -26.61 -31.82 -12.96
CA ILE B 249 -25.83 -33.05 -12.93
C ILE B 249 -24.95 -33.00 -11.66
N THR B 250 -25.23 -33.90 -10.72
CA THR B 250 -24.52 -33.87 -9.44
C THR B 250 -23.16 -34.59 -9.56
N ALA B 251 -22.17 -34.13 -8.79
CA ALA B 251 -20.86 -34.78 -8.69
C ALA B 251 -21.05 -36.22 -8.16
N PRO B 252 -20.13 -37.15 -8.51
CA PRO B 252 -20.21 -38.51 -7.92
C PRO B 252 -20.02 -38.51 -6.40
N ALA B 253 -20.53 -39.55 -5.72
CA ALA B 253 -20.33 -39.70 -4.27
C ALA B 253 -18.87 -39.58 -3.81
N SER B 254 -17.93 -40.05 -4.63
CA SER B 254 -16.50 -39.98 -4.28
C SER B 254 -15.95 -38.55 -4.20
N MET B 255 -16.68 -37.62 -4.81
CA MET B 255 -16.36 -36.20 -4.73
C MET B 255 -17.15 -35.50 -3.61
N LEU B 256 -18.42 -35.87 -3.51
CA LEU B 256 -19.35 -35.27 -2.52
C LEU B 256 -18.98 -35.51 -1.05
N ILE B 257 -18.18 -36.55 -0.77
CA ILE B 257 -17.67 -36.86 0.58
C ILE B 257 -16.83 -35.70 1.18
N GLY B 258 -16.31 -34.81 0.34
CA GLY B 258 -15.48 -33.71 0.80
C GLY B 258 -15.50 -32.53 -0.16
N ASP B 259 -14.63 -31.55 0.10
CA ASP B 259 -14.41 -30.42 -0.80
C ASP B 259 -13.90 -30.95 -2.15
N HIS B 260 -14.35 -30.33 -3.24
CA HIS B 260 -13.98 -30.78 -4.58
C HIS B 260 -14.11 -29.62 -5.57
N TYR B 261 -13.65 -29.86 -6.79
CA TYR B 261 -13.75 -28.90 -7.89
C TYR B 261 -14.35 -29.56 -9.14
N LEU B 262 -15.05 -28.76 -9.94
CA LEU B 262 -15.32 -29.13 -11.33
C LEU B 262 -14.10 -28.68 -12.14
N CYS B 263 -13.44 -29.58 -12.86
CA CYS B 263 -12.18 -29.16 -13.54
C CYS B 263 -12.18 -29.29 -15.06
N ASP B 264 -13.21 -29.91 -15.64
CA ASP B 264 -13.33 -30.01 -17.08
C ASP B 264 -14.74 -30.29 -17.49
N VAL B 265 -15.16 -29.62 -18.57
CA VAL B 265 -16.44 -29.88 -19.22
C VAL B 265 -16.16 -29.99 -20.72
N THR B 266 -16.54 -31.13 -21.30
CA THR B 266 -16.35 -31.42 -22.72
C THR B 266 -17.57 -32.20 -23.25
N TRP B 267 -18.26 -31.60 -24.20
CA TRP B 267 -19.34 -32.27 -24.95
C TRP B 267 -18.73 -33.36 -25.85
N ALA B 268 -19.36 -34.52 -25.85
CA ALA B 268 -18.92 -35.64 -26.72
C ALA B 268 -19.76 -35.69 -27.99
N THR B 269 -21.09 -35.60 -27.82
CA THR B 269 -22.04 -35.64 -28.93
C THR B 269 -23.16 -34.64 -28.63
N GLN B 270 -24.20 -34.65 -29.45
CA GLN B 270 -25.40 -33.83 -29.25
C GLN B 270 -26.12 -34.11 -27.92
N GLU B 271 -25.96 -35.33 -27.41
CA GLU B 271 -26.71 -35.76 -26.22
C GLU B 271 -25.83 -36.45 -25.18
N ARG B 272 -24.54 -36.16 -25.21
CA ARG B 272 -23.57 -36.80 -24.33
C ARG B 272 -22.53 -35.77 -23.90
N ILE B 273 -22.39 -35.62 -22.60
CA ILE B 273 -21.41 -34.68 -22.05
C ILE B 273 -20.49 -35.35 -21.03
N SER B 274 -19.23 -34.91 -21.03
CA SER B 274 -18.29 -35.43 -20.08
C SER B 274 -17.84 -34.34 -19.12
N LEU B 275 -17.71 -34.73 -17.85
CA LEU B 275 -17.32 -33.81 -16.78
C LEU B 275 -16.22 -34.44 -15.97
N GLN B 276 -15.19 -33.69 -15.66
CA GLN B 276 -14.18 -34.18 -14.74
C GLN B 276 -14.24 -33.42 -13.42
N TRP B 277 -14.21 -34.16 -12.33
CA TRP B 277 -14.22 -33.58 -11.00
C TRP B 277 -12.87 -33.91 -10.33
N LEU B 278 -12.39 -33.02 -9.48
CA LEU B 278 -11.11 -33.18 -8.78
C LEU B 278 -11.33 -32.94 -7.28
N ARG B 279 -10.84 -33.87 -6.44
CA ARG B 279 -10.89 -33.72 -4.99
C ARG B 279 -10.03 -32.53 -4.56
N ARG B 280 -10.38 -31.87 -3.46
CA ARG B 280 -9.55 -30.76 -2.99
C ARG B 280 -8.09 -31.21 -2.77
N ILE B 281 -7.91 -32.44 -2.35
CA ILE B 281 -6.59 -33.09 -2.43
C ILE B 281 -6.44 -33.60 -3.86
N GLN B 282 -5.64 -32.89 -4.64
CA GLN B 282 -5.69 -32.96 -6.09
C GLN B 282 -4.90 -34.11 -6.73
N ASN B 283 -4.95 -35.28 -6.10
CA ASN B 283 -4.34 -36.50 -6.65
C ASN B 283 -5.38 -37.57 -7.02
N TYR B 284 -6.63 -37.15 -7.12
CA TYR B 284 -7.73 -38.06 -7.43
C TYR B 284 -8.79 -37.30 -8.23
N SER B 285 -9.00 -37.74 -9.46
CA SER B 285 -9.95 -37.10 -10.34
C SER B 285 -10.91 -38.15 -10.90
N VAL B 286 -12.13 -37.72 -11.22
CA VAL B 286 -13.16 -38.63 -11.72
C VAL B 286 -13.85 -38.01 -12.94
N MET B 287 -13.86 -38.74 -14.05
CA MET B 287 -14.65 -38.34 -15.22
C MET B 287 -15.99 -39.09 -15.26
N ASP B 288 -17.07 -38.32 -15.34
CA ASP B 288 -18.40 -38.86 -15.58
C ASP B 288 -18.75 -38.63 -17.04
N ILE B 289 -19.43 -39.59 -17.63
CA ILE B 289 -19.91 -39.44 -18.99
C ILE B 289 -21.44 -39.60 -18.97
N CYS B 290 -22.14 -38.52 -19.29
CA CYS B 290 -23.58 -38.43 -19.01
C CYS B 290 -24.42 -38.30 -20.28
N ASP B 291 -25.47 -39.10 -20.37
CA ASP B 291 -26.33 -39.12 -21.55
C ASP B 291 -27.71 -38.52 -21.26
N TYR B 292 -28.21 -37.75 -22.22
CA TYR B 292 -29.59 -37.26 -22.17
C TYR B 292 -30.57 -38.42 -22.31
N ASP B 293 -31.51 -38.49 -21.37
CA ASP B 293 -32.60 -39.45 -21.40
C ASP B 293 -33.87 -38.74 -21.85
N GLU B 294 -34.24 -39.00 -23.10
CA GLU B 294 -35.34 -38.34 -23.79
C GLU B 294 -36.69 -38.48 -23.10
N SER B 295 -36.88 -39.57 -22.35
CA SER B 295 -38.18 -39.88 -21.76
C SER B 295 -38.37 -39.22 -20.39
N SER B 296 -37.27 -39.01 -19.67
CA SER B 296 -37.32 -38.39 -18.36
C SER B 296 -36.88 -36.92 -18.40
N GLY B 297 -36.23 -36.53 -19.49
CA GLY B 297 -35.63 -35.20 -19.59
C GLY B 297 -34.42 -35.00 -18.68
N ARG B 298 -33.94 -36.07 -18.08
CA ARG B 298 -32.76 -36.02 -17.19
C ARG B 298 -31.45 -36.44 -17.89
N TRP B 299 -30.35 -36.21 -17.18
CA TRP B 299 -29.03 -36.61 -17.64
C TRP B 299 -28.49 -37.66 -16.69
N ASN B 300 -28.18 -38.83 -17.22
CA ASN B 300 -27.68 -39.92 -16.38
C ASN B 300 -26.24 -40.28 -16.74
N CYS B 301 -25.43 -40.47 -15.71
CA CYS B 301 -24.02 -40.83 -15.86
C CYS B 301 -23.80 -42.26 -15.35
N LEU B 302 -23.67 -43.21 -16.28
CA LEU B 302 -23.48 -44.62 -15.93
C LEU B 302 -22.12 -44.84 -15.29
N VAL B 303 -22.12 -45.55 -14.17
CA VAL B 303 -20.90 -45.82 -13.46
C VAL B 303 -19.95 -46.64 -14.34
N ALA B 304 -20.50 -47.45 -15.24
CA ALA B 304 -19.70 -48.20 -16.22
C ALA B 304 -18.90 -47.27 -17.17
N ARG B 305 -19.27 -45.99 -17.19
CA ARG B 305 -18.63 -45.00 -18.05
C ARG B 305 -17.80 -44.00 -17.27
N GLN B 306 -17.60 -44.28 -15.98
CA GLN B 306 -16.88 -43.38 -15.10
C GLN B 306 -15.39 -43.75 -15.11
N HIS B 307 -14.52 -42.75 -15.26
CA HIS B 307 -13.08 -43.00 -15.38
C HIS B 307 -12.31 -42.29 -14.28
N ILE B 308 -11.51 -43.06 -13.53
CA ILE B 308 -10.69 -42.54 -12.43
C ILE B 308 -9.31 -42.18 -12.97
N GLU B 309 -8.80 -41.01 -12.58
CA GLU B 309 -7.43 -40.62 -12.89
C GLU B 309 -6.78 -40.12 -11.61
N MET B 310 -5.76 -40.84 -11.15
CA MET B 310 -5.11 -40.52 -9.88
C MET B 310 -3.57 -40.53 -9.98
N SER B 311 -2.91 -39.92 -9.01
CA SER B 311 -1.45 -39.95 -8.97
C SER B 311 -0.96 -40.38 -7.61
N THR B 312 0.02 -41.29 -7.63
CA THR B 312 0.69 -41.78 -6.42
C THR B 312 1.89 -40.91 -6.05
N THR B 313 2.43 -40.19 -7.03
CA THR B 313 3.65 -39.40 -6.85
C THR B 313 3.43 -37.88 -6.76
N GLY B 314 2.33 -37.37 -7.29
CA GLY B 314 2.08 -35.95 -7.26
C GLY B 314 0.61 -35.63 -7.38
N TRP B 315 0.32 -34.58 -8.12
CA TRP B 315 -1.03 -34.15 -8.41
C TRP B 315 -1.45 -34.75 -9.77
N VAL B 316 -2.71 -34.56 -10.15
CA VAL B 316 -3.21 -35.05 -11.45
C VAL B 316 -3.08 -33.94 -12.52
N GLY B 317 -2.45 -34.28 -13.64
CA GLY B 317 -2.29 -33.36 -14.75
C GLY B 317 -1.07 -32.45 -14.60
N ARG B 318 -0.80 -31.66 -15.61
CA ARG B 318 0.29 -30.68 -15.52
C ARG B 318 -0.12 -29.55 -14.56
N PHE B 319 -1.23 -28.89 -14.84
CA PHE B 319 -1.82 -27.89 -13.97
C PHE B 319 -3.24 -28.26 -13.63
N ARG B 320 -3.79 -29.24 -14.35
CA ARG B 320 -5.14 -29.80 -14.12
C ARG B 320 -5.30 -31.04 -14.99
N PRO B 321 -6.27 -31.91 -14.65
CA PRO B 321 -6.47 -33.06 -15.55
C PRO B 321 -6.71 -32.65 -16.98
N SER B 322 -6.17 -33.42 -17.92
CA SER B 322 -6.23 -33.10 -19.34
C SER B 322 -7.64 -33.26 -19.92
N GLU B 323 -7.90 -32.60 -21.04
CA GLU B 323 -9.20 -32.71 -21.67
C GLU B 323 -9.32 -33.94 -22.58
N PRO B 324 -10.52 -34.54 -22.63
CA PRO B 324 -10.70 -35.67 -23.53
C PRO B 324 -10.98 -35.17 -24.95
N HIS B 325 -10.61 -35.98 -25.94
CA HIS B 325 -10.92 -35.68 -27.34
C HIS B 325 -11.72 -36.85 -27.90
N PHE B 326 -13.02 -36.63 -28.10
CA PHE B 326 -13.94 -37.69 -28.48
C PHE B 326 -13.94 -37.94 -29.97
N THR B 327 -14.03 -39.22 -30.32
CA THR B 327 -14.31 -39.64 -31.69
C THR B 327 -15.74 -39.18 -32.03
N LEU B 328 -16.01 -39.00 -33.32
CA LEU B 328 -17.29 -38.44 -33.79
C LEU B 328 -18.52 -39.09 -33.16
N ASP B 329 -18.55 -40.44 -33.13
CA ASP B 329 -19.67 -41.16 -32.49
C ASP B 329 -19.75 -41.02 -30.95
N GLY B 330 -18.76 -40.37 -30.36
CA GLY B 330 -18.72 -40.20 -28.89
C GLY B 330 -18.58 -41.48 -28.08
N ASN B 331 -18.18 -42.58 -28.70
CA ASN B 331 -18.03 -43.87 -28.02
C ASN B 331 -16.59 -44.15 -27.56
N SER B 332 -15.67 -43.27 -27.93
CA SER B 332 -14.30 -43.37 -27.47
C SER B 332 -13.67 -42.01 -27.45
N PHE B 333 -12.56 -41.89 -26.72
CA PHE B 333 -11.87 -40.63 -26.66
C PHE B 333 -10.38 -40.85 -26.43
N TYR B 334 -9.60 -39.82 -26.76
CA TYR B 334 -8.16 -39.79 -26.56
C TYR B 334 -7.86 -38.77 -25.47
N LYS B 335 -6.86 -39.04 -24.64
CA LYS B 335 -6.55 -38.21 -23.50
C LYS B 335 -5.05 -38.33 -23.18
N ILE B 336 -4.38 -37.22 -22.90
CA ILE B 336 -3.00 -37.25 -22.47
C ILE B 336 -2.98 -37.58 -21.00
N ILE B 337 -2.26 -38.64 -20.65
CA ILE B 337 -2.11 -39.05 -19.27
C ILE B 337 -0.70 -39.58 -19.05
N SER B 338 -0.26 -39.53 -17.80
CA SER B 338 1.06 -39.99 -17.42
C SER B 338 1.09 -41.52 -17.48
N ASN B 339 2.03 -42.07 -18.27
CA ASN B 339 2.16 -43.52 -18.37
C ASN B 339 2.86 -44.12 -17.13
N GLU B 340 3.11 -45.43 -17.17
CA GLU B 340 3.77 -46.16 -16.07
C GLU B 340 5.19 -45.67 -15.76
N GLU B 341 5.87 -45.10 -16.75
CA GLU B 341 7.22 -44.53 -16.59
C GLU B 341 7.19 -43.03 -16.21
N GLY B 342 6.00 -42.49 -16.02
CA GLY B 342 5.84 -41.08 -15.65
C GLY B 342 5.85 -40.10 -16.82
N TYR B 343 5.80 -40.59 -18.06
CA TYR B 343 5.76 -39.70 -19.24
C TYR B 343 4.36 -39.54 -19.79
N ARG B 344 4.01 -38.30 -20.10
CA ARG B 344 2.67 -37.97 -20.60
C ARG B 344 2.51 -38.32 -22.09
N HIS B 345 1.58 -39.25 -22.33
CA HIS B 345 1.32 -39.80 -23.65
C HIS B 345 -0.17 -39.94 -23.91
N ILE B 346 -0.53 -40.15 -25.19
CA ILE B 346 -1.92 -40.24 -25.56
C ILE B 346 -2.45 -41.65 -25.29
N CYS B 347 -3.52 -41.70 -24.50
CA CYS B 347 -4.20 -42.94 -24.19
C CYS B 347 -5.56 -42.91 -24.87
N TYR B 348 -5.94 -44.06 -25.43
CA TYR B 348 -7.20 -44.25 -26.13
C TYR B 348 -8.18 -45.08 -25.27
N PHE B 349 -9.33 -44.49 -25.00
CA PHE B 349 -10.35 -45.07 -24.12
C PHE B 349 -11.62 -45.45 -24.91
N GLN B 350 -12.23 -46.59 -24.59
CA GLN B 350 -13.64 -46.82 -24.93
C GLN B 350 -14.44 -46.27 -23.76
N ILE B 351 -15.56 -45.60 -24.01
CA ILE B 351 -16.25 -44.89 -22.93
C ILE B 351 -16.69 -45.81 -21.78
N ASP B 352 -16.93 -47.08 -22.08
CA ASP B 352 -17.39 -48.02 -21.06
C ASP B 352 -16.39 -49.14 -20.72
N LYS B 353 -15.10 -48.87 -20.95
CA LYS B 353 -14.03 -49.77 -20.54
C LYS B 353 -13.00 -48.98 -19.74
N LYS B 354 -12.62 -49.51 -18.59
CA LYS B 354 -11.78 -48.75 -17.66
C LYS B 354 -10.30 -48.70 -18.05
N ASP B 355 -9.84 -49.70 -18.79
CA ASP B 355 -8.43 -49.72 -19.21
C ASP B 355 -8.26 -49.08 -20.58
N CYS B 356 -7.34 -48.13 -20.66
CA CYS B 356 -7.05 -47.46 -21.93
C CYS B 356 -5.83 -48.08 -22.62
N THR B 357 -5.62 -47.70 -23.87
CA THR B 357 -4.47 -48.16 -24.64
C THR B 357 -3.61 -46.96 -25.03
N PHE B 358 -2.35 -47.00 -24.61
CA PHE B 358 -1.41 -45.95 -24.96
C PHE B 358 -1.05 -46.04 -26.44
N ILE B 359 -1.20 -44.94 -27.16
CA ILE B 359 -0.91 -44.97 -28.59
C ILE B 359 0.42 -44.30 -28.94
N THR B 360 0.98 -43.58 -27.97
CA THR B 360 2.34 -43.06 -28.10
C THR B 360 3.15 -43.51 -26.88
N LYS B 361 4.47 -43.59 -27.01
CA LYS B 361 5.33 -43.89 -25.87
C LYS B 361 6.76 -43.41 -26.09
N GLY B 362 7.55 -43.40 -25.03
CA GLY B 362 8.95 -42.99 -25.13
C GLY B 362 9.29 -41.98 -24.05
N THR B 363 10.57 -41.62 -24.00
CA THR B 363 11.07 -40.74 -22.96
C THR B 363 11.04 -39.30 -23.47
N TRP B 364 9.81 -38.80 -23.61
CA TRP B 364 9.49 -37.47 -24.12
C TRP B 364 7.99 -37.38 -23.88
N GLU B 365 7.40 -36.21 -24.12
CA GLU B 365 5.99 -36.05 -23.79
C GLU B 365 5.16 -35.41 -24.91
N VAL B 366 3.90 -35.81 -24.98
CA VAL B 366 2.88 -35.12 -25.78
C VAL B 366 2.45 -33.86 -25.03
N ILE B 367 2.53 -32.73 -25.73
CA ILE B 367 2.19 -31.42 -25.19
C ILE B 367 0.67 -31.18 -25.31
N GLY B 368 0.09 -31.48 -26.46
CA GLY B 368 -1.35 -31.33 -26.67
C GLY B 368 -1.85 -32.11 -27.87
N ILE B 369 -3.12 -32.48 -27.82
CA ILE B 369 -3.81 -33.05 -28.98
C ILE B 369 -4.46 -31.87 -29.72
N GLU B 370 -4.18 -31.74 -31.02
CA GLU B 370 -4.54 -30.54 -31.79
C GLU B 370 -5.75 -30.72 -32.69
N ALA B 371 -5.91 -31.93 -33.22
CA ALA B 371 -7.06 -32.22 -34.09
C ALA B 371 -7.24 -33.74 -34.18
N LEU B 372 -8.46 -34.13 -34.53
CA LEU B 372 -8.84 -35.52 -34.64
C LEU B 372 -9.81 -35.64 -35.79
N THR B 373 -9.45 -36.47 -36.76
CA THR B 373 -10.32 -36.82 -37.87
C THR B 373 -10.61 -38.32 -37.79
N SER B 374 -11.50 -38.81 -38.67
CA SER B 374 -11.79 -40.24 -38.73
C SER B 374 -10.54 -41.13 -38.95
N ASP B 375 -9.48 -40.56 -39.54
CA ASP B 375 -8.29 -41.33 -39.94
C ASP B 375 -7.02 -41.01 -39.15
N TYR B 376 -6.92 -39.79 -38.61
CA TYR B 376 -5.68 -39.30 -38.01
C TYR B 376 -5.90 -38.49 -36.74
N LEU B 377 -4.97 -38.64 -35.81
CA LEU B 377 -4.87 -37.72 -34.68
C LEU B 377 -3.59 -36.88 -34.86
N TYR B 378 -3.73 -35.58 -34.63
CA TYR B 378 -2.63 -34.62 -34.75
C TYR B 378 -2.30 -34.09 -33.38
N TYR B 379 -1.01 -34.10 -33.04
CA TYR B 379 -0.59 -33.72 -31.72
C TYR B 379 0.77 -33.00 -31.72
N ILE B 380 1.03 -32.20 -30.70
CA ILE B 380 2.34 -31.56 -30.54
C ILE B 380 3.14 -32.31 -29.49
N SER B 381 4.42 -32.53 -29.77
CA SER B 381 5.30 -33.14 -28.77
C SER B 381 6.70 -32.55 -28.85
N ASN B 382 7.50 -32.92 -27.84
CA ASN B 382 8.92 -32.57 -27.80
C ASN B 382 9.83 -33.77 -28.12
N GLU B 383 9.31 -34.70 -28.94
CA GLU B 383 10.08 -35.89 -29.28
C GLU B 383 11.33 -35.57 -30.09
N TYR B 384 11.20 -34.66 -31.07
CA TYR B 384 12.28 -34.42 -32.03
C TYR B 384 13.60 -34.13 -31.35
N LYS B 385 14.60 -34.94 -31.69
CA LYS B 385 15.98 -34.83 -31.21
C LYS B 385 16.13 -34.89 -29.68
N GLY B 386 15.14 -35.45 -28.99
CA GLY B 386 15.18 -35.54 -27.52
C GLY B 386 15.33 -34.19 -26.85
N MET B 387 14.72 -33.15 -27.45
CA MET B 387 14.85 -31.79 -26.93
C MET B 387 13.54 -31.37 -26.26
N PRO B 388 13.51 -31.36 -24.90
CA PRO B 388 12.25 -31.08 -24.20
C PRO B 388 11.73 -29.70 -24.45
N GLY B 389 12.61 -28.81 -24.91
CA GLY B 389 12.28 -27.41 -25.15
C GLY B 389 11.94 -27.09 -26.59
N GLY B 390 11.88 -28.11 -27.45
CA GLY B 390 11.37 -28.02 -28.81
C GLY B 390 9.92 -28.49 -28.90
N ARG B 391 9.21 -28.09 -29.96
CA ARG B 391 7.81 -28.47 -30.18
C ARG B 391 7.61 -28.75 -31.67
N ASN B 392 7.03 -29.92 -31.99
CA ASN B 392 6.73 -30.25 -33.38
C ASN B 392 5.36 -30.91 -33.54
N LEU B 393 4.78 -30.75 -34.73
CA LEU B 393 3.49 -31.35 -35.07
C LEU B 393 3.67 -32.74 -35.68
N TYR B 394 2.92 -33.69 -35.14
CA TYR B 394 2.93 -35.07 -35.62
C TYR B 394 1.51 -35.50 -35.97
N LYS B 395 1.43 -36.55 -36.79
CA LYS B 395 0.18 -37.07 -37.28
C LYS B 395 0.27 -38.59 -37.10
N ILE B 396 -0.69 -39.18 -36.41
CA ILE B 396 -0.68 -40.64 -36.21
C ILE B 396 -1.88 -41.29 -36.88
N GLN B 397 -1.61 -42.38 -37.62
CA GLN B 397 -2.67 -43.11 -38.30
C GLN B 397 -3.45 -43.95 -37.28
N LEU B 398 -4.76 -43.72 -37.23
CA LEU B 398 -5.59 -44.34 -36.20
C LEU B 398 -5.75 -45.86 -36.43
N SER B 399 -5.71 -46.28 -37.70
CA SER B 399 -5.78 -47.70 -38.04
C SER B 399 -4.41 -48.41 -37.98
N ASP B 400 -3.34 -47.66 -37.69
CA ASP B 400 -1.99 -48.23 -37.59
C ASP B 400 -1.08 -47.28 -36.82
N TYR B 401 -0.94 -47.52 -35.52
CA TYR B 401 -0.18 -46.61 -34.63
C TYR B 401 1.32 -46.54 -34.89
N THR B 402 1.85 -47.47 -35.68
CA THR B 402 3.26 -47.47 -36.04
C THR B 402 3.53 -46.41 -37.12
N LYS B 403 2.45 -45.89 -37.69
CA LYS B 403 2.57 -44.89 -38.75
C LYS B 403 2.44 -43.50 -38.12
N VAL B 404 3.59 -42.92 -37.79
CA VAL B 404 3.64 -41.59 -37.16
C VAL B 404 4.53 -40.72 -38.02
N THR B 405 3.97 -39.62 -38.51
CA THR B 405 4.69 -38.73 -39.40
C THR B 405 4.95 -37.42 -38.66
N CYS B 406 6.20 -36.95 -38.65
CA CYS B 406 6.46 -35.60 -38.18
C CYS B 406 6.16 -34.61 -39.32
N LEU B 407 5.18 -33.74 -39.08
CA LEU B 407 4.74 -32.81 -40.13
C LEU B 407 5.60 -31.56 -40.22
N SER B 408 6.26 -31.19 -39.12
CA SER B 408 6.99 -29.92 -39.07
C SER B 408 8.51 -30.05 -38.89
N CYS B 409 8.97 -31.20 -38.41
CA CYS B 409 10.39 -31.39 -37.98
C CYS B 409 11.42 -30.87 -38.96
N GLU B 410 11.22 -31.22 -40.23
CA GLU B 410 12.24 -31.02 -41.28
C GLU B 410 11.93 -29.87 -42.21
N LEU B 411 10.89 -29.10 -41.92
CA LEU B 411 10.53 -27.98 -42.79
C LEU B 411 11.65 -26.94 -42.92
N ASN B 412 12.12 -26.43 -41.79
CA ASN B 412 13.37 -25.63 -41.74
C ASN B 412 14.01 -25.93 -40.39
N PRO B 413 14.80 -27.01 -40.30
CA PRO B 413 15.29 -27.51 -39.01
C PRO B 413 16.20 -26.54 -38.24
N GLU B 414 16.90 -25.67 -38.98
CA GLU B 414 17.81 -24.69 -38.41
C GLU B 414 17.04 -23.50 -37.84
N ARG B 415 16.03 -23.07 -38.58
CA ARG B 415 15.24 -21.91 -38.22
C ARG B 415 14.08 -22.22 -37.28
N CYS B 416 13.58 -23.45 -37.34
CA CYS B 416 12.28 -23.76 -36.75
C CYS B 416 12.25 -25.06 -35.96
N GLN B 417 12.17 -24.92 -34.64
CA GLN B 417 12.21 -26.05 -33.73
C GLN B 417 11.08 -25.95 -32.68
N TYR B 418 10.26 -24.91 -32.78
CA TYR B 418 9.14 -24.71 -31.85
C TYR B 418 7.89 -24.30 -32.63
N TYR B 419 6.95 -25.22 -32.74
CA TYR B 419 5.75 -25.01 -33.53
C TYR B 419 4.50 -25.05 -32.67
N SER B 420 3.53 -24.21 -33.02
CA SER B 420 2.12 -24.42 -32.67
C SER B 420 1.36 -24.45 -33.99
N VAL B 421 0.09 -24.84 -33.94
CA VAL B 421 -0.67 -25.08 -35.15
C VAL B 421 -2.10 -24.56 -35.00
N SER B 422 -2.72 -24.22 -36.13
CA SER B 422 -4.11 -23.82 -36.20
C SER B 422 -4.82 -24.46 -37.38
N PHE B 423 -5.68 -25.42 -37.07
CA PHE B 423 -6.42 -26.19 -38.07
C PHE B 423 -7.70 -25.48 -38.46
N SER B 424 -8.11 -25.64 -39.72
CA SER B 424 -9.40 -25.18 -40.18
C SER B 424 -10.51 -26.02 -39.51
N LYS B 425 -11.78 -25.66 -39.75
CA LYS B 425 -12.90 -26.22 -38.97
C LYS B 425 -13.00 -27.74 -38.94
N GLU B 426 -12.78 -28.37 -40.10
CA GLU B 426 -12.77 -29.84 -40.19
C GLU B 426 -11.36 -30.35 -40.56
N ALA B 427 -10.34 -29.57 -40.16
CA ALA B 427 -8.92 -29.89 -40.34
C ALA B 427 -8.44 -30.10 -41.78
N LYS B 428 -9.13 -29.48 -42.74
CA LYS B 428 -8.74 -29.55 -44.14
C LYS B 428 -7.43 -28.79 -44.41
N TYR B 429 -7.17 -27.74 -43.60
CA TYR B 429 -5.94 -26.95 -43.71
C TYR B 429 -5.34 -26.74 -42.34
N TYR B 430 -4.04 -26.47 -42.30
CA TYR B 430 -3.42 -26.03 -41.06
C TYR B 430 -2.40 -24.92 -41.25
N GLN B 431 -2.40 -23.99 -40.31
CA GLN B 431 -1.40 -22.94 -40.25
C GLN B 431 -0.37 -23.40 -39.24
N LEU B 432 0.88 -23.46 -39.67
CA LEU B 432 1.98 -23.68 -38.76
C LEU B 432 2.56 -22.36 -38.30
N ARG B 433 2.80 -22.26 -36.99
CA ARG B 433 3.45 -21.09 -36.40
C ARG B 433 4.77 -21.50 -35.78
N CYS B 434 5.86 -21.19 -36.48
CA CYS B 434 7.20 -21.42 -35.94
C CYS B 434 7.60 -20.19 -35.10
N SER B 435 7.97 -20.41 -33.85
CA SER B 435 8.36 -19.29 -33.00
C SER B 435 9.85 -19.23 -32.64
N GLY B 436 10.65 -20.14 -33.19
CA GLY B 436 12.10 -20.10 -32.98
C GLY B 436 12.80 -21.39 -33.39
N PRO B 437 14.14 -21.44 -33.27
CA PRO B 437 15.06 -20.40 -32.74
C PRO B 437 15.35 -19.19 -33.66
N GLY B 438 14.98 -19.25 -34.93
CA GLY B 438 15.14 -18.12 -35.84
C GLY B 438 13.92 -17.22 -35.76
N LEU B 439 13.79 -16.29 -36.68
CA LEU B 439 12.62 -15.39 -36.69
C LEU B 439 11.32 -16.18 -36.90
N PRO B 440 10.23 -15.82 -36.18
CA PRO B 440 8.97 -16.55 -36.43
C PRO B 440 8.58 -16.61 -37.90
N LEU B 441 8.03 -17.76 -38.28
CA LEU B 441 7.65 -18.06 -39.65
C LEU B 441 6.25 -18.66 -39.67
N TYR B 442 5.37 -18.07 -40.48
CA TYR B 442 3.98 -18.52 -40.53
C TYR B 442 3.69 -19.05 -41.92
N THR B 443 3.15 -20.26 -41.97
CA THR B 443 2.99 -20.98 -43.24
C THR B 443 1.63 -21.68 -43.27
N LEU B 444 1.10 -21.90 -44.47
CA LEU B 444 -0.19 -22.58 -44.63
C LEU B 444 0.00 -23.92 -45.35
N HIS B 445 -0.76 -24.92 -44.94
CA HIS B 445 -0.57 -26.28 -45.47
C HIS B 445 -1.91 -26.92 -45.71
N SER B 446 -1.97 -27.85 -46.68
CA SER B 446 -3.19 -28.66 -46.88
C SER B 446 -3.06 -30.06 -46.25
N SER B 447 -4.07 -30.47 -45.50
CA SER B 447 -4.04 -31.74 -44.78
C SER B 447 -4.15 -32.98 -45.70
N VAL B 448 -4.75 -32.79 -46.87
CA VAL B 448 -5.03 -33.89 -47.81
C VAL B 448 -3.75 -34.55 -48.32
N ASN B 449 -2.69 -33.75 -48.45
CA ASN B 449 -1.40 -34.20 -48.97
C ASN B 449 -0.20 -33.69 -48.16
N ASP B 450 -0.47 -32.95 -47.09
CA ASP B 450 0.56 -32.29 -46.24
C ASP B 450 1.56 -31.44 -47.02
N LYS B 451 1.10 -30.81 -48.09
CA LYS B 451 1.96 -29.95 -48.88
C LYS B 451 1.87 -28.54 -48.37
N GLY B 452 2.98 -27.81 -48.47
CA GLY B 452 3.01 -26.40 -48.09
C GLY B 452 2.30 -25.64 -49.20
N LEU B 453 1.35 -24.81 -48.81
CA LEU B 453 0.62 -24.00 -49.78
C LEU B 453 1.33 -22.67 -50.02
N ARG B 454 1.70 -21.99 -48.94
CA ARG B 454 2.39 -20.69 -49.06
C ARG B 454 2.92 -20.23 -47.72
N VAL B 455 3.87 -19.31 -47.77
CA VAL B 455 4.39 -18.63 -46.61
C VAL B 455 3.46 -17.45 -46.34
N LEU B 456 2.99 -17.31 -45.11
CA LEU B 456 2.07 -16.24 -44.77
C LEU B 456 2.82 -14.98 -44.28
N GLU B 457 3.81 -15.20 -43.42
CA GLU B 457 4.66 -14.14 -42.88
C GLU B 457 6.00 -14.75 -42.53
N ASP B 458 7.08 -14.19 -43.09
CA ASP B 458 8.43 -14.70 -42.87
C ASP B 458 9.34 -13.76 -42.08
N ASN B 459 8.79 -12.63 -41.63
CA ASN B 459 9.57 -11.60 -40.92
C ASN B 459 10.83 -11.12 -41.65
N SER B 460 10.78 -11.05 -42.97
CA SER B 460 11.91 -10.54 -43.77
C SER B 460 12.21 -9.05 -43.50
N ALA B 461 11.16 -8.28 -43.19
CA ALA B 461 11.32 -6.86 -42.79
C ALA B 461 12.22 -6.75 -41.57
N LEU B 462 11.86 -7.47 -40.50
CA LEU B 462 12.67 -7.55 -39.28
C LEU B 462 14.08 -8.11 -39.48
N ASP B 463 14.20 -9.20 -40.23
CA ASP B 463 15.50 -9.74 -40.60
C ASP B 463 16.40 -8.61 -41.15
N LYS B 464 15.87 -7.85 -42.11
CA LYS B 464 16.59 -6.75 -42.73
C LYS B 464 17.07 -5.74 -41.66
N MET B 465 16.15 -5.32 -40.79
CA MET B 465 16.49 -4.42 -39.69
C MET B 465 17.62 -4.97 -38.80
N LEU B 466 17.43 -6.21 -38.32
CA LEU B 466 18.37 -6.85 -37.40
C LEU B 466 19.79 -7.09 -37.94
N GLN B 467 19.93 -7.03 -39.27
CA GLN B 467 21.24 -7.14 -39.92
C GLN B 467 22.19 -6.01 -39.51
N ASN B 468 21.62 -4.85 -39.17
CA ASN B 468 22.39 -3.67 -38.80
C ASN B 468 22.62 -3.56 -37.29
N VAL B 469 22.30 -4.62 -36.57
CA VAL B 469 22.37 -4.63 -35.09
C VAL B 469 23.26 -5.78 -34.60
N GLN B 470 24.10 -5.48 -33.62
CA GLN B 470 24.89 -6.50 -32.93
C GLN B 470 24.01 -7.33 -32.00
N MET B 471 23.36 -8.35 -32.55
CA MET B 471 22.42 -9.15 -31.78
C MET B 471 23.17 -10.18 -30.95
N PRO B 472 22.62 -10.56 -29.78
CA PRO B 472 23.22 -11.62 -29.00
C PRO B 472 22.88 -12.98 -29.60
N SER B 473 23.54 -14.04 -29.14
CA SER B 473 23.20 -15.39 -29.55
C SER B 473 22.56 -16.14 -28.39
N LYS B 474 22.02 -17.32 -28.67
CA LYS B 474 21.40 -18.13 -27.65
C LYS B 474 21.94 -19.55 -27.72
N LYS B 475 22.46 -20.04 -26.60
CA LYS B 475 22.89 -21.42 -26.46
C LYS B 475 21.85 -22.21 -25.67
N LEU B 476 21.45 -23.36 -26.22
CA LEU B 476 20.57 -24.28 -25.53
C LEU B 476 21.30 -25.61 -25.41
N ASP B 477 21.51 -26.05 -24.17
CA ASP B 477 22.29 -27.24 -23.88
C ASP B 477 21.87 -27.84 -22.54
N PHE B 478 22.55 -28.89 -22.11
CA PHE B 478 22.23 -29.53 -20.84
C PHE B 478 23.48 -29.80 -20.03
N ILE B 479 23.28 -29.98 -18.74
CA ILE B 479 24.30 -30.48 -17.85
C ILE B 479 23.76 -31.75 -17.21
N ILE B 480 24.65 -32.68 -16.86
CA ILE B 480 24.23 -33.91 -16.20
C ILE B 480 24.48 -33.80 -14.69
N LEU B 481 23.40 -33.88 -13.92
CA LEU B 481 23.45 -33.94 -12.45
C LEU B 481 22.78 -35.22 -11.96
N ASN B 482 23.50 -36.00 -11.17
CA ASN B 482 23.00 -37.26 -10.62
C ASN B 482 22.40 -38.17 -11.69
N GLU B 483 23.14 -38.29 -12.79
CA GLU B 483 22.77 -39.11 -13.96
C GLU B 483 21.48 -38.67 -14.69
N THR B 484 21.07 -37.42 -14.46
CA THR B 484 19.91 -36.83 -15.15
C THR B 484 20.35 -35.56 -15.90
N LYS B 485 19.84 -35.42 -17.13
CA LYS B 485 20.05 -34.22 -17.94
C LYS B 485 19.12 -33.11 -17.48
N PHE B 486 19.71 -31.96 -17.20
CA PHE B 486 18.97 -30.76 -16.88
C PHE B 486 19.36 -29.66 -17.85
N TRP B 487 18.35 -29.07 -18.49
CA TRP B 487 18.60 -28.17 -19.62
C TRP B 487 18.74 -26.71 -19.18
N TYR B 488 19.55 -25.94 -19.89
CA TYR B 488 19.73 -24.54 -19.60
C TYR B 488 19.84 -23.79 -20.92
N GLN B 489 19.58 -22.49 -20.86
CA GLN B 489 19.87 -21.64 -22.00
C GLN B 489 20.69 -20.46 -21.54
N MET B 490 21.47 -19.91 -22.46
CA MET B 490 22.22 -18.70 -22.21
C MET B 490 22.00 -17.71 -23.34
N ILE B 491 21.64 -16.48 -22.98
CA ILE B 491 21.69 -15.35 -23.92
C ILE B 491 23.12 -14.79 -23.81
N LEU B 492 23.88 -14.93 -24.88
CA LEU B 492 25.29 -14.58 -24.87
C LEU B 492 25.53 -13.28 -25.64
N PRO B 493 26.33 -12.36 -25.08
CA PRO B 493 26.69 -11.13 -25.80
C PRO B 493 27.24 -11.36 -27.21
N PRO B 494 27.05 -10.38 -28.11
CA PRO B 494 27.68 -10.42 -29.43
C PRO B 494 29.19 -10.64 -29.28
N HIS B 495 29.80 -11.36 -30.22
CA HIS B 495 31.27 -11.59 -30.21
C HIS B 495 31.72 -12.29 -28.93
N PHE B 496 30.85 -13.15 -28.39
CA PHE B 496 31.12 -13.88 -27.16
C PHE B 496 32.51 -14.50 -27.20
N ASP B 497 33.32 -14.19 -26.19
CA ASP B 497 34.68 -14.69 -26.12
C ASP B 497 34.87 -15.55 -24.87
N LYS B 498 34.96 -16.87 -25.09
CA LYS B 498 35.10 -17.87 -24.03
C LYS B 498 36.31 -17.65 -23.09
N SER B 499 37.28 -16.88 -23.57
CA SER B 499 38.49 -16.58 -22.79
C SER B 499 38.30 -15.40 -21.83
N LYS B 500 37.11 -14.81 -21.84
CA LYS B 500 36.77 -13.68 -20.98
C LYS B 500 35.79 -14.08 -19.89
N LYS B 501 35.73 -13.28 -18.83
CA LYS B 501 34.85 -13.51 -17.70
C LYS B 501 33.72 -12.47 -17.75
N TYR B 502 32.50 -12.94 -17.95
CA TYR B 502 31.35 -12.07 -18.11
C TYR B 502 30.53 -12.03 -16.82
N PRO B 503 29.90 -10.87 -16.54
CA PRO B 503 28.87 -10.91 -15.48
C PRO B 503 27.71 -11.81 -15.92
N LEU B 504 27.08 -12.51 -14.98
CA LEU B 504 25.96 -13.40 -15.28
C LEU B 504 24.72 -13.03 -14.48
N LEU B 505 23.58 -12.94 -15.18
CA LEU B 505 22.27 -12.80 -14.55
C LEU B 505 21.48 -14.09 -14.74
N LEU B 506 21.10 -14.72 -13.64
CA LEU B 506 20.24 -15.89 -13.69
C LEU B 506 18.78 -15.44 -13.72
N ASP B 507 18.10 -15.70 -14.83
CA ASP B 507 16.69 -15.35 -15.03
C ASP B 507 15.86 -16.56 -14.60
N VAL B 508 15.07 -16.40 -13.53
CA VAL B 508 14.47 -17.54 -12.84
C VAL B 508 12.95 -17.49 -12.89
N TYR B 509 12.35 -18.64 -13.16
CA TYR B 509 10.93 -18.84 -12.82
C TYR B 509 10.84 -20.05 -11.89
N ALA B 510 11.03 -21.25 -12.45
CA ALA B 510 11.27 -22.50 -11.69
C ALA B 510 10.04 -23.03 -10.95
N GLY B 511 8.86 -22.55 -11.30
CA GLY B 511 7.63 -23.11 -10.76
C GLY B 511 7.39 -24.54 -11.23
N PRO B 512 6.41 -25.21 -10.62
CA PRO B 512 6.17 -26.62 -11.01
C PRO B 512 5.64 -26.69 -12.44
N CYS B 513 6.18 -27.64 -13.21
CA CYS B 513 5.93 -27.75 -14.64
C CYS B 513 6.39 -26.55 -15.49
N SER B 514 7.33 -25.77 -15.00
CA SER B 514 7.83 -24.63 -15.78
C SER B 514 8.87 -25.07 -16.80
N GLN B 515 9.11 -24.23 -17.79
CA GLN B 515 10.18 -24.45 -18.73
C GLN B 515 10.74 -23.13 -19.16
N LYS B 516 11.98 -22.85 -18.74
CA LYS B 516 12.67 -21.61 -19.11
C LYS B 516 13.82 -21.85 -20.08
N ALA B 517 14.11 -23.10 -20.41
CA ALA B 517 15.11 -23.43 -21.42
C ALA B 517 14.38 -23.98 -22.65
N ASP B 518 14.35 -23.18 -23.71
CA ASP B 518 13.62 -23.60 -24.91
C ASP B 518 14.23 -23.01 -26.18
N THR B 519 13.56 -23.25 -27.30
CA THR B 519 14.04 -22.84 -28.62
C THR B 519 13.29 -21.61 -29.16
N VAL B 520 12.68 -20.82 -28.28
CA VAL B 520 11.87 -19.68 -28.74
C VAL B 520 12.74 -18.45 -28.96
N PHE B 521 12.51 -17.77 -30.08
CA PHE B 521 13.14 -16.48 -30.35
C PHE B 521 12.44 -15.37 -29.57
N ARG B 522 13.20 -14.65 -28.75
CA ARG B 522 12.62 -13.53 -27.97
C ARG B 522 13.43 -12.27 -28.15
N LEU B 523 12.73 -11.12 -28.20
CA LEU B 523 13.32 -9.80 -28.13
C LEU B 523 12.79 -9.20 -26.81
N ASN B 524 13.65 -9.15 -25.80
CA ASN B 524 13.21 -8.79 -24.46
C ASN B 524 14.32 -8.06 -23.69
N TRP B 525 14.15 -7.94 -22.37
CA TRP B 525 15.14 -7.28 -21.51
C TRP B 525 16.49 -8.00 -21.58
N ALA B 526 16.48 -9.34 -21.50
CA ALA B 526 17.71 -10.13 -21.68
C ALA B 526 18.48 -9.81 -22.96
N THR B 527 17.75 -9.55 -24.06
CA THR B 527 18.38 -9.19 -25.35
C THR B 527 19.23 -7.93 -25.19
N TYR B 528 18.66 -6.92 -24.55
CA TYR B 528 19.40 -5.68 -24.25
C TYR B 528 20.59 -5.93 -23.30
N LEU B 529 20.37 -6.69 -22.23
CA LEU B 529 21.41 -6.93 -21.24
C LEU B 529 22.61 -7.61 -21.88
N ALA B 530 22.35 -8.62 -22.71
CA ALA B 530 23.42 -9.27 -23.47
C ALA B 530 24.02 -8.37 -24.56
N SER B 531 23.17 -7.77 -25.40
CA SER B 531 23.64 -6.97 -26.55
C SER B 531 24.38 -5.69 -26.18
N THR B 532 23.77 -4.88 -25.32
CA THR B 532 24.31 -3.58 -24.95
C THR B 532 25.24 -3.64 -23.73
N GLU B 533 24.83 -4.39 -22.70
CA GLU B 533 25.56 -4.39 -21.43
C GLU B 533 26.58 -5.53 -21.31
N ASN B 534 26.62 -6.41 -22.30
CA ASN B 534 27.55 -7.56 -22.27
C ASN B 534 27.40 -8.45 -21.05
N ILE B 535 26.15 -8.73 -20.71
CA ILE B 535 25.82 -9.63 -19.61
C ILE B 535 25.31 -10.95 -20.18
N ILE B 536 25.80 -12.07 -19.67
CA ILE B 536 25.20 -13.36 -19.99
C ILE B 536 23.92 -13.54 -19.18
N VAL B 537 22.80 -13.79 -19.85
CA VAL B 537 21.55 -14.04 -19.14
C VAL B 537 21.16 -15.52 -19.28
N ALA B 538 21.19 -16.22 -18.16
CA ALA B 538 20.99 -17.67 -18.15
C ALA B 538 19.71 -18.10 -17.47
N SER B 539 19.15 -19.21 -17.95
CA SER B 539 18.01 -19.85 -17.27
C SER B 539 18.22 -21.36 -17.21
N PHE B 540 17.70 -21.99 -16.16
CA PHE B 540 17.93 -23.40 -15.88
C PHE B 540 16.63 -24.09 -15.46
N ASP B 541 16.38 -25.28 -16.02
CA ASP B 541 15.20 -26.08 -15.66
C ASP B 541 15.62 -27.27 -14.82
N GLY B 542 15.47 -27.13 -13.51
CA GLY B 542 15.91 -28.17 -12.56
C GLY B 542 14.74 -29.00 -12.11
N ARG B 543 14.84 -29.61 -10.93
CA ARG B 543 13.78 -30.41 -10.38
C ARG B 543 12.48 -29.60 -10.24
N GLY B 544 11.37 -30.25 -10.54
CA GLY B 544 10.06 -29.59 -10.63
C GLY B 544 9.65 -29.06 -12.00
N SER B 545 10.60 -28.93 -12.92
CA SER B 545 10.31 -28.37 -14.25
C SER B 545 9.51 -29.38 -15.12
N GLY B 546 8.85 -28.90 -16.17
CA GLY B 546 7.87 -29.70 -16.93
C GLY B 546 8.37 -30.37 -18.20
N TYR B 547 7.52 -31.22 -18.78
CA TYR B 547 7.73 -31.77 -20.15
C TYR B 547 8.87 -32.78 -20.23
N GLN B 548 9.27 -33.31 -19.07
CA GLN B 548 10.39 -34.24 -19.02
C GLN B 548 10.06 -35.47 -18.16
N GLY B 549 8.78 -35.70 -17.92
CA GLY B 549 8.39 -36.81 -17.06
C GLY B 549 8.18 -36.44 -15.60
N ASP B 550 7.45 -37.30 -14.91
CA ASP B 550 7.03 -37.07 -13.53
C ASP B 550 8.15 -37.19 -12.50
N LYS B 551 9.18 -37.96 -12.81
CA LYS B 551 10.29 -38.09 -11.86
C LYS B 551 10.87 -36.69 -11.59
N ILE B 552 11.01 -35.90 -12.65
CA ILE B 552 11.48 -34.52 -12.54
C ILE B 552 10.38 -33.59 -12.04
N MET B 553 9.20 -33.64 -12.67
CA MET B 553 8.13 -32.72 -12.30
C MET B 553 7.67 -32.88 -10.84
N HIS B 554 7.45 -34.13 -10.42
CA HIS B 554 6.94 -34.40 -9.07
C HIS B 554 8.01 -34.41 -7.99
N ALA B 555 9.25 -34.06 -8.36
CA ALA B 555 10.35 -34.02 -7.38
C ALA B 555 10.09 -33.01 -6.26
N ILE B 556 9.35 -31.94 -6.55
CA ILE B 556 9.02 -30.95 -5.52
C ILE B 556 7.65 -31.14 -4.86
N ASN B 557 7.00 -32.28 -5.11
CA ASN B 557 5.70 -32.57 -4.49
C ASN B 557 5.75 -32.38 -2.96
N ARG B 558 4.82 -31.58 -2.45
CA ARG B 558 4.70 -31.25 -1.02
C ARG B 558 5.89 -30.48 -0.44
N ARG B 559 6.74 -29.95 -1.32
CA ARG B 559 8.02 -29.38 -0.94
C ARG B 559 8.45 -28.22 -1.86
N LEU B 560 7.55 -27.27 -2.09
CA LEU B 560 7.95 -26.03 -2.78
C LEU B 560 8.98 -25.29 -1.92
N GLY B 561 9.87 -24.55 -2.56
CA GLY B 561 10.91 -23.82 -1.82
C GLY B 561 12.10 -24.69 -1.42
N THR B 562 12.26 -25.84 -2.06
CA THR B 562 13.39 -26.74 -1.75
C THR B 562 14.25 -26.99 -2.99
N PHE B 563 14.02 -28.11 -3.69
CA PHE B 563 14.91 -28.55 -4.78
C PHE B 563 15.00 -27.58 -5.95
N GLU B 564 13.87 -26.96 -6.29
CA GLU B 564 13.85 -25.99 -7.39
C GLU B 564 14.71 -24.78 -7.04
N VAL B 565 14.77 -24.43 -5.76
CA VAL B 565 15.63 -23.34 -5.27
C VAL B 565 17.09 -23.78 -5.28
N GLU B 566 17.37 -24.93 -4.66
CA GLU B 566 18.73 -25.48 -4.61
C GLU B 566 19.32 -25.62 -6.00
N ASP B 567 18.51 -26.09 -6.95
CA ASP B 567 18.99 -26.36 -8.32
C ASP B 567 19.38 -25.09 -9.10
N GLN B 568 18.75 -23.96 -8.77
CA GLN B 568 19.15 -22.67 -9.34
C GLN B 568 20.53 -22.26 -8.83
N ILE B 569 20.76 -22.45 -7.52
CA ILE B 569 22.08 -22.21 -6.90
C ILE B 569 23.13 -23.12 -7.55
N GLU B 570 22.83 -24.42 -7.62
CA GLU B 570 23.74 -25.38 -8.27
C GLU B 570 24.01 -25.01 -9.73
N ALA B 571 22.96 -24.61 -10.46
CA ALA B 571 23.12 -24.13 -11.84
C ALA B 571 24.16 -23.01 -11.93
N ALA B 572 24.05 -22.02 -11.04
CA ALA B 572 25.02 -20.90 -10.99
C ALA B 572 26.45 -21.39 -10.71
N ARG B 573 26.61 -22.37 -9.80
CA ARG B 573 27.93 -22.98 -9.58
C ARG B 573 28.49 -23.65 -10.83
N GLN B 574 27.62 -24.34 -11.56
CA GLN B 574 28.01 -25.05 -12.79
C GLN B 574 28.41 -24.06 -13.88
N PHE B 575 27.67 -22.96 -14.00
CA PHE B 575 28.00 -21.90 -14.95
C PHE B 575 29.36 -21.24 -14.66
N SER B 576 29.70 -21.05 -13.38
CA SER B 576 31.05 -20.64 -12.96
C SER B 576 32.14 -21.61 -13.42
N LYS B 577 31.91 -22.92 -13.19
CA LYS B 577 32.80 -23.97 -13.67
C LYS B 577 33.12 -23.90 -15.17
N MET B 578 32.20 -23.34 -15.95
CA MET B 578 32.36 -23.25 -17.41
C MET B 578 33.47 -22.29 -17.85
N GLY B 579 33.86 -21.37 -16.97
CA GLY B 579 35.11 -20.62 -17.15
C GLY B 579 35.02 -19.24 -17.78
N PHE B 580 33.83 -18.86 -18.26
CA PHE B 580 33.63 -17.54 -18.86
C PHE B 580 32.73 -16.63 -17.99
N VAL B 581 32.61 -16.99 -16.71
CA VAL B 581 31.73 -16.28 -15.80
C VAL B 581 32.57 -15.65 -14.69
N ASP B 582 32.37 -14.35 -14.48
CA ASP B 582 32.96 -13.63 -13.38
C ASP B 582 32.21 -13.98 -12.08
N ASN B 583 32.83 -14.84 -11.25
CA ASN B 583 32.26 -15.28 -9.97
C ASN B 583 31.89 -14.16 -8.99
N LYS B 584 32.49 -12.98 -9.21
CA LYS B 584 32.23 -11.82 -8.35
C LYS B 584 31.00 -11.05 -8.81
N ARG B 585 30.52 -11.38 -10.01
CA ARG B 585 29.38 -10.68 -10.59
C ARG B 585 28.28 -11.63 -11.10
N ILE B 586 27.69 -12.38 -10.17
CA ILE B 586 26.57 -13.24 -10.47
C ILE B 586 25.30 -12.69 -9.77
N ALA B 587 24.26 -12.45 -10.57
CA ALA B 587 23.02 -11.90 -10.05
C ALA B 587 21.87 -12.85 -10.39
N ILE B 588 20.71 -12.62 -9.77
CA ILE B 588 19.55 -13.47 -9.97
C ILE B 588 18.29 -12.61 -9.98
N TRP B 589 17.33 -12.94 -10.83
CA TRP B 589 16.08 -12.19 -10.83
C TRP B 589 14.92 -13.04 -11.31
N GLY B 590 13.72 -12.65 -10.91
CA GLY B 590 12.53 -13.35 -11.32
C GLY B 590 11.28 -12.62 -10.89
N TRP B 591 10.18 -13.00 -11.53
CA TRP B 591 8.88 -12.40 -11.34
C TRP B 591 7.97 -13.51 -10.90
N SER B 592 7.09 -13.19 -9.96
CA SER B 592 5.99 -14.10 -9.60
C SER B 592 6.57 -15.30 -8.85
N TYR B 593 6.33 -16.54 -9.31
CA TYR B 593 7.04 -17.70 -8.71
C TYR B 593 8.56 -17.49 -8.79
N GLY B 594 9.02 -16.84 -9.86
CA GLY B 594 10.46 -16.52 -9.99
C GLY B 594 10.98 -15.54 -8.95
N GLY B 595 10.08 -14.65 -8.48
CA GLY B 595 10.39 -13.70 -7.40
C GLY B 595 10.53 -14.42 -6.07
N TYR B 596 9.66 -15.41 -5.84
CA TYR B 596 9.79 -16.29 -4.68
C TYR B 596 11.13 -17.05 -4.69
N VAL B 597 11.45 -17.70 -5.82
CA VAL B 597 12.71 -18.45 -5.90
C VAL B 597 13.94 -17.56 -5.77
N THR B 598 13.92 -16.40 -6.44
CA THR B 598 14.99 -15.41 -6.32
C THR B 598 15.25 -15.04 -4.86
N SER B 599 14.17 -14.74 -4.13
CA SER B 599 14.23 -14.33 -2.71
C SER B 599 14.74 -15.47 -1.84
N MET B 600 14.24 -16.68 -2.09
CA MET B 600 14.72 -17.87 -1.38
C MET B 600 16.22 -18.11 -1.60
N VAL B 601 16.66 -17.99 -2.85
CA VAL B 601 18.07 -18.08 -3.20
C VAL B 601 18.90 -17.01 -2.51
N LEU B 602 18.45 -15.75 -2.57
CA LEU B 602 19.19 -14.65 -1.94
C LEU B 602 19.26 -14.77 -0.41
N GLY B 603 18.29 -15.50 0.17
CA GLY B 603 18.27 -15.73 1.60
C GLY B 603 18.85 -17.06 2.03
N SER B 604 19.48 -17.79 1.10
CA SER B 604 20.01 -19.13 1.40
C SER B 604 21.35 -19.12 2.12
N GLY B 605 22.09 -18.01 2.05
CA GLY B 605 23.43 -17.97 2.61
C GLY B 605 24.48 -18.62 1.72
N SER B 606 24.12 -18.89 0.46
CA SER B 606 25.02 -19.59 -0.48
C SER B 606 26.32 -18.84 -0.81
N GLY B 607 26.30 -17.50 -0.74
CA GLY B 607 27.49 -16.73 -1.10
C GLY B 607 27.73 -16.63 -2.60
N VAL B 608 26.87 -17.28 -3.39
CA VAL B 608 27.08 -17.36 -4.84
C VAL B 608 26.70 -16.06 -5.55
N PHE B 609 25.65 -15.40 -5.07
CA PHE B 609 25.06 -14.25 -5.74
C PHE B 609 25.35 -12.93 -5.04
N LYS B 610 25.81 -11.96 -5.82
CA LYS B 610 26.07 -10.61 -5.34
C LYS B 610 24.77 -9.85 -5.04
N CYS B 611 23.78 -9.98 -5.92
CA CYS B 611 22.56 -9.16 -5.87
C CYS B 611 21.41 -9.86 -6.57
N GLY B 612 20.19 -9.38 -6.31
CA GLY B 612 19.04 -9.92 -7.04
C GLY B 612 17.79 -9.06 -6.94
N ILE B 613 16.83 -9.37 -7.81
CA ILE B 613 15.60 -8.60 -7.93
C ILE B 613 14.40 -9.54 -7.91
N ALA B 614 13.51 -9.36 -6.95
CA ALA B 614 12.25 -10.10 -6.95
C ALA B 614 11.14 -9.15 -7.30
N VAL B 615 10.38 -9.51 -8.34
CA VAL B 615 9.17 -8.74 -8.70
C VAL B 615 7.90 -9.52 -8.41
N ALA B 616 6.98 -8.89 -7.68
CA ALA B 616 5.72 -9.52 -7.23
C ALA B 616 5.89 -10.95 -6.72
N PRO B 617 6.82 -11.14 -5.77
CA PRO B 617 7.05 -12.48 -5.26
C PRO B 617 5.99 -13.04 -4.30
N VAL B 618 5.79 -14.36 -4.38
CA VAL B 618 5.23 -15.08 -3.24
C VAL B 618 6.28 -15.08 -2.12
N SER B 619 5.82 -14.91 -0.89
CA SER B 619 6.72 -14.91 0.25
C SER B 619 6.39 -16.01 1.26
N ARG B 620 5.15 -16.48 1.23
CA ARG B 620 4.65 -17.45 2.22
C ARG B 620 3.45 -18.14 1.60
N TRP B 621 3.48 -19.48 1.56
CA TRP B 621 2.45 -20.23 0.80
C TRP B 621 1.02 -20.06 1.31
N GLU B 622 0.87 -19.82 2.62
CA GLU B 622 -0.46 -19.53 3.18
C GLU B 622 -1.11 -18.24 2.66
N TYR B 623 -0.33 -17.36 2.04
CA TYR B 623 -0.88 -16.14 1.43
C TYR B 623 -1.41 -16.34 0.01
N TYR B 624 -0.99 -17.43 -0.64
CA TYR B 624 -1.37 -17.65 -2.03
C TYR B 624 -2.67 -18.46 -2.13
N ASP B 625 -3.27 -18.52 -3.31
CA ASP B 625 -4.61 -19.14 -3.43
C ASP B 625 -4.64 -20.66 -3.18
N SER B 626 -5.79 -21.15 -2.75
CA SER B 626 -5.95 -22.57 -2.42
C SER B 626 -5.68 -23.55 -3.59
N VAL B 627 -6.31 -23.33 -4.74
CA VAL B 627 -6.28 -24.32 -5.82
C VAL B 627 -4.83 -24.58 -6.31
N TYR B 628 -4.09 -23.50 -6.58
CA TYR B 628 -2.70 -23.65 -7.02
C TYR B 628 -1.85 -24.22 -5.87
N THR B 629 -1.87 -23.53 -4.73
CA THR B 629 -0.96 -23.84 -3.62
C THR B 629 -1.11 -25.27 -3.13
N GLU B 630 -2.35 -25.67 -2.86
CA GLU B 630 -2.64 -27.00 -2.29
C GLU B 630 -2.36 -28.15 -3.25
N ARG B 631 -2.33 -27.85 -4.55
CA ARG B 631 -2.05 -28.86 -5.57
C ARG B 631 -0.66 -29.46 -5.32
N TYR B 632 0.27 -28.59 -4.92
CA TYR B 632 1.67 -28.96 -4.71
C TYR B 632 2.00 -29.13 -3.24
N MET B 633 1.28 -28.43 -2.36
CA MET B 633 1.63 -28.38 -0.93
C MET B 633 0.69 -29.14 0.01
N GLY B 634 -0.46 -29.59 -0.50
CA GLY B 634 -1.48 -30.17 0.39
C GLY B 634 -2.05 -29.05 1.27
N LEU B 635 -2.56 -29.40 2.45
CA LEU B 635 -3.20 -28.42 3.36
C LEU B 635 -2.25 -27.92 4.46
N PRO B 636 -2.36 -26.63 4.83
CA PRO B 636 -1.55 -26.09 5.93
C PRO B 636 -2.12 -26.42 7.32
N THR B 637 -2.22 -27.71 7.61
CA THR B 637 -2.74 -28.18 8.88
C THR B 637 -1.68 -29.09 9.51
N PRO B 638 -1.63 -29.15 10.86
CA PRO B 638 -0.65 -30.01 11.54
C PRO B 638 -0.66 -31.46 11.06
N GLU B 639 -1.83 -31.95 10.67
CA GLU B 639 -2.00 -33.34 10.28
C GLU B 639 -1.61 -33.58 8.81
N ASP B 640 -1.56 -32.52 8.01
CA ASP B 640 -1.12 -32.61 6.62
C ASP B 640 0.29 -32.02 6.47
N ASN B 641 0.42 -30.77 6.02
CA ASN B 641 1.74 -30.25 5.64
C ASN B 641 2.13 -28.89 6.23
N LEU B 642 1.53 -28.50 7.36
CA LEU B 642 1.81 -27.18 7.96
C LEU B 642 3.31 -26.93 8.21
N ASP B 643 4.03 -27.95 8.66
CA ASP B 643 5.45 -27.79 8.96
C ASP B 643 6.23 -27.27 7.75
N HIS B 644 5.99 -27.84 6.57
CA HIS B 644 6.67 -27.33 5.37
C HIS B 644 6.17 -25.98 4.86
N TYR B 645 4.87 -25.70 5.03
CA TYR B 645 4.33 -24.36 4.77
C TYR B 645 5.10 -23.31 5.57
N ARG B 646 5.40 -23.63 6.82
CA ARG B 646 6.04 -22.67 7.75
C ARG B 646 7.54 -22.59 7.55
N ASN B 647 8.12 -23.63 6.94
CA ASN B 647 9.55 -23.75 6.74
C ASN B 647 10.05 -23.13 5.43
N SER B 648 9.13 -22.86 4.52
CA SER B 648 9.46 -22.43 3.16
C SER B 648 9.09 -20.98 2.89
N THR B 649 9.05 -20.14 3.94
CA THR B 649 8.73 -18.72 3.74
C THR B 649 10.01 -17.94 3.46
N VAL B 650 9.89 -16.84 2.72
CA VAL B 650 11.01 -15.92 2.53
C VAL B 650 11.43 -15.28 3.86
N MET B 651 10.44 -14.89 4.67
CA MET B 651 10.67 -14.13 5.91
C MET B 651 11.63 -14.81 6.88
N SER B 652 11.62 -16.15 6.94
CA SER B 652 12.46 -16.91 7.88
C SER B 652 13.94 -16.81 7.54
N ARG B 653 14.24 -16.33 6.33
CA ARG B 653 15.62 -16.20 5.88
C ARG B 653 16.14 -14.76 5.90
N ALA B 654 15.35 -13.86 6.51
CA ALA B 654 15.64 -12.41 6.49
C ALA B 654 17.08 -12.06 6.83
N GLU B 655 17.62 -12.73 7.85
CA GLU B 655 18.96 -12.46 8.35
C GLU B 655 20.06 -12.67 7.29
N ASN B 656 19.85 -13.65 6.40
CA ASN B 656 20.83 -13.94 5.36
C ASN B 656 20.90 -12.88 4.27
N PHE B 657 19.89 -12.02 4.22
CA PHE B 657 19.88 -10.94 3.22
C PHE B 657 20.93 -9.87 3.54
N LYS B 658 21.54 -9.93 4.72
CA LYS B 658 22.67 -9.04 5.03
C LYS B 658 23.85 -9.27 4.08
N GLN B 659 23.87 -10.42 3.39
CA GLN B 659 25.00 -10.79 2.52
C GLN B 659 24.85 -10.34 1.06
N VAL B 660 23.68 -9.78 0.71
CA VAL B 660 23.31 -9.47 -0.69
C VAL B 660 22.69 -8.09 -0.89
N GLU B 661 22.72 -7.62 -2.13
CA GLU B 661 21.95 -6.43 -2.53
C GLU B 661 20.62 -6.90 -3.12
N TYR B 662 19.51 -6.43 -2.54
CA TYR B 662 18.18 -6.89 -2.92
C TYR B 662 17.33 -5.73 -3.37
N LEU B 663 16.57 -5.96 -4.44
CA LEU B 663 15.57 -5.02 -4.88
C LEU B 663 14.23 -5.75 -4.90
N LEU B 664 13.28 -5.20 -4.16
CA LEU B 664 11.94 -5.77 -4.01
C LEU B 664 10.92 -4.86 -4.70
N ILE B 665 10.09 -5.42 -5.56
CA ILE B 665 9.15 -4.65 -6.39
C ILE B 665 7.77 -5.32 -6.41
N HIS B 666 6.70 -4.54 -6.26
CA HIS B 666 5.35 -5.11 -6.23
C HIS B 666 4.35 -4.03 -6.65
N GLY B 667 3.33 -4.40 -7.43
CA GLY B 667 2.24 -3.49 -7.75
C GLY B 667 1.23 -3.48 -6.62
N THR B 668 0.73 -2.31 -6.27
CA THR B 668 -0.15 -2.22 -5.09
C THR B 668 -1.54 -2.86 -5.32
N ALA B 669 -1.95 -2.97 -6.58
CA ALA B 669 -3.28 -3.53 -6.94
C ALA B 669 -3.19 -4.95 -7.51
N ASP B 670 -2.16 -5.68 -7.05
CA ASP B 670 -1.98 -7.07 -7.43
C ASP B 670 -3.02 -7.94 -6.73
N ASP B 671 -3.99 -8.44 -7.52
CA ASP B 671 -5.09 -9.24 -7.01
C ASP B 671 -4.70 -10.69 -6.92
N ASN B 672 -3.52 -11.02 -7.45
CA ASN B 672 -3.09 -12.40 -7.61
C ASN B 672 -2.09 -12.80 -6.49
N VAL B 673 -0.90 -12.22 -6.53
CA VAL B 673 0.07 -12.26 -5.44
C VAL B 673 -0.10 -10.92 -4.72
N HIS B 674 -0.80 -10.95 -3.60
CA HIS B 674 -1.18 -9.73 -2.92
C HIS B 674 0.06 -8.97 -2.47
N PHE B 675 -0.02 -7.64 -2.56
CA PHE B 675 1.01 -6.74 -2.07
C PHE B 675 1.47 -7.15 -0.66
N GLN B 676 0.51 -7.62 0.14
CA GLN B 676 0.78 -8.30 1.43
C GLN B 676 2.07 -9.14 1.46
N GLN B 677 2.27 -9.93 0.40
CA GLN B 677 3.41 -10.82 0.29
C GLN B 677 4.74 -10.09 0.40
N SER B 678 4.92 -9.01 -0.36
CA SER B 678 6.12 -8.16 -0.24
C SER B 678 6.13 -7.25 0.99
N ALA B 679 4.94 -6.86 1.46
CA ALA B 679 4.81 -6.10 2.72
C ALA B 679 5.37 -6.88 3.89
N GLN B 680 5.13 -8.19 3.90
CA GLN B 680 5.69 -9.05 4.96
C GLN B 680 7.19 -9.30 4.79
N ILE B 681 7.67 -9.36 3.55
CA ILE B 681 9.12 -9.41 3.29
C ILE B 681 9.84 -8.16 3.83
N SER B 682 9.37 -6.98 3.42
CA SER B 682 10.03 -5.73 3.83
C SER B 682 10.07 -5.59 5.35
N LYS B 683 8.96 -5.93 6.00
CA LYS B 683 8.87 -5.84 7.48
C LYS B 683 9.85 -6.79 8.17
N ALA B 684 9.99 -8.01 7.65
CA ALA B 684 10.95 -8.96 8.22
C ALA B 684 12.38 -8.47 8.03
N LEU B 685 12.68 -7.86 6.88
CA LEU B 685 14.00 -7.25 6.62
C LEU B 685 14.25 -6.02 7.50
N VAL B 686 13.24 -5.16 7.64
CA VAL B 686 13.34 -4.05 8.60
C VAL B 686 13.65 -4.60 10.01
N ASP B 687 12.94 -5.64 10.42
CA ASP B 687 13.05 -6.15 11.77
C ASP B 687 14.41 -6.73 12.14
N VAL B 688 15.19 -7.16 11.15
CA VAL B 688 16.55 -7.64 11.40
C VAL B 688 17.63 -6.65 10.97
N GLY B 689 17.20 -5.46 10.55
CA GLY B 689 18.15 -4.39 10.20
C GLY B 689 18.89 -4.64 8.90
N VAL B 690 18.17 -5.13 7.88
CA VAL B 690 18.77 -5.36 6.57
C VAL B 690 18.38 -4.20 5.64
N ASP B 691 19.36 -3.50 5.09
CA ASP B 691 19.10 -2.51 4.06
C ASP B 691 18.84 -3.17 2.72
N PHE B 692 17.85 -2.64 2.00
CA PHE B 692 17.49 -3.14 0.67
C PHE B 692 16.87 -2.01 -0.14
N GLN B 693 16.68 -2.25 -1.44
CA GLN B 693 16.00 -1.30 -2.31
C GLN B 693 14.55 -1.76 -2.53
N ALA B 694 13.65 -0.80 -2.70
CA ALA B 694 12.24 -1.12 -2.86
C ALA B 694 11.60 -0.25 -3.94
N MET B 695 10.53 -0.75 -4.54
CA MET B 695 9.72 0.06 -5.44
C MET B 695 8.30 -0.50 -5.45
N TRP B 696 7.31 0.32 -5.10
CA TRP B 696 5.90 -0.06 -5.32
C TRP B 696 5.43 0.55 -6.64
N TYR B 697 4.44 -0.07 -7.27
CA TYR B 697 3.83 0.48 -8.49
C TYR B 697 2.34 0.70 -8.24
N THR B 698 1.97 1.95 -8.04
CA THR B 698 0.61 2.34 -7.67
C THR B 698 -0.41 1.84 -8.70
N ASP B 699 -1.38 1.05 -8.23
CA ASP B 699 -2.51 0.58 -9.05
C ASP B 699 -2.14 -0.41 -10.17
N GLU B 700 -0.93 -0.96 -10.11
CA GLU B 700 -0.48 -1.97 -11.06
C GLU B 700 -0.78 -3.33 -10.47
N ASP B 701 -1.08 -4.30 -11.33
CA ASP B 701 -1.42 -5.62 -10.89
C ASP B 701 -0.23 -6.56 -11.08
N HIS B 702 -0.50 -7.86 -11.14
CA HIS B 702 0.57 -8.85 -11.23
C HIS B 702 1.43 -8.74 -12.50
N GLY B 703 0.87 -8.10 -13.53
CA GLY B 703 1.56 -7.92 -14.80
C GLY B 703 2.46 -6.70 -14.88
N ILE B 704 2.25 -5.73 -13.98
CA ILE B 704 2.92 -4.43 -14.06
C ILE B 704 3.08 -4.04 -15.55
N ALA B 705 1.94 -4.04 -16.25
CA ALA B 705 1.93 -4.07 -17.72
C ALA B 705 1.45 -2.80 -18.38
N SER B 706 1.02 -1.80 -17.61
CA SER B 706 0.66 -0.53 -18.23
C SER B 706 1.91 -0.03 -18.93
N SER B 707 1.73 0.70 -20.03
CA SER B 707 2.85 1.15 -20.83
C SER B 707 3.90 1.91 -20.00
N THR B 708 3.44 2.85 -19.17
CA THR B 708 4.35 3.71 -18.39
C THR B 708 5.07 2.93 -17.29
N ALA B 709 4.34 2.05 -16.60
CA ALA B 709 4.92 1.27 -15.52
C ALA B 709 5.90 0.21 -16.04
N HIS B 710 5.55 -0.42 -17.16
CA HIS B 710 6.44 -1.38 -17.80
C HIS B 710 7.79 -0.72 -18.12
N GLN B 711 7.75 0.46 -18.74
CA GLN B 711 8.98 1.17 -19.05
C GLN B 711 9.73 1.59 -17.79
N HIS B 712 8.99 2.00 -16.76
CA HIS B 712 9.59 2.46 -15.51
C HIS B 712 10.28 1.34 -14.74
N ILE B 713 9.65 0.17 -14.64
CA ILE B 713 10.25 -0.95 -13.94
C ILE B 713 11.54 -1.51 -14.58
N TYR B 714 11.52 -1.69 -15.90
CA TYR B 714 12.69 -2.16 -16.61
C TYR B 714 13.83 -1.13 -16.58
N THR B 715 13.48 0.15 -16.63
CA THR B 715 14.48 1.21 -16.47
C THR B 715 15.10 1.15 -15.05
N HIS B 716 14.25 1.01 -14.03
CA HIS B 716 14.70 0.92 -12.63
C HIS B 716 15.57 -0.32 -12.40
N MET B 717 15.12 -1.47 -12.89
CA MET B 717 15.90 -2.72 -12.78
C MET B 717 17.25 -2.66 -13.49
N SER B 718 17.29 -2.04 -14.68
CA SER B 718 18.54 -1.84 -15.43
C SER B 718 19.59 -1.04 -14.64
N HIS B 719 19.17 0.08 -14.03
CA HIS B 719 20.10 0.86 -13.19
C HIS B 719 20.62 0.00 -12.04
N PHE B 720 19.73 -0.77 -11.43
CA PHE B 720 20.11 -1.63 -10.29
C PHE B 720 21.15 -2.71 -10.66
N ILE B 721 20.89 -3.45 -11.74
CA ILE B 721 21.81 -4.47 -12.26
C ILE B 721 23.17 -3.88 -12.67
N LYS B 722 23.12 -2.75 -13.39
CA LYS B 722 24.33 -2.08 -13.83
C LYS B 722 25.19 -1.57 -12.68
N GLN B 723 24.53 -1.04 -11.66
CA GLN B 723 25.20 -0.60 -10.43
C GLN B 723 25.91 -1.80 -9.76
N CYS B 724 25.16 -2.89 -9.58
CA CYS B 724 25.66 -4.13 -9.00
C CYS B 724 26.88 -4.68 -9.76
N PHE B 725 26.85 -4.57 -11.09
CA PHE B 725 27.89 -5.12 -11.94
C PHE B 725 29.01 -4.12 -12.25
N SER B 726 28.95 -2.93 -11.62
CA SER B 726 29.91 -1.84 -11.82
C SER B 726 30.02 -1.46 -13.29
N LEU B 727 28.88 -1.44 -13.96
CA LEU B 727 28.78 -1.06 -15.36
C LEU B 727 28.42 0.41 -15.51
N PRO B 728 29.23 1.18 -16.27
CA PRO B 728 29.03 2.63 -16.40
C PRO B 728 27.70 3.00 -17.07
C1 NAG C . 11.24 18.99 54.73
C2 NAG C . 10.06 18.01 54.90
C3 NAG C . 9.02 18.47 55.93
C4 NAG C . 9.81 18.90 57.16
C5 NAG C . 10.61 20.13 56.74
C6 NAG C . 11.12 21.02 57.90
C7 NAG C . 9.45 16.55 53.01
C8 NAG C . 8.65 16.43 51.75
N2 NAG C . 9.41 17.73 53.63
O3 NAG C . 8.09 17.43 56.19
O4 NAG C . 9.15 19.00 58.43
O5 NAG C . 11.66 19.63 55.93
O6 NAG C . 12.43 20.71 58.31
O7 NAG C . 10.10 15.60 53.41
C1 NAG C . 7.79 19.47 58.54
C2 NAG C . 7.59 19.85 60.01
C3 NAG C . 7.86 18.63 60.91
C4 NAG C . 7.11 17.37 60.45
C5 NAG C . 6.98 17.24 58.91
C6 NAG C . 5.87 16.30 58.46
C7 NAG C . 8.08 22.24 60.25
C8 NAG C . 8.39 23.12 61.44
N2 NAG C . 8.46 20.97 60.36
O3 NAG C . 7.51 18.96 62.25
O4 NAG C . 7.77 16.23 60.98
O5 NAG C . 6.80 18.49 58.25
O6 NAG C . 5.92 16.16 57.05
O7 NAG C . 7.50 22.72 59.27
C1 NAG D . -9.77 -7.07 32.66
C2 NAG D . -10.99 -7.22 33.58
C3 NAG D . -10.81 -8.36 34.60
C4 NAG D . -10.20 -9.63 34.02
C5 NAG D . -9.07 -9.35 33.01
C6 NAG D . -8.74 -10.58 32.15
C7 NAG D . -12.47 -5.52 34.51
C8 NAG D . -12.62 -4.54 35.64
N2 NAG D . -11.23 -6.00 34.33
O3 NAG D . -12.03 -8.67 35.25
O4 NAG D . -9.77 -10.32 35.17
O5 NAG D . -9.39 -8.31 32.10
O6 NAG D . -9.72 -10.79 31.14
O7 NAG D . -13.45 -5.83 33.83
C1 NAG D . -10.17 -11.71 35.25
C2 NAG D . -11.58 -12.01 34.66
C3 NAG D . -11.85 -13.52 34.46
C4 NAG D . -10.61 -14.35 34.09
C5 NAG D . -9.29 -13.87 34.71
C6 NAG D . -8.05 -14.40 34.00
C7 NAG D . -12.98 -11.50 36.69
C8 NAG D . -14.25 -12.26 37.01
N2 NAG D . -12.68 -11.37 35.39
O3 NAG D . -12.84 -13.65 33.48
O4 NAG D . -10.86 -15.68 34.51
O5 NAG D . -9.18 -12.47 34.60
O6 NAG D . -7.02 -13.43 34.07
O7 NAG D . -12.31 -11.03 37.61
C1 NAG E . -17.66 23.59 44.68
C2 NAG E . -18.05 23.35 46.14
C3 NAG E . -19.55 23.08 46.24
C4 NAG E . -20.36 24.17 45.55
C5 NAG E . -19.84 24.33 44.11
C6 NAG E . -20.57 25.41 43.32
C7 NAG E . -16.24 22.31 47.44
C8 NAG E . -15.66 21.01 47.92
N2 NAG E . -17.32 22.20 46.67
O3 NAG E . -19.94 22.95 47.59
O4 NAG E . -21.72 23.79 45.52
O5 NAG E . -18.45 24.63 44.13
O6 NAG E . -20.28 26.66 43.90
O7 NAG E . -15.72 23.39 47.77
C1 NAG E . -22.57 24.76 46.18
C2 NAG E . -24.04 24.42 45.86
C3 NAG E . -25.02 25.28 46.65
C4 NAG E . -24.66 25.32 48.13
C5 NAG E . -23.21 25.75 48.27
C6 NAG E . -22.77 25.81 49.74
C7 NAG E . -24.31 23.49 43.62
C8 NAG E . -24.41 23.81 42.16
N2 NAG E . -24.29 24.55 44.44
O3 NAG E . -26.33 24.80 46.47
O4 NAG E . -25.50 26.22 48.83
O5 NAG E . -22.36 24.85 47.58
O6 NAG E . -22.44 27.15 50.02
O7 NAG E . -24.25 22.32 44.01
C1 NAG F . -25.88 11.90 14.86
C2 NAG F . -27.17 11.80 15.68
C3 NAG F . -28.31 11.20 14.87
C4 NAG F . -28.47 11.91 13.51
C5 NAG F . -27.11 12.05 12.81
C6 NAG F . -27.15 12.99 11.62
C7 NAG F . -27.00 11.62 18.10
C8 NAG F . -26.96 10.72 19.29
N2 NAG F . -26.98 11.04 16.90
O3 NAG F . -29.52 11.26 15.58
O4 NAG F . -29.40 11.15 12.75
O5 NAG F . -26.15 12.62 13.69
O6 NAG F . -25.90 12.96 10.96
O7 NAG F . -27.04 12.84 18.24
C1 NAG F . -30.26 12.03 11.98
C2 NAG F . -31.77 11.89 12.31
C3 NAG F . -32.66 11.22 11.23
C4 NAG F . -32.01 11.07 9.84
C5 NAG F . -30.51 10.80 9.99
C6 NAG F . -29.75 10.55 8.69
C7 NAG F . -31.98 9.99 13.95
C8 NAG F . -33.29 9.47 14.46
N2 NAG F . -31.95 11.30 13.64
O3 NAG F . -33.87 11.94 11.08
O4 NAG F . -32.65 10.02 9.14
O5 NAG F . -29.97 11.95 10.61
O6 NAG F . -28.51 9.95 9.00
O7 NAG F . -31.00 9.23 13.85
C1 NAG G . -13.12 34.95 6.07
C2 NAG G . -13.40 36.46 5.90
C3 NAG G . -14.33 36.71 4.71
C4 NAG G . -13.97 35.94 3.44
C5 NAG G . -13.44 34.51 3.74
C6 NAG G . -12.69 33.88 2.55
C7 NAG G . -13.41 38.07 7.79
C8 NAG G . -13.94 38.29 9.18
N2 NAG G . -13.97 37.05 7.11
O3 NAG G . -14.45 38.09 4.44
O4 NAG G . -15.19 35.89 2.72
O5 NAG G . -12.58 34.48 4.86
O6 NAG G . -11.45 34.52 2.36
O7 NAG G . -12.52 38.81 7.34
C1 NAG G . -15.21 36.31 1.33
C2 NAG G . -14.51 37.63 1.00
C3 NAG G . -14.71 37.95 -0.51
C4 NAG G . -14.71 36.73 -1.45
C5 NAG G . -15.20 35.41 -0.82
C6 NAG G . -14.67 34.18 -1.57
C7 NAG G . -14.86 39.99 1.73
C8 NAG G . -13.49 40.51 2.08
N2 NAG G . -15.06 38.67 1.85
O3 NAG G . -13.68 38.83 -0.92
O4 NAG G . -15.51 37.05 -2.57
O5 NAG G . -14.72 35.30 0.49
O6 NAG G . -14.44 33.12 -0.67
O7 NAG G . -15.74 40.76 1.38
C1 NAG H . -11.03 -16.92 -54.75
C2 NAG H . -12.32 -16.26 -54.20
C3 NAG H . -13.60 -16.98 -54.63
C4 NAG H . -13.57 -17.66 -56.01
C5 NAG H . -12.18 -18.26 -56.28
C6 NAG H . -12.03 -18.96 -57.62
C7 NAG H . -12.22 -15.02 -52.06
C8 NAG H . -12.30 -15.11 -50.57
N2 NAG H . -12.31 -16.17 -52.75
O3 NAG H . -14.64 -16.04 -54.60
O4 NAG H . -14.56 -18.68 -56.03
O5 NAG H . -11.20 -17.25 -56.11
O6 NAG H . -12.16 -18.05 -58.70
O7 NAG H . -12.05 -13.92 -52.59
C1 NAG H . -15.61 -18.54 -57.02
C2 NAG H . -16.51 -17.31 -56.77
C3 NAG H . -17.18 -16.73 -58.04
C4 NAG H . -17.14 -17.61 -59.31
C5 NAG H . -16.14 -18.77 -59.31
C6 NAG H . -15.48 -18.91 -60.68
C7 NAG H . -17.23 -17.78 -54.42
C8 NAG H . -17.64 -19.14 -53.92
N2 NAG H . -17.50 -17.55 -55.72
O3 NAG H . -16.62 -15.46 -58.31
O4 NAG H . -18.44 -18.12 -59.57
O5 NAG H . -15.13 -18.55 -58.35
O6 NAG H . -15.88 -20.10 -61.32
O7 NAG H . -16.71 -16.97 -53.66
C1 NAG I . -29.24 -31.05 -32.43
C2 NAG I . -30.40 -31.14 -33.43
C3 NAG I . -31.73 -31.42 -32.73
C4 NAG I . -31.62 -32.56 -31.73
C5 NAG I . -30.40 -32.32 -30.80
C6 NAG I . -30.18 -33.44 -29.79
C7 NAG I . -30.22 -29.77 -35.45
C8 NAG I . -30.26 -28.36 -35.96
N2 NAG I . -30.52 -29.89 -34.16
O3 NAG I . -32.74 -31.72 -33.67
O4 NAG I . -32.83 -32.61 -31.01
O5 NAG I . -29.25 -32.20 -31.60
O6 NAG I . -29.94 -34.64 -30.48
O7 NAG I . -29.94 -30.71 -36.21
C1 NAG I . -33.47 -33.89 -31.14
C2 NAG I . -34.64 -33.94 -30.15
C3 NAG I . -35.52 -35.18 -30.33
C4 NAG I . -35.70 -35.64 -31.80
C5 NAG I . -34.46 -35.42 -32.66
C6 NAG I . -34.82 -35.55 -34.15
C7 NAG I . -34.03 -32.75 -28.08
C8 NAG I . -33.40 -32.90 -26.73
N2 NAG I . -34.16 -33.87 -28.79
O3 NAG I . -36.79 -34.90 -29.78
O4 NAG I . -36.03 -37.02 -31.83
O5 NAG I . -33.92 -34.12 -32.45
O6 NAG I . -33.87 -36.38 -34.79
O7 NAG I . -34.38 -31.64 -28.47
C1 NAG J . -24.83 -20.46 -1.39
C2 NAG J . -26.32 -20.76 -1.51
C3 NAG J . -27.05 -20.25 -0.26
C4 NAG J . -26.43 -20.77 1.03
C5 NAG J . -24.90 -20.63 0.98
C6 NAG J . -24.27 -21.37 2.15
C7 NAG J . -27.22 -20.78 -3.78
C8 NAG J . -27.97 -20.00 -4.83
N2 NAG J . -26.89 -20.11 -2.68
O3 NAG J . -28.41 -20.57 -0.35
O4 NAG J . -26.87 -19.95 2.09
O5 NAG J . -24.36 -21.13 -0.23
O6 NAG J . -23.04 -20.74 2.43
O7 NAG J . -26.94 -21.97 -3.97
C1 NAG J . -27.63 -20.68 3.08
C2 NAG J . -27.53 -19.92 4.41
C3 NAG J . -28.51 -20.43 5.46
C4 NAG J . -29.90 -20.77 4.92
C5 NAG J . -29.83 -21.52 3.58
C6 NAG J . -31.22 -21.56 2.94
C7 NAG J . -25.36 -18.83 4.84
C8 NAG J . -23.95 -18.98 5.38
N2 NAG J . -26.15 -19.90 4.92
O3 NAG J . -28.69 -19.42 6.42
O4 NAG J . -30.64 -21.52 5.86
O5 NAG J . -28.96 -20.86 2.66
O6 NAG J . -31.30 -22.73 2.15
O7 NAG J . -25.70 -17.75 4.34
C1 NAG K . -37.80 -20.08 -13.01
C2 NAG K . -38.27 -18.97 -12.07
C3 NAG K . -37.29 -18.80 -10.89
C4 NAG K . -37.06 -20.16 -10.21
C5 NAG K . -36.61 -21.17 -11.28
C6 NAG K . -36.31 -22.58 -10.76
C7 NAG K . -39.75 -17.31 -13.04
C8 NAG K . -39.90 -16.10 -13.90
N2 NAG K . -38.49 -17.72 -12.76
O3 NAG K . -37.75 -17.82 -9.98
O4 NAG K . -36.11 -20.07 -9.19
O5 NAG K . -37.62 -21.26 -12.26
O6 NAG K . -37.49 -23.22 -10.33
O7 NAG K . -40.75 -17.89 -12.62
C1 NAG K . -36.72 -20.24 -7.89
C2 NAG K . -35.63 -20.52 -6.87
C3 NAG K . -36.25 -20.73 -5.49
C4 NAG K . -37.14 -19.52 -5.12
C5 NAG K . -38.14 -19.18 -6.24
C6 NAG K . -38.96 -17.91 -5.92
C7 NAG K . -33.70 -21.35 -8.11
C8 NAG K . -33.05 -22.52 -8.78
N2 NAG K . -34.73 -21.60 -7.29
O3 NAG K . -35.21 -20.89 -4.54
O4 NAG K . -37.84 -19.81 -3.93
O5 NAG K . -37.48 -19.09 -7.50
O6 NAG K . -38.50 -16.73 -6.54
O7 NAG K . -33.30 -20.21 -8.34
C1 NAG L . -31.23 5.12 31.55
C2 NAG L . -32.31 4.12 31.98
C3 NAG L . -32.20 2.80 31.17
C4 NAG L . -32.28 3.13 29.68
C5 NAG L . -31.15 4.11 29.34
C6 NAG L . -31.10 4.41 27.84
C7 NAG L . -33.18 4.37 34.27
C8 NAG L . -32.93 4.11 35.72
N2 NAG L . -32.28 3.85 33.41
O3 NAG L . -33.20 1.88 31.55
O4 NAG L . -32.22 1.93 28.91
O5 NAG L . -31.26 5.30 30.13
O6 NAG L . -31.97 5.45 27.47
O7 NAG L . -34.16 5.02 33.92
NA NA M . 20.72 28.79 44.66
F27 677 N . 1.06 16.79 6.62
C6 677 N . 0.89 17.19 7.88
C1 677 N . 0.91 16.26 8.93
C2 677 N . 0.73 16.74 10.24
F22 677 N . 0.78 15.87 11.25
C5 677 N . 0.67 18.53 8.15
F21 677 N . 0.64 19.38 7.12
C4 677 N . 0.48 19.00 9.45
C3 677 N . 0.52 18.10 10.52
C9 677 N . 0.31 18.58 11.93
C10 677 N . 1.17 19.79 12.34
C14 677 N . -1.19 18.87 12.13
N23 677 N . -1.98 17.70 11.72
C13 677 N . -1.55 19.25 13.57
N12 677 N . -0.58 20.20 14.14
C11 677 N . 0.65 20.45 13.61
N18 677 N . 1.32 21.35 14.37
C29 677 N . -0.75 20.94 15.25
C23 677 N . -1.76 21.11 16.23
C22 677 N . -1.56 22.01 17.29
C19 677 N . 0.52 21.71 15.41
C20 677 N . 0.67 22.58 16.50
C21 677 N . -0.36 22.75 17.45
S24 677 N . -0.15 23.77 18.72
O26 677 N . -1.33 24.58 18.86
O25 677 N . -0.06 22.93 19.89
C27 677 N . 1.22 24.68 18.58
C1 NAG O . -8.73 1.61 -44.85
C2 NAG O . -8.01 1.77 -46.20
C3 NAG O . -6.52 2.07 -46.02
C4 NAG O . -6.29 3.12 -44.93
C5 NAG O . -6.94 2.70 -43.59
C6 NAG O . -7.65 3.87 -42.91
C7 NAG O . -8.06 0.49 -48.33
C8 NAG O . -9.26 0.70 -49.21
N2 NAG O . -8.24 0.57 -47.00
O3 NAG O . -5.96 2.53 -47.24
O4 NAG O . -4.91 3.32 -44.75
O5 NAG O . -7.82 1.60 -43.75
O6 NAG O . -8.22 3.42 -41.70
O7 NAG O . -6.95 0.24 -48.83
C1 NAG P . -25.13 1.73 -22.83
C2 NAG P . -26.59 1.78 -23.27
C3 NAG P . -26.97 3.07 -24.03
C4 NAG P . -26.43 4.32 -23.32
C5 NAG P . -24.96 4.11 -22.93
C6 NAG P . -24.36 5.33 -22.20
C7 NAG P . -27.81 -0.30 -23.64
C8 NAG P . -28.01 -1.50 -24.53
N2 NAG P . -26.92 0.60 -24.06
O3 NAG P . -28.37 3.18 -24.13
O4 NAG P . -26.64 5.47 -24.12
O5 NAG P . -24.82 2.93 -22.14
O6 NAG P . -24.82 5.40 -20.87
O7 NAG P . -28.43 -0.20 -22.58
C1 NAG Q . -3.23 -38.09 -2.09
C2 NAG Q . -2.97 -39.59 -1.88
C3 NAG Q . -3.13 -39.93 -0.39
C4 NAG Q . -2.13 -39.10 0.43
C5 NAG Q . -2.37 -37.61 0.15
C6 NAG Q . -1.30 -36.74 0.81
C7 NAG Q . -3.39 -41.15 -3.75
C8 NAG Q . -4.44 -41.69 -4.70
N2 NAG Q . -3.85 -40.39 -2.74
O3 NAG Q . -2.95 -41.31 -0.15
O4 NAG Q . -2.15 -39.41 1.82
O5 NAG Q . -2.34 -37.36 -1.26
O6 NAG Q . -0.03 -37.05 0.27
O7 NAG Q . -2.21 -41.44 -3.94
F27 677 R . 2.85 -16.52 -7.70
C6 677 R . 2.22 -17.05 -8.75
C1 677 R . 1.46 -16.24 -9.60
C2 677 R . 0.81 -16.82 -10.69
F22 677 R . 0.07 -16.04 -11.52
C5 677 R . 2.34 -18.41 -8.99
F21 677 R . 3.07 -19.16 -8.15
C4 677 R . 1.70 -19.00 -10.07
C3 677 R . 0.93 -18.20 -10.93
C9 677 R . 0.23 -18.82 -12.10
C10 677 R . 1.14 -19.69 -12.98
C14 677 R . -1.01 -19.58 -11.57
N23 677 R . -1.85 -18.70 -10.76
C13 677 R . -1.87 -20.09 -12.74
N12 677 R . -1.03 -20.72 -13.78
C11 677 R . 0.28 -20.56 -13.90
N18 677 R . 0.74 -21.28 -14.96
C29 677 R . -1.48 -21.55 -14.74
C23 677 R . -2.72 -22.09 -15.11
C22 677 R . -2.81 -22.97 -16.22
C19 677 R . -0.31 -21.93 -15.52
C20 677 R . -0.42 -22.78 -16.62
C21 677 R . -1.68 -23.33 -16.98
S24 677 R . -1.81 -24.32 -18.27
O26 677 R . -2.63 -25.45 -17.97
O25 677 R . -2.48 -23.56 -19.29
C27 677 R . -0.36 -24.76 -18.90
#